data_6F3Q
#
_entry.id   6F3Q
#
_cell.length_a   170.492
_cell.length_b   99.442
_cell.length_c   111.714
_cell.angle_alpha   90.00
_cell.angle_beta   101.93
_cell.angle_gamma   90.00
#
_symmetry.space_group_name_H-M   'C 1 2 1'
#
loop_
_entity.id
_entity.type
_entity.pdbx_description
1 polymer Adenosylhomocysteinase
2 non-polymer 'RUBIDIUM ION'
3 non-polymer 'PHOSPHATE ION'
4 non-polymer NICOTINAMIDE-ADENINE-DINUCLEOTIDE
5 non-polymer ADENINE
6 non-polymer DI(HYDROXYETHYL)ETHER
7 non-polymer GLYCEROL
8 water water
#
_entity_poly.entity_id   1
_entity_poly.type   'polypeptide(L)'
_entity_poly.pdbx_seq_one_letter_code
;SNAMSAVMTPAGFTDYKVADITLAAWGRRELIIAESEMPALMGLRRKYAGQQPLKGAKILGCIHMTIQTGVLIETLVALG
AEVRWSSCNIFSTQDQAAAAIAAAGIPVFAWKGETEEEYEWCIEQTILKDGQPWDANMVLDDGGDLTEILHKKYPQMLER
IHGITEETTTGVHRLLDMLKNGTLKVPAINVNDSVTKSKNDNKYGCRHSLNDAIKRGTDHLLSGKQALVIGYGDVGKGSS
QSLRQEGMIVKVAEVDPICAMQACMDGFEVVSPYKNGINDGTEASIDAALLGKIDLIVTTTGNVNVCDANMLKALKKRAV
VCNIGHFDNEIDTAFMRKNWAWEEVKPQVHKIHRTGKDGFDAHNDDYLILLAEGRLVNLGNATGHPSRIMDGSFANQVLA
QIHLFEQKYADLPAAEKAKRLSVEVLPKKLDEEVALEMVKGFGGVVTQLTPKQAEYIGVSVEGPFKPDTYRY
;
_entity_poly.pdbx_strand_id   A,B,C,D
#
loop_
_chem_comp.id
_chem_comp.type
_chem_comp.name
_chem_comp.formula
ADE non-polymer ADENINE 'C5 H5 N5'
GOL non-polymer GLYCEROL 'C3 H8 O3'
NAD non-polymer NICOTINAMIDE-ADENINE-DINUCLEOTIDE 'C21 H27 N7 O14 P2'
PEG non-polymer DI(HYDROXYETHYL)ETHER 'C4 H10 O3'
PO4 non-polymer 'PHOSPHATE ION' 'O4 P -3'
RB non-polymer 'RUBIDIUM ION' 'Rb 1'
#
# COMPACT_ATOMS: atom_id res chain seq x y z
N PHE A 13 31.74 41.04 10.93
CA PHE A 13 31.64 39.63 11.53
C PHE A 13 32.47 38.60 10.76
N THR A 14 33.35 37.94 11.47
CA THR A 14 34.26 36.97 10.82
C THR A 14 34.37 35.63 11.58
N ASP A 15 33.60 35.44 12.68
CA ASP A 15 33.79 34.29 13.59
C ASP A 15 32.97 33.08 13.10
N TYR A 16 33.39 32.52 11.97
CA TYR A 16 32.68 31.46 11.31
C TYR A 16 33.62 30.84 10.26
N LYS A 17 33.25 29.65 9.77
N LYS A 17 33.25 29.65 9.77
CA LYS A 17 33.92 29.10 8.59
CA LYS A 17 33.92 29.10 8.59
C LYS A 17 32.91 28.23 7.87
C LYS A 17 32.91 28.23 7.87
N VAL A 18 32.60 28.62 6.64
CA VAL A 18 31.65 27.94 5.77
C VAL A 18 32.25 27.85 4.36
N ALA A 19 31.61 27.05 3.50
CA ALA A 19 32.14 26.86 2.15
C ALA A 19 32.12 28.12 1.33
N ASP A 20 31.04 28.88 1.41
CA ASP A 20 30.84 30.01 0.48
C ASP A 20 29.72 30.90 1.03
N ILE A 21 30.14 32.02 1.61
CA ILE A 21 29.25 32.95 2.20
C ILE A 21 28.24 33.54 1.20
N THR A 22 28.56 33.54 -0.10
CA THR A 22 27.66 34.11 -1.09
C THR A 22 26.41 33.28 -1.30
N LEU A 23 26.36 32.06 -0.73
CA LEU A 23 25.16 31.24 -0.77
C LEU A 23 24.09 31.71 0.22
N ALA A 24 24.40 32.73 1.02
CA ALA A 24 23.52 33.13 2.12
C ALA A 24 22.11 33.52 1.66
N ALA A 25 22.00 34.27 0.55
CA ALA A 25 20.63 34.71 0.16
C ALA A 25 19.76 33.53 -0.23
N TRP A 26 20.32 32.56 -0.91
CA TRP A 26 19.65 31.30 -1.24
C TRP A 26 19.20 30.59 0.05
N GLY A 27 20.14 30.47 0.98
CA GLY A 27 19.78 29.86 2.24
C GLY A 27 18.63 30.54 2.95
N ARG A 28 18.68 31.87 2.95
CA ARG A 28 17.60 32.63 3.58
C ARG A 28 16.28 32.38 2.90
N ARG A 29 16.26 32.35 1.56
CA ARG A 29 15.00 31.98 0.87
C ARG A 29 14.45 30.65 1.35
N GLU A 30 15.33 29.68 1.48
CA GLU A 30 14.90 28.36 1.94
C GLU A 30 14.50 28.33 3.41
N LEU A 31 15.16 29.13 4.26
CA LEU A 31 14.73 29.28 5.65
C LEU A 31 13.33 29.83 5.77
N ILE A 32 13.03 30.84 4.95
CA ILE A 32 11.69 31.43 4.99
C ILE A 32 10.61 30.39 4.60
N ILE A 33 10.89 29.58 3.60
CA ILE A 33 9.98 28.47 3.27
C ILE A 33 9.88 27.46 4.44
N ALA A 34 11.05 27.13 5.01
CA ALA A 34 11.06 26.15 6.11
C ALA A 34 10.27 26.60 7.32
N GLU A 35 10.32 27.88 7.63
CA GLU A 35 9.54 28.39 8.75
C GLU A 35 8.05 28.06 8.54
N SER A 36 7.58 28.17 7.30
CA SER A 36 6.19 27.86 7.01
C SER A 36 5.81 26.37 7.12
N GLU A 37 6.82 25.53 7.09
CA GLU A 37 6.68 24.08 7.27
C GLU A 37 6.93 23.60 8.71
N MET A 38 7.21 24.51 9.64
CA MET A 38 7.63 24.12 10.99
C MET A 38 6.76 24.82 12.04
N PRO A 39 5.46 24.52 12.07
CA PRO A 39 4.59 25.26 12.96
C PRO A 39 4.84 25.07 14.46
N ALA A 40 5.28 23.88 14.88
CA ALA A 40 5.55 23.71 16.31
C ALA A 40 6.72 24.57 16.75
N LEU A 41 7.78 24.52 15.96
CA LEU A 41 8.98 25.27 16.32
C LEU A 41 8.69 26.79 16.23
N MET A 42 8.01 27.22 15.16
CA MET A 42 7.65 28.64 15.04
CA MET A 42 7.67 28.64 15.05
C MET A 42 6.65 29.06 16.10
N GLY A 43 5.78 28.15 16.52
CA GLY A 43 4.84 28.43 17.61
C GLY A 43 5.60 28.71 18.90
N LEU A 44 6.68 27.99 19.14
CA LEU A 44 7.48 28.22 20.35
C LEU A 44 8.22 29.55 20.26
N ARG A 45 8.69 29.91 19.06
CA ARG A 45 9.38 31.17 18.86
C ARG A 45 8.40 32.29 19.20
N ARG A 46 7.14 32.17 18.75
CA ARG A 46 6.15 33.20 19.03
CA ARG A 46 6.15 33.20 19.03
C ARG A 46 5.73 33.24 20.49
N LYS A 47 5.54 32.07 21.09
CA LYS A 47 5.11 31.99 22.49
C LYS A 47 6.10 32.57 23.49
N TYR A 48 7.35 32.27 23.27
CA TYR A 48 8.41 32.55 24.24
C TYR A 48 9.27 33.75 23.89
N ALA A 49 9.01 34.44 22.78
CA ALA A 49 9.86 35.58 22.44
C ALA A 49 9.84 36.66 23.53
N GLY A 50 8.68 36.94 24.09
CA GLY A 50 8.58 37.99 25.10
C GLY A 50 9.35 37.66 26.36
N GLN A 51 9.23 36.43 26.81
N GLN A 51 9.23 36.43 26.81
CA GLN A 51 9.80 36.02 28.07
CA GLN A 51 9.79 36.03 28.07
C GLN A 51 11.31 35.82 27.98
C GLN A 51 11.31 35.82 27.98
N GLN A 52 11.85 35.54 26.79
CA GLN A 52 13.29 35.32 26.62
C GLN A 52 13.83 34.26 27.61
N PRO A 53 13.27 33.05 27.55
CA PRO A 53 13.65 32.04 28.56
C PRO A 53 15.09 31.55 28.43
N LEU A 54 15.73 31.79 27.29
CA LEU A 54 17.13 31.42 27.11
C LEU A 54 18.09 32.61 27.16
N LYS A 55 17.63 33.73 27.72
CA LYS A 55 18.55 34.83 27.98
C LYS A 55 19.65 34.37 28.94
N GLY A 56 20.89 34.54 28.51
CA GLY A 56 22.06 34.09 29.26
C GLY A 56 22.55 32.69 28.90
N ALA A 57 21.75 31.95 28.13
CA ALA A 57 22.20 30.63 27.68
C ALA A 57 23.27 30.78 26.60
N LYS A 58 24.28 29.93 26.68
CA LYS A 58 25.41 29.93 25.75
C LYS A 58 25.59 28.47 25.35
N ILE A 59 25.03 28.15 24.17
CA ILE A 59 24.81 26.78 23.74
C ILE A 59 25.87 26.34 22.72
N LEU A 60 26.61 25.28 23.07
CA LEU A 60 27.41 24.55 22.12
C LEU A 60 26.52 23.59 21.37
N GLY A 61 26.39 23.75 20.05
CA GLY A 61 25.55 22.87 19.24
C GLY A 61 26.35 22.08 18.25
N CYS A 62 26.05 20.78 18.14
CA CYS A 62 26.67 19.90 17.17
C CYS A 62 25.58 19.02 16.56
N ILE A 63 25.09 19.46 15.39
CA ILE A 63 24.06 18.71 14.69
C ILE A 63 24.08 19.20 13.25
N HIS A 64 23.88 18.25 12.33
CA HIS A 64 23.78 18.44 10.88
C HIS A 64 23.37 19.86 10.52
N MET A 65 24.23 20.57 9.80
CA MET A 65 23.97 22.01 9.50
C MET A 65 23.12 22.15 8.26
N THR A 66 21.85 21.79 8.41
CA THR A 66 20.84 21.86 7.37
C THR A 66 19.97 23.09 7.49
N ILE A 67 19.09 23.30 6.50
CA ILE A 67 18.10 24.35 6.60
C ILE A 67 17.22 24.16 7.86
N GLN A 68 16.88 22.90 8.19
CA GLN A 68 16.04 22.63 9.35
C GLN A 68 16.77 23.06 10.65
N THR A 69 18.03 22.70 10.74
CA THR A 69 18.85 23.14 11.86
C THR A 69 18.94 24.65 11.94
N GLY A 70 18.98 25.30 10.77
CA GLY A 70 18.97 26.75 10.79
C GLY A 70 17.76 27.36 11.47
N VAL A 71 16.59 26.77 11.24
CA VAL A 71 15.37 27.26 11.92
C VAL A 71 15.46 27.01 13.43
N LEU A 72 16.01 25.84 13.81
CA LEU A 72 16.27 25.57 15.22
C LEU A 72 17.23 26.61 15.85
N ILE A 73 18.35 26.87 15.20
CA ILE A 73 19.32 27.84 15.69
C ILE A 73 18.69 29.21 15.87
N GLU A 74 17.95 29.66 14.86
CA GLU A 74 17.38 30.98 14.94
C GLU A 74 16.27 31.07 15.97
N THR A 75 15.61 29.94 16.28
CA THR A 75 14.63 29.91 17.39
C THR A 75 15.34 30.06 18.72
N LEU A 76 16.41 29.28 18.93
CA LEU A 76 17.15 29.42 20.18
C LEU A 76 17.63 30.89 20.37
N VAL A 77 18.18 31.47 19.32
CA VAL A 77 18.63 32.87 19.38
C VAL A 77 17.48 33.86 19.64
N ALA A 78 16.35 33.61 19.00
CA ALA A 78 15.18 34.45 19.19
C ALA A 78 14.65 34.41 20.61
N LEU A 79 14.93 33.32 21.33
CA LEU A 79 14.52 33.15 22.71
C LEU A 79 15.60 33.60 23.73
N GLY A 80 16.69 34.14 23.20
CA GLY A 80 17.73 34.81 24.01
C GLY A 80 19.10 34.18 24.03
N ALA A 81 19.21 32.98 23.45
CA ALA A 81 20.50 32.24 23.50
C ALA A 81 21.54 32.86 22.57
N GLU A 82 22.80 32.64 22.93
CA GLU A 82 23.91 32.70 22.02
C GLU A 82 24.32 31.28 21.76
N VAL A 83 24.85 31.03 20.53
CA VAL A 83 25.30 29.70 20.18
C VAL A 83 26.61 29.73 19.47
N ARG A 84 27.27 28.56 19.45
CA ARG A 84 28.42 28.31 18.55
C ARG A 84 28.19 26.91 18.01
N TRP A 85 28.22 26.78 16.67
CA TRP A 85 27.65 25.61 16.01
C TRP A 85 28.61 24.87 15.11
N SER A 86 28.44 23.56 15.06
CA SER A 86 29.12 22.70 14.08
C SER A 86 28.18 21.59 13.63
N SER A 87 28.54 20.90 12.56
CA SER A 87 27.80 19.73 12.09
C SER A 87 28.30 18.47 12.81
N CYS A 88 27.42 17.47 12.93
CA CYS A 88 27.80 16.16 13.48
C CYS A 88 28.08 15.12 12.41
N ASN A 89 28.26 15.55 11.15
CA ASN A 89 28.71 14.61 10.11
C ASN A 89 29.42 15.38 9.01
N ILE A 90 30.43 14.76 8.44
CA ILE A 90 31.24 15.42 7.39
C ILE A 90 30.51 15.73 6.07
N PHE A 91 29.39 15.04 5.81
CA PHE A 91 28.64 15.18 4.55
C PHE A 91 27.26 15.77 4.71
N SER A 92 26.84 16.10 5.91
CA SER A 92 25.44 16.46 6.11
C SER A 92 25.08 17.93 5.97
N THR A 93 26.08 18.81 6.05
CA THR A 93 25.79 20.23 5.93
C THR A 93 25.22 20.58 4.57
N GLN A 94 24.24 21.52 4.58
CA GLN A 94 23.79 22.18 3.35
C GLN A 94 24.49 23.54 3.36
N ASP A 95 25.39 23.73 2.38
CA ASP A 95 26.23 24.92 2.43
C ASP A 95 25.44 26.25 2.43
N GLN A 96 24.28 26.27 1.78
CA GLN A 96 23.46 27.47 1.78
C GLN A 96 22.89 27.77 3.18
N ALA A 97 22.57 26.72 3.94
CA ALA A 97 22.15 26.92 5.30
C ALA A 97 23.23 27.48 6.20
N ALA A 98 24.42 26.89 6.10
CA ALA A 98 25.54 27.35 6.90
C ALA A 98 25.81 28.82 6.57
N ALA A 99 25.78 29.15 5.26
CA ALA A 99 26.02 30.53 4.87
C ALA A 99 24.99 31.51 5.43
N ALA A 100 23.73 31.12 5.41
CA ALA A 100 22.70 32.02 5.93
C ALA A 100 22.89 32.28 7.42
N ILE A 101 23.28 31.25 8.15
CA ILE A 101 23.50 31.38 9.60
C ILE A 101 24.72 32.27 9.88
N ALA A 102 25.82 32.04 9.17
CA ALA A 102 27.00 32.92 9.33
C ALA A 102 26.66 34.36 8.98
N ALA A 103 25.88 34.55 7.91
CA ALA A 103 25.50 35.91 7.51
C ALA A 103 24.62 36.62 8.52
N ALA A 104 23.93 35.85 9.36
CA ALA A 104 23.15 36.39 10.45
C ALA A 104 23.96 36.73 11.68
N GLY A 105 25.27 36.55 11.61
CA GLY A 105 26.13 36.90 12.72
C GLY A 105 26.26 35.80 13.79
N ILE A 106 26.02 34.55 13.39
CA ILE A 106 26.05 33.45 14.31
C ILE A 106 27.29 32.59 14.02
N PRO A 107 28.09 32.27 15.06
CA PRO A 107 29.26 31.42 14.78
C PRO A 107 28.89 30.01 14.38
N VAL A 108 29.32 29.63 13.18
CA VAL A 108 29.07 28.32 12.62
C VAL A 108 30.31 27.88 11.88
N PHE A 109 30.68 26.62 12.05
CA PHE A 109 31.87 26.01 11.46
C PHE A 109 31.43 24.71 10.84
N ALA A 110 31.10 24.78 9.53
CA ALA A 110 30.49 23.63 8.87
C ALA A 110 30.48 23.77 7.39
N TRP A 111 30.81 22.69 6.68
CA TRP A 111 30.65 22.61 5.22
C TRP A 111 30.46 21.15 4.81
N LYS A 112 29.83 20.95 3.65
CA LYS A 112 29.65 19.65 3.08
C LYS A 112 30.99 19.15 2.54
N GLY A 113 31.38 17.94 2.92
CA GLY A 113 32.62 17.36 2.42
C GLY A 113 33.86 17.68 3.25
N GLU A 114 33.69 17.81 4.57
CA GLU A 114 34.82 17.96 5.47
C GLU A 114 35.67 16.71 5.48
N THR A 115 36.98 16.91 5.71
CA THR A 115 37.81 15.80 6.12
C THR A 115 37.59 15.49 7.61
N GLU A 116 38.11 14.37 8.10
CA GLU A 116 37.93 14.06 9.55
C GLU A 116 38.71 15.09 10.38
N GLU A 117 39.86 15.56 9.90
CA GLU A 117 40.59 16.59 10.64
C GLU A 117 39.80 17.90 10.69
N GLU A 118 39.20 18.27 9.57
CA GLU A 118 38.34 19.47 9.56
C GLU A 118 37.14 19.34 10.45
N TYR A 119 36.56 18.15 10.48
CA TYR A 119 35.42 17.85 11.40
C TYR A 119 35.75 18.15 12.86
N GLU A 120 36.92 17.65 13.29
CA GLU A 120 37.36 17.86 14.66
C GLU A 120 37.67 19.33 14.91
N TRP A 121 38.31 19.96 13.93
CA TRP A 121 38.62 21.39 14.03
C TRP A 121 37.36 22.24 14.21
N CYS A 122 36.31 21.88 13.46
CA CYS A 122 35.06 22.64 13.56
C CYS A 122 34.42 22.53 14.96
N ILE A 123 34.43 21.33 15.53
CA ILE A 123 33.92 21.18 16.89
C ILE A 123 34.77 22.02 17.86
N GLU A 124 36.06 21.98 17.70
CA GLU A 124 36.96 22.77 18.55
C GLU A 124 36.72 24.26 18.42
N GLN A 125 36.34 24.73 17.24
CA GLN A 125 36.03 26.16 17.09
C GLN A 125 34.78 26.57 17.81
N THR A 126 33.87 25.63 18.07
CA THR A 126 32.72 25.95 18.89
C THR A 126 33.13 26.07 20.36
N ILE A 127 33.98 25.13 20.79
CA ILE A 127 34.41 25.04 22.19
C ILE A 127 35.27 26.24 22.61
N LEU A 128 36.14 26.66 21.71
CA LEU A 128 37.08 27.75 21.99
C LEU A 128 36.60 29.01 21.29
N LYS A 129 36.66 30.13 21.99
CA LYS A 129 36.51 31.44 21.37
C LYS A 129 37.76 32.23 21.66
N ASP A 130 38.36 32.75 20.59
CA ASP A 130 39.62 33.53 20.69
C ASP A 130 40.69 32.75 21.42
N GLY A 131 40.72 31.45 21.17
CA GLY A 131 41.79 30.58 21.65
C GLY A 131 41.66 30.04 23.07
N GLN A 132 40.56 30.34 23.74
CA GLN A 132 40.34 29.92 25.13
C GLN A 132 38.87 29.39 25.22
N PRO A 133 38.58 28.55 26.24
CA PRO A 133 37.25 28.04 26.39
C PRO A 133 36.18 29.13 26.39
N TRP A 134 35.15 28.92 25.56
CA TRP A 134 34.02 29.80 25.59
C TRP A 134 33.31 29.60 26.93
N ASP A 135 32.54 30.60 27.36
CA ASP A 135 31.71 30.49 28.56
C ASP A 135 30.39 29.78 28.26
N ALA A 136 30.52 28.57 27.73
CA ALA A 136 29.36 27.73 27.46
C ALA A 136 28.65 27.35 28.73
N ASN A 137 27.34 27.22 28.65
CA ASN A 137 26.58 26.68 29.77
C ASN A 137 25.48 25.68 29.36
N MET A 138 25.40 25.30 28.09
CA MET A 138 24.45 24.32 27.60
C MET A 138 25.08 23.61 26.42
N VAL A 139 24.60 22.39 26.14
CA VAL A 139 25.07 21.57 25.04
C VAL A 139 23.83 20.99 24.33
N LEU A 140 23.86 21.05 23.00
CA LEU A 140 22.87 20.44 22.13
C LEU A 140 23.68 19.53 21.19
N ASP A 141 23.40 18.23 21.21
CA ASP A 141 24.26 17.27 20.52
C ASP A 141 23.39 16.27 19.77
N ASP A 142 23.95 15.72 18.71
CA ASP A 142 23.36 14.65 17.88
C ASP A 142 24.45 13.63 17.63
N GLY A 143 24.43 12.58 18.44
CA GLY A 143 25.34 11.47 18.31
C GLY A 143 26.42 11.33 19.34
N GLY A 144 26.63 12.36 20.13
CA GLY A 144 27.55 12.33 21.25
C GLY A 144 29.01 12.72 21.01
N ASP A 145 29.36 13.14 19.81
CA ASP A 145 30.79 13.44 19.59
C ASP A 145 31.25 14.67 20.38
N LEU A 146 30.43 15.72 20.39
CA LEU A 146 30.74 16.90 21.17
C LEU A 146 30.79 16.57 22.67
N THR A 147 29.80 15.79 23.09
CA THR A 147 29.67 15.39 24.48
C THR A 147 30.95 14.63 24.93
N GLU A 148 31.42 13.75 24.06
CA GLU A 148 32.60 12.96 24.39
C GLU A 148 33.84 13.86 24.50
N ILE A 149 34.00 14.78 23.55
CA ILE A 149 35.15 15.68 23.59
C ILE A 149 35.15 16.53 24.86
N LEU A 150 34.00 17.06 25.24
CA LEU A 150 33.92 17.87 26.47
C LEU A 150 34.33 17.02 27.69
N HIS A 151 33.81 15.80 27.79
CA HIS A 151 34.15 14.96 28.94
C HIS A 151 35.62 14.54 28.95
N LYS A 152 36.20 14.24 27.79
CA LYS A 152 37.56 13.75 27.75
C LYS A 152 38.60 14.90 27.83
N LYS A 153 38.31 16.02 27.20
CA LYS A 153 39.36 17.03 26.99
C LYS A 153 39.06 18.37 27.74
N TYR A 154 37.79 18.64 28.06
CA TYR A 154 37.39 19.88 28.65
C TYR A 154 36.53 19.72 29.90
N PRO A 155 36.94 18.85 30.84
CA PRO A 155 36.10 18.66 32.03
C PRO A 155 35.82 19.96 32.81
N GLN A 156 36.78 20.91 32.84
CA GLN A 156 36.51 22.18 33.53
C GLN A 156 35.32 22.94 32.94
N MET A 157 35.13 22.82 31.64
CA MET A 157 33.98 23.48 31.00
C MET A 157 32.67 22.88 31.48
N LEU A 158 32.65 21.54 31.69
CA LEU A 158 31.43 20.88 32.14
C LEU A 158 30.97 21.31 33.51
N GLU A 159 31.90 21.80 34.35
CA GLU A 159 31.51 22.28 35.66
C GLU A 159 30.45 23.39 35.60
N ARG A 160 30.52 24.19 34.52
CA ARG A 160 29.64 25.37 34.37
C ARG A 160 28.48 25.14 33.37
N ILE A 161 28.30 23.91 32.92
CA ILE A 161 27.26 23.55 31.98
C ILE A 161 26.09 22.93 32.76
N HIS A 162 24.88 23.40 32.41
CA HIS A 162 23.67 22.99 33.12
C HIS A 162 23.08 21.72 32.57
N GLY A 163 23.40 21.36 31.36
CA GLY A 163 22.78 20.18 30.75
C GLY A 163 23.13 19.94 29.32
N ILE A 164 22.81 18.74 28.86
CA ILE A 164 22.94 18.29 27.47
C ILE A 164 21.57 17.87 26.96
N THR A 165 21.21 18.31 25.75
CA THR A 165 20.00 17.80 25.09
C THR A 165 20.45 17.01 23.87
N GLU A 166 20.20 15.71 23.93
CA GLU A 166 20.71 14.76 22.96
C GLU A 166 19.61 14.29 21.99
N GLU A 167 19.92 14.45 20.71
CA GLU A 167 18.98 14.20 19.63
C GLU A 167 18.67 12.75 19.31
N THR A 168 19.70 11.88 19.27
CA THR A 168 19.53 10.63 18.50
C THR A 168 19.85 9.38 19.32
N THR A 169 19.33 8.26 18.83
CA THR A 169 19.40 7.00 19.55
C THR A 169 20.86 6.65 19.95
N THR A 170 21.78 6.76 18.98
CA THR A 170 23.19 6.46 19.33
C THR A 170 23.76 7.36 20.44
N GLY A 171 23.44 8.66 20.35
CA GLY A 171 23.92 9.57 21.41
C GLY A 171 23.36 9.25 22.76
N VAL A 172 22.09 8.88 22.82
CA VAL A 172 21.49 8.48 24.09
C VAL A 172 22.15 7.23 24.65
N HIS A 173 22.46 6.27 23.81
CA HIS A 173 23.16 5.09 24.29
C HIS A 173 24.48 5.49 24.95
N ARG A 174 25.21 6.40 24.30
CA ARG A 174 26.46 6.85 24.84
C ARG A 174 26.30 7.53 26.18
N LEU A 175 25.27 8.37 26.33
CA LEU A 175 24.99 9.01 27.61
C LEU A 175 24.66 8.02 28.69
N LEU A 176 23.84 7.03 28.36
CA LEU A 176 23.43 6.02 29.35
C LEU A 176 24.62 5.17 29.80
N ASP A 177 25.56 4.95 28.90
CA ASP A 177 26.81 4.25 29.24
C ASP A 177 27.64 5.10 30.21
N MET A 178 27.73 6.41 29.94
CA MET A 178 28.45 7.27 30.89
C MET A 178 27.78 7.24 32.27
N LEU A 179 26.46 7.33 32.28
CA LEU A 179 25.75 7.35 33.54
C LEU A 179 25.97 6.05 34.33
N LYS A 180 25.91 4.92 33.64
CA LYS A 180 26.12 3.63 34.26
C LYS A 180 27.53 3.54 34.86
N ASN A 181 28.51 4.13 34.16
CA ASN A 181 29.89 4.12 34.62
C ASN A 181 30.25 5.18 35.63
N GLY A 182 29.33 6.09 35.90
CA GLY A 182 29.60 7.21 36.82
C GLY A 182 30.47 8.31 36.20
N THR A 183 30.54 8.39 34.87
CA THR A 183 31.37 9.40 34.22
C THR A 183 30.60 10.57 33.62
N LEU A 184 29.28 10.51 33.62
CA LEU A 184 28.48 11.65 33.11
C LEU A 184 28.55 12.77 34.10
N LYS A 185 28.87 13.97 33.60
CA LYS A 185 29.12 15.09 34.48
C LYS A 185 27.95 16.07 34.64
N VAL A 186 27.00 16.05 33.72
CA VAL A 186 25.88 16.97 33.73
C VAL A 186 24.64 16.19 33.31
N PRO A 187 23.45 16.65 33.75
CA PRO A 187 22.26 15.93 33.37
C PRO A 187 21.91 16.11 31.91
N ALA A 188 21.10 15.20 31.40
CA ALA A 188 20.70 15.22 30.02
C ALA A 188 19.24 15.00 29.85
N ILE A 189 18.71 15.55 28.75
CA ILE A 189 17.40 15.13 28.26
CA ILE A 189 17.40 15.13 28.26
C ILE A 189 17.60 14.33 27.00
N ASN A 190 17.00 13.14 27.01
CA ASN A 190 16.88 12.24 25.89
C ASN A 190 15.74 12.79 25.03
N VAL A 191 16.08 13.61 24.03
CA VAL A 191 15.09 14.17 23.14
C VAL A 191 14.60 13.09 22.19
N ASN A 192 15.48 12.13 21.86
CA ASN A 192 15.09 11.05 20.92
C ASN A 192 13.77 10.39 21.30
N ASP A 193 13.58 10.13 22.59
CA ASP A 193 12.44 9.35 23.05
C ASP A 193 11.15 10.11 23.35
N SER A 194 11.06 11.37 22.95
CA SER A 194 9.73 11.92 22.76
C SER A 194 9.04 11.13 21.65
N VAL A 195 7.72 10.91 21.76
CA VAL A 195 7.03 10.24 20.66
C VAL A 195 7.08 11.04 19.36
N THR A 196 6.96 12.38 19.53
CA THR A 196 7.04 13.30 18.41
C THR A 196 8.47 13.46 17.88
N LYS A 197 9.43 12.70 18.43
CA LYS A 197 10.77 12.55 17.84
C LYS A 197 10.94 11.14 17.30
N SER A 198 11.14 10.17 18.19
CA SER A 198 11.40 8.78 17.79
C SER A 198 10.41 8.22 16.80
N LYS A 199 9.11 8.43 17.02
N LYS A 199 9.10 8.42 17.01
CA LYS A 199 8.09 7.80 16.18
CA LYS A 199 8.09 7.80 16.18
C LYS A 199 7.59 8.73 15.08
C LYS A 199 7.59 8.73 15.08
N ASN A 200 8.38 9.78 14.82
CA ASN A 200 8.15 10.77 13.79
C ASN A 200 9.40 10.85 12.89
N ASP A 201 10.43 11.50 13.39
CA ASP A 201 11.74 11.65 12.73
C ASP A 201 12.35 10.30 12.38
N ASN A 202 12.54 9.42 13.37
CA ASN A 202 13.35 8.25 13.09
C ASN A 202 12.68 7.36 12.05
N LYS A 203 11.36 7.25 12.15
CA LYS A 203 10.58 6.39 11.29
C LYS A 203 10.14 7.09 9.99
N TYR A 204 9.27 8.11 10.09
CA TYR A 204 8.75 8.77 8.89
C TYR A 204 9.79 9.59 8.17
N GLY A 205 10.76 10.11 8.91
CA GLY A 205 11.82 10.88 8.24
C GLY A 205 12.61 10.00 7.29
N CYS A 206 12.96 8.79 7.75
CA CYS A 206 13.68 7.84 6.90
C CYS A 206 12.78 7.30 5.76
N ARG A 207 11.47 7.18 6.03
CA ARG A 207 10.55 6.80 4.98
C ARG A 207 10.63 7.82 3.80
N HIS A 208 10.64 9.11 4.15
CA HIS A 208 10.77 10.16 3.13
C HIS A 208 12.14 10.16 2.44
N SER A 209 13.18 10.11 3.26
CA SER A 209 14.52 10.50 2.80
C SER A 209 15.45 9.38 2.29
N LEU A 210 15.13 8.13 2.63
CA LEU A 210 15.97 7.04 2.14
C LEU A 210 15.84 6.85 0.64
N ASN A 211 14.61 6.63 0.17
CA ASN A 211 14.41 6.48 -1.28
C ASN A 211 14.86 7.72 -2.04
N ASP A 212 14.70 8.88 -1.40
CA ASP A 212 15.13 10.16 -1.99
C ASP A 212 16.64 10.11 -2.27
N ALA A 213 17.41 9.76 -1.26
CA ALA A 213 18.84 9.74 -1.40
C ALA A 213 19.33 8.71 -2.40
N ILE A 214 18.70 7.54 -2.41
CA ILE A 214 19.11 6.52 -3.37
C ILE A 214 18.81 7.00 -4.81
N LYS A 215 17.66 7.60 -5.02
CA LYS A 215 17.36 8.17 -6.35
C LYS A 215 18.33 9.25 -6.73
N ARG A 216 18.65 10.17 -5.81
CA ARG A 216 19.55 11.25 -6.22
C ARG A 216 20.94 10.70 -6.56
N GLY A 217 21.40 9.69 -5.81
CA GLY A 217 22.76 9.17 -6.07
C GLY A 217 22.89 8.33 -7.29
N THR A 218 21.88 7.48 -7.53
CA THR A 218 21.96 6.45 -8.60
C THR A 218 20.94 6.60 -9.72
N ASP A 219 19.80 7.26 -9.43
CA ASP A 219 18.63 7.23 -10.30
C ASP A 219 18.19 5.83 -10.68
N HIS A 220 18.45 4.85 -9.81
CA HIS A 220 17.98 3.52 -10.08
C HIS A 220 16.50 3.35 -9.86
N LEU A 221 15.88 2.62 -10.80
CA LEU A 221 14.56 2.08 -10.49
C LEU A 221 14.66 1.18 -9.28
N LEU A 222 13.71 1.32 -8.36
CA LEU A 222 13.62 0.45 -7.19
C LEU A 222 12.58 -0.62 -7.37
N SER A 223 11.45 -0.28 -8.04
CA SER A 223 10.34 -1.23 -8.20
C SER A 223 10.84 -2.55 -8.80
N GLY A 224 10.41 -3.66 -8.22
CA GLY A 224 10.69 -4.97 -8.78
C GLY A 224 12.02 -5.57 -8.36
N LYS A 225 12.84 -4.78 -7.69
CA LYS A 225 14.18 -5.20 -7.27
C LYS A 225 14.17 -5.69 -5.82
N GLN A 226 15.24 -6.41 -5.44
CA GLN A 226 15.33 -7.03 -4.11
C GLN A 226 16.20 -6.18 -3.16
N ALA A 227 15.67 -5.89 -1.98
CA ALA A 227 16.39 -5.17 -0.96
C ALA A 227 16.51 -6.00 0.32
N LEU A 228 17.61 -5.75 1.05
CA LEU A 228 17.78 -6.29 2.38
C LEU A 228 18.02 -5.12 3.33
N VAL A 229 17.13 -4.97 4.32
CA VAL A 229 17.26 -3.94 5.33
C VAL A 229 17.73 -4.63 6.59
N ILE A 230 18.90 -4.18 7.11
CA ILE A 230 19.45 -4.74 8.33
C ILE A 230 18.94 -3.84 9.48
N GLY A 231 18.07 -4.42 10.31
CA GLY A 231 17.42 -3.74 11.40
C GLY A 231 15.96 -3.36 11.13
N TYR A 232 15.20 -3.35 12.23
CA TYR A 232 13.77 -3.06 12.16
C TYR A 232 13.29 -2.33 13.41
N GLY A 233 14.18 -1.46 13.92
CA GLY A 233 13.79 -0.48 14.93
C GLY A 233 13.08 0.68 14.25
N ASP A 234 13.13 1.87 14.84
CA ASP A 234 12.38 2.97 14.18
C ASP A 234 12.91 3.33 12.79
N VAL A 235 14.22 3.40 12.68
CA VAL A 235 14.84 3.73 11.40
C VAL A 235 14.61 2.58 10.39
N GLY A 236 14.79 1.33 10.84
CA GLY A 236 14.55 0.22 9.94
C GLY A 236 13.11 0.06 9.50
N LYS A 237 12.16 0.36 10.40
CA LYS A 237 10.76 0.37 9.97
C LYS A 237 10.50 1.41 8.87
N GLY A 238 11.02 2.62 9.10
CA GLY A 238 10.78 3.68 8.12
C GLY A 238 11.51 3.40 6.79
N SER A 239 12.70 2.86 6.91
CA SER A 239 13.52 2.54 5.74
C SER A 239 12.85 1.42 4.90
N SER A 240 12.40 0.39 5.60
CA SER A 240 11.73 -0.69 4.91
C SER A 240 10.50 -0.17 4.13
N GLN A 241 9.71 0.71 4.81
CA GLN A 241 8.58 1.28 4.12
C GLN A 241 8.98 2.18 2.93
N SER A 242 10.06 2.93 3.10
CA SER A 242 10.56 3.78 2.02
C SER A 242 10.76 2.96 0.73
N LEU A 243 11.27 1.74 0.89
CA LEU A 243 11.60 0.88 -0.23
C LEU A 243 10.36 0.07 -0.69
N ARG A 244 9.59 -0.48 0.25
CA ARG A 244 8.42 -1.26 -0.14
C ARG A 244 7.37 -0.40 -0.84
N GLN A 245 7.22 0.85 -0.43
CA GLN A 245 6.22 1.70 -1.10
C GLN A 245 6.58 2.04 -2.54
N GLU A 246 7.86 1.91 -2.88
CA GLU A 246 8.36 2.07 -4.24
C GLU A 246 8.24 0.77 -5.07
N GLY A 247 7.79 -0.32 -4.42
CA GLY A 247 7.67 -1.60 -5.10
C GLY A 247 8.87 -2.54 -4.98
N MET A 248 9.81 -2.23 -4.08
CA MET A 248 10.87 -3.21 -3.83
C MET A 248 10.29 -4.43 -3.11
N ILE A 249 10.97 -5.55 -3.31
CA ILE A 249 10.73 -6.78 -2.56
C ILE A 249 11.76 -6.72 -1.43
N VAL A 250 11.28 -6.42 -0.23
CA VAL A 250 12.16 -6.14 0.90
C VAL A 250 12.18 -7.31 1.85
N LYS A 251 13.40 -7.71 2.21
CA LYS A 251 13.66 -8.67 3.28
C LYS A 251 14.31 -7.89 4.44
N VAL A 252 14.05 -8.38 5.66
CA VAL A 252 14.51 -7.70 6.86
C VAL A 252 15.31 -8.63 7.73
N ALA A 253 16.43 -8.15 8.26
CA ALA A 253 17.21 -8.87 9.26
C ALA A 253 17.08 -8.20 10.58
N GLU A 254 17.06 -8.98 11.65
CA GLU A 254 16.96 -8.47 13.02
C GLU A 254 17.61 -9.41 13.98
N VAL A 255 18.10 -8.85 15.09
CA VAL A 255 18.50 -9.65 16.26
C VAL A 255 17.41 -9.69 17.33
N ASP A 256 16.47 -8.74 17.29
CA ASP A 256 15.43 -8.63 18.31
C ASP A 256 14.16 -9.30 17.78
N PRO A 257 13.78 -10.42 18.38
CA PRO A 257 12.60 -11.13 17.91
C PRO A 257 11.29 -10.36 17.93
N ILE A 258 11.14 -9.42 18.85
CA ILE A 258 9.92 -8.58 18.87
C ILE A 258 9.86 -7.71 17.62
N CYS A 259 10.96 -7.06 17.30
CA CYS A 259 11.03 -6.30 16.05
C CYS A 259 10.84 -7.17 14.82
N ALA A 260 11.42 -8.36 14.86
CA ALA A 260 11.24 -9.33 13.76
C ALA A 260 9.78 -9.72 13.60
N MET A 261 9.09 -9.96 14.73
CA MET A 261 7.64 -10.25 14.66
CA MET A 261 7.64 -10.25 14.66
C MET A 261 6.88 -9.11 13.95
N GLN A 262 7.21 -7.88 14.29
CA GLN A 262 6.58 -6.74 13.65
C GLN A 262 6.83 -6.75 12.11
N ALA A 263 8.08 -7.05 11.71
CA ALA A 263 8.41 -7.10 10.31
C ALA A 263 7.56 -8.16 9.57
N CYS A 264 7.44 -9.34 10.19
CA CYS A 264 6.59 -10.38 9.58
C CYS A 264 5.16 -9.89 9.40
N MET A 265 4.57 -9.34 10.47
CA MET A 265 3.20 -8.90 10.39
C MET A 265 2.99 -7.71 9.46
N ASP A 266 4.06 -6.94 9.25
CA ASP A 266 4.05 -5.84 8.32
C ASP A 266 4.22 -6.30 6.86
N GLY A 267 4.43 -7.60 6.64
CA GLY A 267 4.46 -8.16 5.31
C GLY A 267 5.83 -8.35 4.70
N PHE A 268 6.85 -8.47 5.56
CA PHE A 268 8.22 -8.72 5.11
C PHE A 268 8.66 -10.10 5.53
N GLU A 269 9.51 -10.69 4.69
CA GLU A 269 10.23 -11.90 5.01
C GLU A 269 11.41 -11.54 5.89
N VAL A 270 11.60 -12.25 6.98
CA VAL A 270 12.71 -12.05 7.90
C VAL A 270 13.78 -13.09 7.65
N VAL A 271 14.96 -12.61 7.32
CA VAL A 271 16.08 -13.47 6.91
C VAL A 271 17.34 -13.01 7.66
N SER A 272 18.30 -13.91 7.70
CA SER A 272 19.62 -13.60 8.24
C SER A 272 20.64 -13.70 7.10
N PRO A 273 21.65 -12.80 7.11
CA PRO A 273 22.80 -13.05 6.20
C PRO A 273 23.52 -14.35 6.41
N TYR A 274 23.38 -14.92 7.61
CA TYR A 274 24.16 -16.04 8.06
C TYR A 274 23.26 -17.29 8.16
N LYS A 275 23.87 -18.46 7.88
CA LYS A 275 23.16 -19.69 8.06
C LYS A 275 22.73 -19.85 9.52
N ASN A 276 21.41 -20.08 9.71
CA ASN A 276 20.80 -20.25 11.05
C ASN A 276 21.04 -19.04 11.96
N GLY A 277 21.36 -17.90 11.35
CA GLY A 277 21.59 -16.70 12.07
C GLY A 277 22.93 -16.62 12.83
N ILE A 278 23.84 -17.59 12.61
CA ILE A 278 25.05 -17.65 13.39
C ILE A 278 26.23 -16.97 12.65
N ASN A 279 26.65 -15.84 13.21
CA ASN A 279 27.65 -14.99 12.57
C ASN A 279 28.96 -15.35 13.21
N ASP A 280 29.57 -16.40 12.68
CA ASP A 280 30.81 -16.95 13.24
C ASP A 280 32.08 -16.42 12.59
N GLY A 281 31.97 -15.43 11.71
CA GLY A 281 33.12 -14.81 11.06
C GLY A 281 33.62 -15.55 9.84
N THR A 282 32.97 -16.66 9.47
CA THR A 282 33.42 -17.45 8.32
C THR A 282 32.70 -17.12 7.03
N GLU A 283 33.39 -17.23 5.90
CA GLU A 283 32.76 -17.02 4.60
C GLU A 283 31.66 -18.01 4.35
N ALA A 284 31.88 -19.24 4.81
CA ALA A 284 30.88 -20.31 4.54
C ALA A 284 29.59 -20.08 5.28
N SER A 285 29.59 -19.24 6.33
CA SER A 285 28.35 -18.94 7.05
C SER A 285 27.43 -18.03 6.27
N ILE A 286 27.93 -17.32 5.26
CA ILE A 286 27.08 -16.45 4.48
C ILE A 286 26.13 -17.24 3.63
N ASP A 287 24.85 -16.80 3.65
CA ASP A 287 23.86 -17.35 2.78
C ASP A 287 24.11 -16.72 1.40
N ALA A 288 24.94 -17.42 0.62
CA ALA A 288 25.37 -16.91 -0.66
C ALA A 288 24.23 -16.75 -1.65
N ALA A 289 23.28 -17.66 -1.60
CA ALA A 289 22.15 -17.57 -2.50
C ALA A 289 21.31 -16.32 -2.23
N LEU A 290 21.09 -16.02 -0.96
CA LEU A 290 20.35 -14.83 -0.55
C LEU A 290 21.10 -13.56 -0.99
N LEU A 291 22.34 -13.45 -0.57
CA LEU A 291 23.08 -12.20 -0.83
C LEU A 291 23.33 -12.01 -2.35
N GLY A 292 23.43 -13.11 -3.07
CA GLY A 292 23.60 -13.03 -4.50
C GLY A 292 22.37 -12.56 -5.30
N LYS A 293 21.24 -12.39 -4.63
N LYS A 293 21.24 -12.39 -4.62
CA LYS A 293 20.02 -11.90 -5.24
CA LYS A 293 20.03 -11.89 -5.25
C LYS A 293 19.69 -10.46 -4.82
C LYS A 293 19.68 -10.47 -4.81
N ILE A 294 20.47 -9.87 -3.93
CA ILE A 294 20.13 -8.56 -3.35
C ILE A 294 20.71 -7.44 -4.19
N ASP A 295 19.84 -6.52 -4.57
CA ASP A 295 20.20 -5.32 -5.35
C ASP A 295 20.54 -4.09 -4.51
N LEU A 296 20.12 -4.10 -3.25
CA LEU A 296 20.28 -2.97 -2.37
C LEU A 296 20.31 -3.47 -0.94
N ILE A 297 21.36 -3.06 -0.19
CA ILE A 297 21.45 -3.34 1.22
C ILE A 297 21.51 -1.99 1.97
N VAL A 298 20.72 -1.89 3.04
CA VAL A 298 20.65 -0.69 3.85
C VAL A 298 20.79 -1.06 5.33
N THR A 299 21.75 -0.44 6.02
CA THR A 299 21.97 -0.66 7.45
C THR A 299 21.30 0.40 8.28
N THR A 300 20.62 -0.04 9.37
CA THR A 300 19.76 0.85 10.15
C THR A 300 19.95 0.68 11.66
N THR A 301 21.03 0.09 12.09
CA THR A 301 21.08 -0.52 13.40
C THR A 301 21.61 0.33 14.56
N GLY A 302 22.54 1.25 14.27
CA GLY A 302 23.32 1.79 15.37
C GLY A 302 24.36 0.86 15.95
N ASN A 303 24.58 -0.28 15.30
CA ASN A 303 25.55 -1.28 15.75
C ASN A 303 26.75 -1.26 14.83
N VAL A 304 27.69 -2.21 15.02
CA VAL A 304 28.94 -2.21 14.33
C VAL A 304 29.04 -3.46 13.44
N ASN A 305 29.52 -3.25 12.21
CA ASN A 305 29.86 -4.32 11.33
C ASN A 305 28.69 -5.27 11.06
N VAL A 306 27.57 -4.66 10.72
CA VAL A 306 26.33 -5.41 10.39
C VAL A 306 26.20 -5.67 8.88
N CYS A 307 27.04 -5.00 8.09
CA CYS A 307 27.26 -5.35 6.68
C CYS A 307 28.79 -5.55 6.56
N ASP A 308 29.18 -6.79 6.74
CA ASP A 308 30.57 -7.15 6.97
C ASP A 308 31.28 -7.53 5.67
N ALA A 309 32.56 -7.78 5.77
CA ALA A 309 33.36 -8.07 4.57
C ALA A 309 32.84 -9.27 3.80
N ASN A 310 32.48 -10.33 4.51
CA ASN A 310 31.98 -11.53 3.81
C ASN A 310 30.65 -11.32 3.13
N MET A 311 29.79 -10.48 3.72
CA MET A 311 28.56 -10.10 3.06
C MET A 311 28.87 -9.27 1.79
N LEU A 312 29.83 -8.33 1.88
CA LEU A 312 30.15 -7.51 0.75
C LEU A 312 30.73 -8.33 -0.38
N LYS A 313 31.52 -9.35 -0.05
CA LYS A 313 32.04 -10.27 -1.09
C LYS A 313 30.96 -11.08 -1.80
N ALA A 314 29.88 -11.36 -1.07
CA ALA A 314 28.82 -12.22 -1.56
C ALA A 314 27.70 -11.49 -2.29
N LEU A 315 27.63 -10.18 -2.12
CA LEU A 315 26.52 -9.42 -2.75
C LEU A 315 26.54 -9.60 -4.25
N LYS A 316 25.33 -9.59 -4.80
CA LYS A 316 25.11 -9.53 -6.25
C LYS A 316 25.97 -8.42 -6.88
N LYS A 317 26.55 -8.71 -8.04
CA LYS A 317 27.25 -7.66 -8.79
C LYS A 317 26.30 -6.46 -9.00
N ARG A 318 26.87 -5.29 -8.78
CA ARG A 318 26.25 -4.00 -9.04
C ARG A 318 25.20 -3.65 -7.98
N ALA A 319 25.18 -4.36 -6.86
CA ALA A 319 24.33 -3.94 -5.74
C ALA A 319 24.76 -2.59 -5.21
N VAL A 320 23.76 -1.86 -4.70
CA VAL A 320 23.97 -0.61 -3.96
C VAL A 320 24.05 -0.94 -2.46
N VAL A 321 25.01 -0.29 -1.80
CA VAL A 321 25.27 -0.44 -0.37
C VAL A 321 25.17 0.93 0.27
N CYS A 322 24.37 1.07 1.33
CA CYS A 322 24.33 2.32 2.05
C CYS A 322 23.92 2.08 3.52
N ASN A 323 24.15 3.10 4.30
CA ASN A 323 23.92 3.11 5.72
C ASN A 323 23.07 4.36 6.04
N ILE A 324 22.08 4.17 6.89
CA ILE A 324 21.29 5.29 7.41
C ILE A 324 21.31 5.38 8.93
N GLY A 325 22.08 4.51 9.61
CA GLY A 325 22.39 4.67 10.98
C GLY A 325 23.37 5.80 11.20
N HIS A 326 23.59 6.18 12.46
CA HIS A 326 24.39 7.35 12.73
C HIS A 326 25.84 7.32 12.23
N PHE A 327 26.51 6.18 12.38
CA PHE A 327 27.94 6.09 12.08
C PHE A 327 28.22 5.11 10.95
N ASP A 328 29.28 5.42 10.18
CA ASP A 328 29.65 4.61 9.04
C ASP A 328 30.16 3.20 9.31
N ASN A 329 30.53 2.93 10.53
CA ASN A 329 31.05 1.61 10.87
C ASN A 329 30.03 0.49 10.89
N GLU A 330 28.76 0.81 10.60
CA GLU A 330 27.80 -0.26 10.30
C GLU A 330 28.26 -1.13 9.14
N ILE A 331 28.97 -0.55 8.19
CA ILE A 331 29.46 -1.23 6.99
C ILE A 331 30.99 -1.29 7.12
N ASP A 332 31.60 -2.43 6.74
CA ASP A 332 33.08 -2.56 6.76
C ASP A 332 33.69 -1.86 5.52
N THR A 333 33.62 -0.53 5.54
CA THR A 333 34.25 0.23 4.45
C THR A 333 35.78 0.14 4.52
N ALA A 334 36.33 -0.03 5.71
CA ALA A 334 37.76 -0.16 5.82
C ALA A 334 38.26 -1.36 5.02
N PHE A 335 37.55 -2.49 5.09
CA PHE A 335 37.91 -3.63 4.28
C PHE A 335 37.90 -3.27 2.78
N MET A 336 36.88 -2.52 2.36
CA MET A 336 36.81 -2.12 0.97
C MET A 336 37.94 -1.18 0.54
N ARG A 337 38.34 -0.26 1.41
CA ARG A 337 39.45 0.64 1.09
CA ARG A 337 39.45 0.64 1.09
C ARG A 337 40.76 -0.12 0.98
N LYS A 338 40.91 -1.14 1.82
CA LYS A 338 42.17 -1.89 1.84
C LYS A 338 42.31 -2.85 0.63
N ASN A 339 41.14 -3.34 0.13
CA ASN A 339 41.19 -4.43 -0.85
C ASN A 339 40.75 -4.15 -2.27
N TRP A 340 39.91 -3.13 -2.44
CA TRP A 340 39.21 -2.93 -3.70
C TRP A 340 39.44 -1.52 -4.21
N ALA A 341 39.24 -1.31 -5.49
CA ALA A 341 39.56 -0.02 -6.14
C ALA A 341 38.28 0.81 -6.22
N TRP A 342 38.40 2.06 -5.78
CA TRP A 342 37.28 3.00 -5.76
C TRP A 342 37.31 3.95 -6.96
N GLU A 343 36.21 3.98 -7.69
CA GLU A 343 36.00 4.88 -8.80
C GLU A 343 34.86 5.87 -8.41
N GLU A 344 35.19 7.15 -8.33
CA GLU A 344 34.17 8.14 -8.03
C GLU A 344 33.28 8.30 -9.25
N VAL A 345 31.98 8.14 -9.08
CA VAL A 345 31.04 8.43 -10.13
C VAL A 345 30.77 9.94 -10.15
N LYS A 346 30.41 10.46 -8.97
CA LYS A 346 30.17 11.86 -8.70
C LYS A 346 30.28 11.99 -7.17
N PRO A 347 30.23 13.20 -6.62
CA PRO A 347 30.40 13.28 -5.19
C PRO A 347 29.43 12.37 -4.41
N GLN A 348 29.99 11.67 -3.43
CA GLN A 348 29.24 10.78 -2.56
C GLN A 348 28.64 9.57 -3.28
N VAL A 349 29.19 9.21 -4.44
CA VAL A 349 28.80 8.01 -5.15
C VAL A 349 30.07 7.34 -5.67
N HIS A 350 30.39 6.14 -5.18
CA HIS A 350 31.57 5.43 -5.62
C HIS A 350 31.20 4.03 -6.13
N LYS A 351 31.84 3.65 -7.22
CA LYS A 351 31.87 2.25 -7.63
C LYS A 351 33.09 1.64 -6.99
N ILE A 352 32.89 0.49 -6.33
CA ILE A 352 33.93 -0.22 -5.64
C ILE A 352 34.16 -1.53 -6.39
N HIS A 353 35.30 -1.61 -7.05
CA HIS A 353 35.60 -2.70 -7.98
C HIS A 353 36.23 -3.86 -7.23
N ARG A 354 35.56 -4.99 -7.26
CA ARG A 354 35.95 -6.18 -6.46
CA ARG A 354 35.95 -6.19 -6.47
C ARG A 354 37.04 -7.02 -7.13
N THR A 355 37.60 -6.50 -8.19
CA THR A 355 38.63 -7.15 -8.95
C THR A 355 40.04 -6.97 -8.39
N GLY A 356 40.23 -6.10 -7.41
CA GLY A 356 41.54 -5.84 -6.88
C GLY A 356 41.74 -4.42 -6.47
N LYS A 357 42.92 -4.15 -5.89
CA LYS A 357 43.13 -2.88 -5.19
C LYS A 357 43.68 -1.82 -6.12
N ASP A 358 44.52 -2.22 -7.09
CA ASP A 358 45.35 -1.30 -7.84
C ASP A 358 44.83 -1.16 -9.25
N GLY A 359 44.01 -0.16 -9.42
CA GLY A 359 43.36 0.07 -10.69
C GLY A 359 42.14 -0.78 -10.93
N PHE A 360 41.45 -0.41 -11.99
CA PHE A 360 40.23 -1.08 -12.43
C PHE A 360 40.06 -0.86 -13.91
N ASP A 361 39.27 -1.75 -14.51
CA ASP A 361 38.83 -1.62 -15.89
C ASP A 361 37.53 -0.78 -15.84
N ALA A 362 37.48 0.27 -16.68
CA ALA A 362 36.30 1.19 -16.69
C ALA A 362 35.03 0.47 -17.02
N HIS A 363 35.15 -0.65 -17.71
CA HIS A 363 34.00 -1.50 -18.08
C HIS A 363 33.84 -2.77 -17.26
N ASN A 364 34.53 -2.86 -16.13
CA ASN A 364 34.32 -4.01 -15.23
C ASN A 364 32.85 -4.08 -14.79
N ASP A 365 32.32 -5.31 -14.76
CA ASP A 365 30.95 -5.55 -14.30
C ASP A 365 30.87 -5.89 -12.81
N ASP A 366 31.99 -6.16 -12.17
CA ASP A 366 31.99 -6.71 -10.83
C ASP A 366 32.35 -5.61 -9.86
N TYR A 367 31.35 -4.80 -9.54
CA TYR A 367 31.53 -3.70 -8.62
C TYR A 367 30.27 -3.56 -7.76
N LEU A 368 30.42 -2.85 -6.64
CA LEU A 368 29.32 -2.41 -5.84
C LEU A 368 29.23 -0.88 -5.96
N ILE A 369 28.05 -0.31 -5.69
CA ILE A 369 27.93 1.15 -5.57
C ILE A 369 27.71 1.50 -4.12
N LEU A 370 28.67 2.25 -3.55
CA LEU A 370 28.57 2.73 -2.17
C LEU A 370 28.15 4.20 -2.19
N LEU A 371 27.15 4.53 -1.36
CA LEU A 371 26.69 5.90 -1.21
C LEU A 371 27.27 6.55 0.06
N ALA A 372 27.69 7.81 -0.11
CA ALA A 372 28.19 8.65 0.96
C ALA A 372 29.34 8.06 1.76
N GLU A 373 30.14 7.20 1.09
CA GLU A 373 31.23 6.52 1.77
C GLU A 373 30.77 5.82 3.06
N GLY A 374 29.53 5.35 3.07
CA GLY A 374 28.99 4.68 4.23
C GLY A 374 28.40 5.60 5.30
N ARG A 375 28.55 6.92 5.16
CA ARG A 375 27.98 7.84 6.13
C ARG A 375 26.46 7.97 5.89
N LEU A 376 25.75 8.49 6.86
N LEU A 376 25.75 8.49 6.86
CA LEU A 376 24.29 8.48 6.82
CA LEU A 376 24.29 8.48 6.82
C LEU A 376 23.77 9.02 5.48
C LEU A 376 23.77 9.02 5.48
N VAL A 377 23.07 8.16 4.76
CA VAL A 377 22.87 8.37 3.32
C VAL A 377 21.83 9.44 3.02
N ASN A 378 20.83 9.55 3.89
CA ASN A 378 19.79 10.56 3.67
C ASN A 378 20.32 11.96 3.63
N LEU A 379 21.24 12.23 4.58
CA LEU A 379 21.89 13.55 4.65
C LEU A 379 23.06 13.68 3.67
N GLY A 380 23.72 12.57 3.36
CA GLY A 380 24.88 12.63 2.50
C GLY A 380 24.59 12.78 1.03
N ASN A 381 23.56 12.08 0.57
CA ASN A 381 23.16 12.08 -0.82
C ASN A 381 21.87 12.85 -1.12
N ALA A 382 21.18 13.28 -0.06
CA ALA A 382 20.01 14.13 -0.23
C ALA A 382 20.05 15.25 0.82
N THR A 383 18.93 15.57 1.44
CA THR A 383 18.89 16.70 2.37
C THR A 383 18.35 16.30 3.74
N GLY A 384 18.41 14.99 4.04
CA GLY A 384 17.87 14.52 5.28
C GLY A 384 16.35 14.64 5.33
N HIS A 385 15.85 14.62 6.56
CA HIS A 385 14.39 14.65 6.74
C HIS A 385 13.81 16.00 6.36
N PRO A 386 12.55 16.01 5.99
CA PRO A 386 11.90 17.28 5.61
C PRO A 386 11.60 18.16 6.79
N SER A 387 11.51 19.46 6.54
CA SER A 387 11.17 20.42 7.58
C SER A 387 9.98 20.05 8.44
N ARG A 388 8.89 19.59 7.85
CA ARG A 388 7.68 19.36 8.68
C ARG A 388 7.83 18.21 9.64
N ILE A 389 8.75 17.27 9.34
CA ILE A 389 9.12 16.23 10.29
C ILE A 389 10.08 16.74 11.34
N MET A 390 11.12 17.45 10.91
CA MET A 390 12.13 17.99 11.87
C MET A 390 11.51 18.99 12.84
N ASP A 391 10.37 19.59 12.45
CA ASP A 391 9.62 20.47 13.36
C ASP A 391 9.40 19.79 14.71
N GLY A 392 8.98 18.52 14.66
CA GLY A 392 8.74 17.83 15.93
C GLY A 392 9.99 17.66 16.77
N SER A 393 11.02 17.12 16.14
CA SER A 393 12.30 16.93 16.84
C SER A 393 12.82 18.20 17.48
N PHE A 394 12.76 19.27 16.68
CA PHE A 394 13.37 20.52 17.09
C PHE A 394 12.56 21.33 18.05
N ALA A 395 11.24 21.19 18.00
CA ALA A 395 10.41 21.74 19.08
C ALA A 395 10.77 21.07 20.41
N ASN A 396 10.94 19.75 20.40
CA ASN A 396 11.40 19.09 21.61
C ASN A 396 12.79 19.58 22.06
N GLN A 397 13.71 19.79 21.14
CA GLN A 397 15.01 20.35 21.51
C GLN A 397 14.89 21.69 22.23
N VAL A 398 14.06 22.58 21.68
CA VAL A 398 13.89 23.89 22.31
C VAL A 398 13.32 23.77 23.74
N LEU A 399 12.30 22.93 23.89
CA LEU A 399 11.71 22.70 25.17
C LEU A 399 12.71 22.12 26.19
N ALA A 400 13.52 21.21 25.69
CA ALA A 400 14.54 20.55 26.53
C ALA A 400 15.62 21.55 26.98
N GLN A 401 16.05 22.42 26.04
CA GLN A 401 16.98 23.48 26.39
C GLN A 401 16.43 24.40 27.46
N ILE A 402 15.19 24.82 27.26
CA ILE A 402 14.54 25.67 28.28
C ILE A 402 14.54 24.98 29.65
N HIS A 403 14.15 23.71 29.66
CA HIS A 403 13.99 22.99 30.94
C HIS A 403 15.34 22.91 31.69
N LEU A 404 16.37 22.44 30.99
CA LEU A 404 17.66 22.29 31.68
C LEU A 404 18.30 23.63 32.02
N PHE A 405 18.17 24.62 31.15
CA PHE A 405 18.72 25.93 31.45
C PHE A 405 18.03 26.52 32.67
N GLU A 406 16.70 26.38 32.79
CA GLU A 406 16.00 26.93 33.91
C GLU A 406 16.38 26.21 35.24
N GLN A 407 16.68 24.93 35.14
CA GLN A 407 17.02 24.14 36.33
C GLN A 407 18.42 24.53 36.91
N LYS A 408 19.32 25.03 36.07
CA LYS A 408 20.55 25.60 36.59
C LYS A 408 21.41 24.62 37.45
N TYR A 409 21.53 23.40 36.93
CA TYR A 409 22.33 22.35 37.60
C TYR A 409 23.71 22.80 38.07
N ALA A 410 24.40 23.55 37.23
CA ALA A 410 25.79 23.92 37.56
C ALA A 410 25.92 24.72 38.82
N ASP A 411 24.84 25.41 39.20
CA ASP A 411 24.84 26.27 40.34
C ASP A 411 24.37 25.58 41.61
N LEU A 412 23.96 24.33 41.49
CA LEU A 412 23.53 23.57 42.66
C LEU A 412 24.74 23.13 43.47
N PRO A 413 24.60 23.04 44.79
CA PRO A 413 25.68 22.42 45.61
C PRO A 413 25.83 20.93 45.23
N ALA A 414 26.96 20.34 45.56
CA ALA A 414 27.29 18.94 45.22
C ALA A 414 26.21 17.94 45.63
N ALA A 415 25.70 18.09 46.86
CA ALA A 415 24.68 17.12 47.31
C ALA A 415 23.38 17.20 46.50
N GLU A 416 23.04 18.40 46.07
CA GLU A 416 21.82 18.60 45.26
C GLU A 416 22.04 18.15 43.78
N LYS A 417 23.26 18.35 43.25
CA LYS A 417 23.56 17.87 41.95
C LYS A 417 23.32 16.32 41.89
N ALA A 418 23.69 15.63 42.96
CA ALA A 418 23.59 14.18 42.98
C ALA A 418 22.17 13.69 42.75
N LYS A 419 21.21 14.48 43.20
CA LYS A 419 19.79 14.12 43.06
C LYS A 419 19.23 14.39 41.65
N ARG A 420 19.87 15.25 40.90
CA ARG A 420 19.41 15.68 39.59
C ARG A 420 20.26 15.13 38.45
N LEU A 421 21.28 14.32 38.74
CA LEU A 421 22.16 13.85 37.68
C LEU A 421 21.57 12.60 37.06
N SER A 422 20.89 12.79 35.94
CA SER A 422 20.07 11.75 35.34
C SER A 422 19.99 12.00 33.83
N VAL A 423 19.43 11.00 33.14
CA VAL A 423 19.05 11.13 31.72
C VAL A 423 17.53 10.93 31.70
N GLU A 424 16.81 11.99 31.39
CA GLU A 424 15.35 12.00 31.49
C GLU A 424 14.77 12.33 30.13
N VAL A 425 13.47 12.07 29.98
CA VAL A 425 12.70 12.51 28.83
C VAL A 425 11.82 13.70 29.27
N LEU A 426 11.33 14.43 28.26
CA LEU A 426 10.32 15.48 28.52
C LEU A 426 9.02 14.87 29.01
N PRO A 427 8.23 15.64 29.75
CA PRO A 427 6.91 15.17 30.14
C PRO A 427 5.98 14.92 28.97
N LYS A 428 5.12 13.92 29.14
CA LYS A 428 4.16 13.61 28.07
C LYS A 428 3.31 14.80 27.67
N LYS A 429 2.92 15.64 28.64
CA LYS A 429 2.11 16.79 28.30
C LYS A 429 2.79 17.67 27.21
N LEU A 430 4.11 17.85 27.30
CA LEU A 430 4.82 18.62 26.31
C LEU A 430 4.91 17.90 24.96
N ASP A 431 5.15 16.60 25.01
CA ASP A 431 5.12 15.77 23.79
C ASP A 431 3.78 15.96 23.06
N GLU A 432 2.68 15.93 23.82
CA GLU A 432 1.36 16.12 23.23
C GLU A 432 1.19 17.54 22.64
N GLU A 433 1.72 18.53 23.33
CA GLU A 433 1.60 19.90 22.82
C GLU A 433 2.34 20.08 21.51
N VAL A 434 3.52 19.47 21.40
CA VAL A 434 4.24 19.48 20.11
C VAL A 434 3.38 18.80 19.02
N ALA A 435 2.86 17.60 19.38
CA ALA A 435 2.06 16.85 18.42
C ALA A 435 0.84 17.66 17.96
N LEU A 436 0.19 18.39 18.88
CA LEU A 436 -0.99 19.15 18.47
C LEU A 436 -0.65 20.19 17.40
N GLU A 437 0.48 20.87 17.59
CA GLU A 437 0.86 21.85 16.60
C GLU A 437 1.19 21.20 15.25
N MET A 438 1.82 20.03 15.28
CA MET A 438 2.04 19.29 14.05
C MET A 438 0.73 18.92 13.34
N VAL A 439 -0.25 18.43 14.12
CA VAL A 439 -1.53 18.05 13.53
C VAL A 439 -2.24 19.27 12.91
N LYS A 440 -2.20 20.39 13.62
CA LYS A 440 -2.81 21.61 13.10
C LYS A 440 -2.11 22.03 11.79
N GLY A 441 -0.80 21.77 11.67
CA GLY A 441 -0.11 22.02 10.42
C GLY A 441 -0.64 21.29 9.20
N PHE A 442 -1.16 20.10 9.45
CA PHE A 442 -1.84 19.33 8.42
C PHE A 442 -3.29 19.72 8.21
N GLY A 443 -3.79 20.67 8.98
CA GLY A 443 -5.19 20.93 8.96
C GLY A 443 -6.06 19.99 9.76
N GLY A 444 -5.43 19.14 10.56
CA GLY A 444 -6.16 18.15 11.33
C GLY A 444 -6.94 18.85 12.46
N VAL A 445 -8.06 18.21 12.84
CA VAL A 445 -8.94 18.71 13.91
C VAL A 445 -9.05 17.61 14.95
N VAL A 446 -8.45 17.88 16.12
CA VAL A 446 -8.58 16.93 17.24
CA VAL A 446 -8.54 16.98 17.26
C VAL A 446 -9.92 17.21 17.93
N THR A 447 -10.55 16.16 18.37
CA THR A 447 -11.80 16.23 19.12
C THR A 447 -11.47 16.56 20.59
N GLN A 448 -12.32 17.34 21.24
N GLN A 448 -12.32 17.34 21.24
CA GLN A 448 -12.23 17.59 22.67
CA GLN A 448 -12.22 17.59 22.67
C GLN A 448 -13.15 16.60 23.41
C GLN A 448 -13.15 16.60 23.41
N LEU A 449 -12.60 15.89 24.41
CA LEU A 449 -13.35 15.02 25.29
C LEU A 449 -14.42 15.87 25.99
N THR A 450 -15.60 15.31 26.18
CA THR A 450 -16.55 15.88 27.11
C THR A 450 -16.05 15.60 28.53
N PRO A 451 -16.53 16.38 29.53
CA PRO A 451 -16.06 16.06 30.92
C PRO A 451 -16.42 14.61 31.30
N LYS A 452 -17.60 14.11 30.89
CA LYS A 452 -17.97 12.75 31.24
C LYS A 452 -17.05 11.72 30.55
N GLN A 453 -16.68 11.97 29.30
CA GLN A 453 -15.74 11.04 28.63
C GLN A 453 -14.34 11.05 29.28
N ALA A 454 -13.88 12.24 29.65
CA ALA A 454 -12.61 12.34 30.34
C ALA A 454 -12.63 11.59 31.66
N GLU A 455 -13.72 11.72 32.41
CA GLU A 455 -13.89 10.96 33.65
C GLU A 455 -13.90 9.45 33.37
N TYR A 456 -14.56 9.05 32.29
CA TYR A 456 -14.72 7.61 31.98
C TYR A 456 -13.41 6.94 31.71
N ILE A 457 -12.47 7.64 31.07
CA ILE A 457 -11.17 7.06 30.80
C ILE A 457 -10.08 7.52 31.78
N GLY A 458 -10.46 8.40 32.72
CA GLY A 458 -9.57 8.77 33.80
C GLY A 458 -8.45 9.73 33.47
N VAL A 459 -8.78 10.72 32.65
CA VAL A 459 -7.79 11.73 32.24
C VAL A 459 -8.42 13.12 32.37
N SER A 460 -7.54 14.12 32.41
CA SER A 460 -8.00 15.50 32.31
C SER A 460 -8.37 15.80 30.83
N VAL A 461 -9.34 16.69 30.60
CA VAL A 461 -9.72 17.01 29.23
C VAL A 461 -8.54 17.49 28.40
N GLU A 462 -7.63 18.24 29.05
CA GLU A 462 -6.47 18.76 28.33
C GLU A 462 -5.31 17.76 28.12
N GLY A 463 -5.43 16.59 28.73
CA GLY A 463 -4.37 15.61 28.73
C GLY A 463 -3.46 15.79 29.94
N PRO A 464 -2.49 14.91 30.11
CA PRO A 464 -2.15 13.87 29.19
C PRO A 464 -3.13 12.75 29.05
N PHE A 465 -3.14 12.10 27.90
CA PHE A 465 -4.19 11.14 27.53
C PHE A 465 -3.84 9.70 27.77
N LYS A 466 -2.57 9.40 28.01
CA LYS A 466 -2.09 8.02 28.09
C LYS A 466 -1.23 7.90 29.32
N PRO A 467 -1.16 6.66 29.89
CA PRO A 467 -0.21 6.44 30.96
C PRO A 467 1.24 6.42 30.41
N ASP A 468 2.19 6.62 31.31
CA ASP A 468 3.59 6.66 30.88
C ASP A 468 4.07 5.34 30.27
N THR A 469 3.37 4.23 30.57
CA THR A 469 3.69 2.94 29.96
C THR A 469 3.30 2.82 28.51
N TYR A 470 2.51 3.76 27.99
CA TYR A 470 1.91 3.58 26.66
C TYR A 470 2.97 3.68 25.53
N ARG A 471 2.84 2.75 24.58
CA ARG A 471 3.83 2.62 23.53
C ARG A 471 3.48 3.21 22.17
N TYR A 472 2.21 3.61 21.97
CA TYR A 472 1.77 4.18 20.70
C TYR A 472 2.04 3.23 19.51
N PHE B 13 -24.71 -36.52 34.48
CA PHE B 13 -25.14 -35.10 34.36
C PHE B 13 -24.22 -34.33 33.41
N THR B 14 -24.71 -33.49 32.55
CA THR B 14 -23.86 -32.72 31.66
C THR B 14 -23.48 -31.38 32.25
N ASP B 15 -22.23 -31.23 32.73
CA ASP B 15 -21.79 -30.00 33.45
C ASP B 15 -21.21 -29.04 32.42
N TYR B 16 -22.08 -28.59 31.54
CA TYR B 16 -21.77 -27.67 30.44
C TYR B 16 -23.11 -27.22 29.88
N LYS B 17 -23.07 -26.15 29.10
CA LYS B 17 -24.25 -25.74 28.32
C LYS B 17 -23.75 -25.07 27.05
N VAL B 18 -24.04 -25.72 25.94
CA VAL B 18 -23.64 -25.26 24.62
C VAL B 18 -24.85 -25.35 23.66
N ALA B 19 -24.74 -24.68 22.52
CA ALA B 19 -25.85 -24.70 21.57
C ALA B 19 -26.16 -26.08 21.02
N ASP B 20 -25.11 -26.82 20.68
CA ASP B 20 -25.31 -28.04 19.85
C ASP B 20 -24.04 -28.89 19.94
N ILE B 21 -24.13 -29.90 20.78
CA ILE B 21 -23.00 -30.78 21.05
C ILE B 21 -22.59 -31.54 19.80
N THR B 22 -23.48 -31.68 18.80
CA THR B 22 -23.10 -32.44 17.60
C THR B 22 -22.09 -31.73 16.73
N LEU B 23 -21.82 -30.45 17.04
CA LEU B 23 -20.80 -29.68 16.34
C LEU B 23 -19.41 -29.99 16.84
N ALA B 24 -19.27 -30.90 17.80
CA ALA B 24 -17.97 -31.15 18.44
C ALA B 24 -16.94 -31.67 17.44
N ALA B 25 -17.31 -32.59 16.59
CA ALA B 25 -16.31 -33.15 15.65
C ALA B 25 -15.75 -32.09 14.71
N TRP B 26 -16.61 -31.20 14.22
CA TRP B 26 -16.18 -30.07 13.42
C TRP B 26 -15.23 -29.18 14.21
N GLY B 27 -15.62 -28.86 15.44
CA GLY B 27 -14.75 -28.06 16.29
C GLY B 27 -13.36 -28.70 16.45
N ARG B 28 -13.36 -29.99 16.69
CA ARG B 28 -12.10 -30.71 16.90
C ARG B 28 -11.25 -30.64 15.64
N ARG B 29 -11.87 -30.81 14.44
CA ARG B 29 -11.10 -30.66 13.22
C ARG B 29 -10.44 -29.28 13.16
N GLU B 30 -11.19 -28.25 13.49
CA GLU B 30 -10.61 -26.90 13.47
C GLU B 30 -9.60 -26.64 14.58
N LEU B 31 -9.75 -27.27 15.75
CA LEU B 31 -8.68 -27.20 16.77
C LEU B 31 -7.37 -27.78 16.27
N ILE B 32 -7.45 -28.93 15.60
CA ILE B 32 -6.23 -29.55 15.09
C ILE B 32 -5.52 -28.63 14.07
N ILE B 33 -6.30 -27.98 13.19
CA ILE B 33 -5.70 -26.97 12.29
C ILE B 33 -5.09 -25.81 13.10
N ALA B 34 -5.84 -25.33 14.08
CA ALA B 34 -5.40 -24.19 14.89
C ALA B 34 -4.11 -24.44 15.64
N GLU B 35 -3.93 -25.66 16.13
CA GLU B 35 -2.68 -26.00 16.80
C GLU B 35 -1.51 -25.77 15.86
N SER B 36 -1.68 -26.10 14.59
CA SER B 36 -0.61 -25.89 13.61
C SER B 36 -0.29 -24.44 13.28
N GLU B 37 -1.24 -23.57 13.63
CA GLU B 37 -1.09 -22.12 13.47
C GLU B 37 -0.63 -21.42 14.73
N MET B 38 -0.43 -22.14 15.86
CA MET B 38 -0.17 -21.50 17.16
C MET B 38 1.11 -22.10 17.77
N PRO B 39 2.26 -21.84 17.13
CA PRO B 39 3.48 -22.47 17.57
C PRO B 39 3.98 -22.03 18.96
N ALA B 40 3.75 -20.77 19.34
CA ALA B 40 4.21 -20.36 20.66
C ALA B 40 3.43 -21.11 21.75
N LEU B 41 2.11 -21.19 21.57
CA LEU B 41 1.28 -21.84 22.55
C LEU B 41 1.57 -23.34 22.59
N MET B 42 1.69 -23.99 21.42
CA MET B 42 2.05 -25.40 21.40
CA MET B 42 2.05 -25.41 21.38
C MET B 42 3.45 -25.69 21.94
N GLY B 43 4.38 -24.74 21.71
CA GLY B 43 5.71 -24.84 22.30
C GLY B 43 5.64 -24.85 23.81
N LEU B 44 4.74 -24.04 24.38
CA LEU B 44 4.59 -24.05 25.84
C LEU B 44 4.01 -25.37 26.35
N ARG B 45 3.06 -25.95 25.59
CA ARG B 45 2.55 -27.25 25.97
C ARG B 45 3.68 -28.26 26.04
N ARG B 46 4.58 -28.23 25.07
CA ARG B 46 5.67 -29.22 25.04
C ARG B 46 6.71 -28.93 26.11
N LYS B 47 7.05 -27.66 26.29
CA LYS B 47 8.10 -27.27 27.23
C LYS B 47 7.75 -27.55 28.68
N TYR B 48 6.47 -27.31 29.02
CA TYR B 48 6.00 -27.43 30.40
C TYR B 48 5.26 -28.70 30.72
N ALA B 49 5.15 -29.62 29.77
CA ALA B 49 4.48 -30.89 30.01
C ALA B 49 5.05 -31.65 31.19
N GLY B 50 6.38 -31.73 31.24
CA GLY B 50 7.02 -32.48 32.29
C GLY B 50 6.78 -31.92 33.67
N GLN B 51 6.90 -30.62 33.77
CA GLN B 51 6.82 -29.95 35.04
C GLN B 51 5.40 -29.87 35.58
N GLN B 52 4.39 -29.80 34.70
CA GLN B 52 3.01 -29.60 35.13
C GLN B 52 2.87 -28.39 36.07
N PRO B 53 3.28 -27.21 35.58
CA PRO B 53 3.32 -26.04 36.47
C PRO B 53 1.96 -25.57 36.96
N LEU B 54 0.88 -25.99 36.29
CA LEU B 54 -0.46 -25.61 36.71
C LEU B 54 -1.20 -26.76 37.43
N LYS B 55 -0.47 -27.80 37.87
CA LYS B 55 -1.09 -28.83 38.69
C LYS B 55 -1.63 -28.22 39.96
N GLY B 56 -2.91 -28.44 40.19
CA GLY B 56 -3.61 -27.84 41.36
C GLY B 56 -4.26 -26.51 41.07
N ALA B 57 -3.98 -25.90 39.90
CA ALA B 57 -4.67 -24.66 39.55
C ALA B 57 -6.13 -25.01 39.13
N LYS B 58 -7.04 -24.14 39.56
CA LYS B 58 -8.46 -24.23 39.26
C LYS B 58 -8.86 -22.85 38.75
N ILE B 59 -8.95 -22.77 37.42
CA ILE B 59 -9.02 -21.47 36.72
C ILE B 59 -10.45 -21.19 36.25
N LEU B 60 -10.99 -20.07 36.73
CA LEU B 60 -12.19 -19.48 36.18
C LEU B 60 -11.79 -18.66 34.96
N GLY B 61 -12.31 -19.01 33.79
CA GLY B 61 -11.99 -18.29 32.57
C GLY B 61 -13.21 -17.65 31.96
N CYS B 62 -13.05 -16.40 31.51
CA CYS B 62 -14.11 -15.64 30.83
C CYS B 62 -13.48 -14.93 29.67
N ILE B 63 -13.60 -15.54 28.49
CA ILE B 63 -13.04 -14.99 27.26
C ILE B 63 -13.74 -15.69 26.10
N HIS B 64 -14.03 -14.89 25.07
CA HIS B 64 -14.66 -15.30 23.81
C HIS B 64 -14.39 -16.79 23.51
N MET B 65 -15.45 -17.56 23.42
CA MET B 65 -15.29 -19.03 23.26
C MET B 65 -15.15 -19.43 21.80
N THR B 66 -13.97 -19.09 21.27
CA THR B 66 -13.59 -19.34 19.90
C THR B 66 -12.69 -20.59 19.80
N ILE B 67 -12.38 -20.96 18.56
CA ILE B 67 -11.40 -22.04 18.34
C ILE B 67 -10.06 -21.67 19.01
N GLN B 68 -9.65 -20.41 18.92
CA GLN B 68 -8.37 -19.97 19.48
C GLN B 68 -8.38 -20.15 21.00
N THR B 69 -9.48 -19.73 21.64
CA THR B 69 -9.63 -19.96 23.08
C THR B 69 -9.58 -21.43 23.42
N GLY B 70 -10.16 -22.25 22.54
CA GLY B 70 -10.08 -23.69 22.77
C GLY B 70 -8.66 -24.23 22.88
N VAL B 71 -7.78 -23.72 22.05
CA VAL B 71 -6.36 -24.12 22.11
C VAL B 71 -5.73 -23.61 23.41
N LEU B 72 -6.09 -22.40 23.83
CA LEU B 72 -5.64 -21.88 25.14
C LEU B 72 -6.12 -22.78 26.27
N ILE B 73 -7.42 -23.09 26.31
CA ILE B 73 -7.97 -23.94 27.36
C ILE B 73 -7.25 -25.26 27.43
N GLU B 74 -7.07 -25.90 26.27
CA GLU B 74 -6.47 -27.23 26.26
C GLU B 74 -4.97 -27.16 26.64
N THR B 75 -4.33 -26.00 26.40
CA THR B 75 -2.95 -25.79 26.88
C THR B 75 -2.91 -25.73 28.41
N LEU B 76 -3.81 -24.92 28.99
CA LEU B 76 -3.89 -24.83 30.44
C LEU B 76 -4.07 -26.23 31.07
N VAL B 77 -5.05 -26.98 30.52
CA VAL B 77 -5.31 -28.34 31.01
C VAL B 77 -4.10 -29.28 30.82
N ALA B 78 -3.44 -29.16 29.68
CA ALA B 78 -2.27 -30.00 29.42
C ALA B 78 -1.13 -29.73 30.39
N LEU B 79 -1.11 -28.51 30.98
CA LEU B 79 -0.11 -28.14 31.97
C LEU B 79 -0.51 -28.39 33.41
N GLY B 80 -1.71 -29.00 33.57
CA GLY B 80 -2.19 -29.47 34.88
C GLY B 80 -3.43 -28.82 35.44
N ALA B 81 -3.88 -27.75 34.82
CA ALA B 81 -5.05 -27.02 35.36
C ALA B 81 -6.35 -27.76 35.15
N GLU B 82 -7.32 -27.45 36.02
CA GLU B 82 -8.73 -27.65 35.73
C GLU B 82 -9.30 -26.27 35.46
N VAL B 83 -10.31 -26.20 34.61
CA VAL B 83 -10.95 -24.92 34.30
C VAL B 83 -12.46 -25.02 34.28
N ARG B 84 -13.11 -23.87 34.41
CA ARG B 84 -14.54 -23.71 34.16
C ARG B 84 -14.69 -22.42 33.34
N TRP B 85 -15.39 -22.51 32.21
CA TRP B 85 -15.27 -21.45 31.19
C TRP B 85 -16.59 -20.87 30.73
N SER B 86 -16.52 -19.57 30.41
CA SER B 86 -17.64 -18.84 29.77
C SER B 86 -17.06 -17.85 28.77
N SER B 87 -17.91 -17.33 27.89
CA SER B 87 -17.53 -16.30 26.97
C SER B 87 -17.66 -14.91 27.64
N CYS B 88 -16.90 -13.95 27.16
CA CYS B 88 -17.02 -12.56 27.60
C CYS B 88 -17.82 -11.67 26.67
N ASN B 89 -18.56 -12.29 25.74
CA ASN B 89 -19.47 -11.50 24.90
C ASN B 89 -20.62 -12.40 24.45
N ILE B 90 -21.80 -11.81 24.33
CA ILE B 90 -22.99 -12.58 23.95
C ILE B 90 -22.96 -13.15 22.51
N PHE B 91 -22.13 -12.54 21.63
CA PHE B 91 -22.10 -12.93 20.22
C PHE B 91 -20.79 -13.54 19.76
N SER B 92 -19.81 -13.69 20.67
CA SER B 92 -18.46 -14.05 20.19
C SER B 92 -18.18 -15.54 20.14
N THR B 93 -18.97 -16.36 20.82
CA THR B 93 -18.71 -17.80 20.81
C THR B 93 -18.84 -18.37 19.39
N GLN B 94 -17.94 -19.32 19.09
CA GLN B 94 -18.10 -20.20 17.93
C GLN B 94 -18.67 -21.50 18.48
N ASP B 95 -19.90 -21.83 18.08
CA ASP B 95 -20.58 -22.96 18.69
C ASP B 95 -19.80 -24.30 18.53
N GLN B 96 -19.09 -24.46 17.42
CA GLN B 96 -18.31 -25.66 17.24
C GLN B 96 -17.15 -25.75 18.20
N ALA B 97 -16.55 -24.59 18.56
CA ALA B 97 -15.49 -24.60 19.56
C ALA B 97 -16.03 -24.96 20.95
N ALA B 98 -17.13 -24.33 21.32
CA ALA B 98 -17.75 -24.66 22.61
C ALA B 98 -18.07 -26.15 22.68
N ALA B 99 -18.64 -26.69 21.60
CA ALA B 99 -18.99 -28.09 21.59
C ALA B 99 -17.76 -28.98 21.72
N ALA B 100 -16.67 -28.65 21.02
CA ALA B 100 -15.48 -29.51 21.12
C ALA B 100 -14.92 -29.53 22.54
N ILE B 101 -14.95 -28.37 23.20
CA ILE B 101 -14.43 -28.28 24.56
C ILE B 101 -15.35 -29.06 25.52
N ALA B 102 -16.68 -28.90 25.38
CA ALA B 102 -17.61 -29.69 26.23
C ALA B 102 -17.41 -31.17 26.03
N ALA B 103 -17.23 -31.57 24.76
CA ALA B 103 -17.05 -33.00 24.47
C ALA B 103 -15.79 -33.60 25.05
N ALA B 104 -14.80 -32.74 25.29
CA ALA B 104 -13.55 -33.14 25.91
C ALA B 104 -13.65 -33.22 27.43
N GLY B 105 -14.83 -32.95 27.96
CA GLY B 105 -15.03 -33.12 29.42
C GLY B 105 -14.69 -31.85 30.20
N ILE B 106 -14.68 -30.70 29.54
CA ILE B 106 -14.35 -29.43 30.20
C ILE B 106 -15.62 -28.60 30.38
N PRO B 107 -15.89 -28.10 31.59
CA PRO B 107 -17.10 -27.32 31.81
C PRO B 107 -17.03 -25.98 31.07
N VAL B 108 -17.98 -25.81 30.16
CA VAL B 108 -18.09 -24.60 29.38
C VAL B 108 -19.55 -24.24 29.25
N PHE B 109 -19.85 -22.94 29.37
CA PHE B 109 -21.20 -22.40 29.35
C PHE B 109 -21.17 -21.22 28.40
N ALA B 110 -21.50 -21.49 27.13
CA ALA B 110 -21.32 -20.48 26.09
C ALA B 110 -22.01 -20.86 24.82
N TRP B 111 -22.68 -19.88 24.21
CA TRP B 111 -23.25 -20.05 22.86
C TRP B 111 -23.31 -18.70 22.19
N LYS B 112 -23.34 -18.74 20.84
CA LYS B 112 -23.49 -17.52 20.10
C LYS B 112 -24.97 -17.05 20.20
N GLY B 113 -25.15 -15.77 20.53
CA GLY B 113 -26.49 -15.24 20.65
C GLY B 113 -27.17 -15.38 21.98
N GLU B 114 -26.39 -15.29 23.05
CA GLU B 114 -26.95 -15.23 24.41
C GLU B 114 -27.74 -13.94 24.61
N THR B 115 -28.75 -14.03 25.49
CA THR B 115 -29.32 -12.85 26.08
C THR B 115 -28.41 -12.35 27.21
N GLU B 116 -28.64 -11.11 27.69
CA GLU B 116 -27.82 -10.63 28.82
C GLU B 116 -28.01 -11.48 30.06
N GLU B 117 -29.26 -11.95 30.29
CA GLU B 117 -29.51 -12.81 31.45
C GLU B 117 -28.78 -14.13 31.31
N GLU B 118 -28.79 -14.71 30.11
CA GLU B 118 -28.03 -15.95 29.89
C GLU B 118 -26.54 -15.75 30.06
N TYR B 119 -26.03 -14.59 29.61
CA TYR B 119 -24.62 -14.26 29.77
C TYR B 119 -24.19 -14.31 31.24
N GLU B 120 -25.00 -13.68 32.09
CA GLU B 120 -24.70 -13.65 33.53
C GLU B 120 -24.81 -15.06 34.13
N TRP B 121 -25.83 -15.77 33.71
CA TRP B 121 -26.01 -17.18 34.15
C TRP B 121 -24.81 -18.06 33.81
N CYS B 122 -24.28 -17.86 32.62
CA CYS B 122 -23.11 -18.66 32.18
C CYS B 122 -21.88 -18.36 33.05
N ILE B 123 -21.63 -17.08 33.35
CA ILE B 123 -20.53 -16.77 34.25
C ILE B 123 -20.76 -17.41 35.62
N GLU B 124 -21.98 -17.33 36.11
CA GLU B 124 -22.32 -17.94 37.42
C GLU B 124 -22.11 -19.43 37.41
N GLN B 125 -22.35 -20.10 36.26
CA GLN B 125 -22.10 -21.55 36.22
C GLN B 125 -20.64 -21.90 36.30
N THR B 126 -19.77 -21.00 35.91
CA THR B 126 -18.34 -21.27 36.13
C THR B 126 -17.97 -21.11 37.59
N ILE B 127 -18.52 -20.08 38.23
CA ILE B 127 -18.20 -19.77 39.62
C ILE B 127 -18.71 -20.83 40.60
N LEU B 128 -19.93 -21.32 40.31
CA LEU B 128 -20.54 -22.34 41.14
C LEU B 128 -20.37 -23.69 40.50
N LYS B 129 -20.00 -24.66 41.27
CA LYS B 129 -20.01 -26.08 40.85
CA LYS B 129 -20.01 -26.08 40.85
C LYS B 129 -20.97 -26.78 41.82
N ASP B 130 -21.96 -27.45 41.22
CA ASP B 130 -22.93 -28.24 41.95
C ASP B 130 -23.60 -27.48 43.07
N GLY B 131 -23.90 -26.23 42.81
CA GLY B 131 -24.71 -25.42 43.72
C GLY B 131 -23.97 -24.67 44.81
N GLN B 132 -22.63 -24.77 44.82
CA GLN B 132 -21.81 -24.08 45.80
C GLN B 132 -20.58 -23.50 45.07
N PRO B 133 -19.91 -22.51 45.68
CA PRO B 133 -18.66 -21.99 45.06
C PRO B 133 -17.69 -23.09 44.74
N TRP B 134 -17.17 -23.06 43.53
CA TRP B 134 -16.06 -23.90 43.15
C TRP B 134 -14.85 -23.46 43.99
N ASP B 135 -13.92 -24.41 44.21
CA ASP B 135 -12.66 -24.09 44.87
C ASP B 135 -11.65 -23.48 43.89
N ALA B 136 -12.07 -22.40 43.23
CA ALA B 136 -11.24 -21.72 42.28
C ALA B 136 -10.03 -21.10 42.98
N ASN B 137 -8.93 -21.04 42.25
CA ASN B 137 -7.76 -20.32 42.75
C ASN B 137 -7.04 -19.44 41.76
N MET B 138 -7.60 -19.26 40.55
CA MET B 138 -7.02 -18.44 39.52
C MET B 138 -8.15 -17.90 38.65
N VAL B 139 -7.92 -16.73 38.04
CA VAL B 139 -8.89 -16.10 37.15
C VAL B 139 -8.19 -15.65 35.88
N LEU B 140 -8.82 -15.95 34.74
CA LEU B 140 -8.40 -15.49 33.42
C LEU B 140 -9.60 -14.72 32.85
N ASP B 141 -9.38 -13.45 32.52
CA ASP B 141 -10.50 -12.59 32.13
C ASP B 141 -10.15 -11.75 30.94
N ASP B 142 -11.19 -11.38 30.22
CA ASP B 142 -11.07 -10.48 29.05
C ASP B 142 -12.20 -9.46 29.16
N GLY B 143 -11.85 -8.32 29.71
CA GLY B 143 -12.73 -7.20 29.85
C GLY B 143 -13.19 -6.87 31.22
N GLY B 144 -12.97 -7.76 32.19
CA GLY B 144 -13.27 -7.50 33.58
C GLY B 144 -14.59 -7.93 34.11
N ASP B 145 -15.48 -8.53 33.29
CA ASP B 145 -16.80 -8.83 33.83
C ASP B 145 -16.77 -9.92 34.90
N LEU B 146 -15.99 -10.97 34.69
CA LEU B 146 -15.85 -12.04 35.71
C LEU B 146 -15.20 -11.47 36.99
N THR B 147 -14.17 -10.66 36.80
CA THR B 147 -13.47 -9.98 37.90
C THR B 147 -14.48 -9.18 38.72
N GLU B 148 -15.35 -8.43 38.02
CA GLU B 148 -16.33 -7.60 38.70
C GLU B 148 -17.30 -8.44 39.52
N ILE B 149 -17.82 -9.51 38.89
CA ILE B 149 -18.79 -10.38 39.56
C ILE B 149 -18.19 -11.01 40.80
N LEU B 150 -16.98 -11.53 40.68
CA LEU B 150 -16.32 -12.11 41.87
C LEU B 150 -16.20 -11.12 43.01
N HIS B 151 -15.73 -9.91 42.69
CA HIS B 151 -15.57 -8.91 43.73
C HIS B 151 -16.91 -8.45 44.34
N LYS B 152 -17.94 -8.33 43.53
CA LYS B 152 -19.26 -7.86 43.97
C LYS B 152 -20.04 -8.88 44.74
N LYS B 153 -20.07 -10.11 44.18
CA LYS B 153 -21.03 -11.09 44.65
C LYS B 153 -20.40 -12.28 45.39
N TYR B 154 -19.09 -12.50 45.17
CA TYR B 154 -18.43 -13.68 45.75
C TYR B 154 -17.09 -13.30 46.40
N PRO B 155 -17.08 -12.22 47.23
CA PRO B 155 -15.81 -11.79 47.78
C PRO B 155 -15.03 -12.87 48.54
N GLN B 156 -15.74 -13.76 49.25
N GLN B 156 -15.75 -13.77 49.24
CA GLN B 156 -15.04 -14.82 49.98
CA GLN B 156 -15.07 -14.83 49.99
C GLN B 156 -14.24 -15.73 49.07
C GLN B 156 -14.24 -15.71 49.08
N MET B 157 -14.69 -15.91 47.83
CA MET B 157 -13.90 -16.72 46.90
C MET B 157 -12.51 -16.10 46.63
N LEU B 158 -12.42 -14.77 46.63
CA LEU B 158 -11.18 -14.11 46.34
C LEU B 158 -10.11 -14.36 47.41
N GLU B 159 -10.50 -14.74 48.61
CA GLU B 159 -9.55 -15.08 49.67
C GLU B 159 -8.67 -16.28 49.28
N ARG B 160 -9.14 -17.11 48.36
CA ARG B 160 -8.42 -18.31 47.92
C ARG B 160 -7.82 -18.16 46.53
N ILE B 161 -7.97 -16.99 45.88
CA ILE B 161 -7.48 -16.82 44.50
C ILE B 161 -6.11 -16.14 44.51
N HIS B 162 -5.19 -16.71 43.74
CA HIS B 162 -3.83 -16.21 43.71
C HIS B 162 -3.60 -15.03 42.76
N GLY B 163 -4.51 -14.90 41.77
CA GLY B 163 -4.36 -13.80 40.86
C GLY B 163 -5.30 -13.83 39.67
N ILE B 164 -5.32 -12.69 38.94
CA ILE B 164 -6.09 -12.50 37.72
C ILE B 164 -5.12 -12.20 36.58
N THR B 165 -5.36 -12.85 35.42
CA THR B 165 -4.61 -12.49 34.21
C THR B 165 -5.61 -11.89 33.23
N GLU B 166 -5.42 -10.60 32.95
CA GLU B 166 -6.39 -9.83 32.18
C GLU B 166 -5.88 -9.54 30.77
N GLU B 167 -6.75 -9.89 29.82
CA GLU B 167 -6.43 -9.87 28.40
C GLU B 167 -6.37 -8.50 27.73
N THR B 168 -7.32 -7.59 28.05
CA THR B 168 -7.60 -6.51 27.13
C THR B 168 -7.54 -5.13 27.78
N THR B 169 -7.36 -4.12 26.91
CA THR B 169 -7.15 -2.76 27.36
C THR B 169 -8.24 -2.29 28.36
N THR B 170 -9.51 -2.53 28.00
CA THR B 170 -10.60 -2.09 28.90
C THR B 170 -10.52 -2.81 30.26
N GLY B 171 -10.24 -4.10 30.25
CA GLY B 171 -10.11 -4.83 31.51
C GLY B 171 -9.00 -4.31 32.39
N VAL B 172 -7.87 -3.95 31.77
CA VAL B 172 -6.77 -3.39 32.53
C VAL B 172 -7.16 -2.06 33.14
N HIS B 173 -7.85 -1.23 32.37
CA HIS B 173 -8.29 0.05 32.94
C HIS B 173 -9.16 -0.16 34.17
N ARG B 174 -10.05 -1.13 34.09
CA ARG B 174 -10.90 -1.44 35.23
C ARG B 174 -10.11 -1.91 36.43
N LEU B 175 -9.08 -2.75 36.20
CA LEU B 175 -8.24 -3.21 37.30
C LEU B 175 -7.50 -2.05 37.95
N LEU B 176 -6.96 -1.16 37.11
CA LEU B 176 -6.18 -0.06 37.66
C LEU B 176 -7.05 0.88 38.50
N ASP B 177 -8.32 1.02 38.09
CA ASP B 177 -9.24 1.84 38.86
C ASP B 177 -9.54 1.17 40.21
N MET B 178 -9.70 -0.15 40.21
CA MET B 178 -9.91 -0.83 41.48
C MET B 178 -8.68 -0.69 42.40
N LEU B 179 -7.49 -0.82 41.83
CA LEU B 179 -6.28 -0.70 42.62
C LEU B 179 -6.18 0.69 43.24
N LYS B 180 -6.45 1.72 42.44
CA LYS B 180 -6.39 3.10 42.93
C LYS B 180 -7.40 3.32 44.08
N ASN B 181 -8.58 2.68 43.97
CA ASN B 181 -9.63 2.82 44.97
C ASN B 181 -9.50 1.91 46.17
N GLY B 182 -8.52 0.99 46.13
CA GLY B 182 -8.38 0.04 47.21
C GLY B 182 -9.40 -1.08 47.22
N THR B 183 -10.04 -1.36 46.07
CA THR B 183 -11.08 -2.37 45.99
C THR B 183 -10.61 -3.69 45.31
N LEU B 184 -9.40 -3.71 44.77
CA LEU B 184 -8.87 -4.90 44.14
C LEU B 184 -8.39 -5.82 45.25
N LYS B 185 -8.81 -7.08 45.20
CA LYS B 185 -8.53 -8.03 46.29
C LYS B 185 -7.40 -9.01 46.00
N VAL B 186 -6.97 -9.16 44.76
CA VAL B 186 -5.90 -10.09 44.39
C VAL B 186 -5.03 -9.41 43.32
N PRO B 187 -3.76 -9.82 43.22
CA PRO B 187 -2.90 -9.18 42.22
C PRO B 187 -3.26 -9.62 40.81
N ALA B 188 -2.79 -8.85 39.84
CA ALA B 188 -3.09 -9.13 38.45
C ALA B 188 -1.88 -8.97 37.55
N ILE B 189 -1.89 -9.69 36.44
CA ILE B 189 -0.96 -9.41 35.34
C ILE B 189 -1.80 -8.84 34.19
N ASN B 190 -1.31 -7.67 33.73
CA ASN B 190 -1.75 -6.99 32.52
C ASN B 190 -1.12 -7.72 31.32
N VAL B 191 -1.85 -8.66 30.75
CA VAL B 191 -1.36 -9.38 29.59
C VAL B 191 -1.42 -8.50 28.34
N ASN B 192 -2.36 -7.55 28.31
CA ASN B 192 -2.53 -6.68 27.17
C ASN B 192 -1.22 -6.00 26.74
N ASP B 193 -0.45 -5.54 27.74
CA ASP B 193 0.72 -4.74 27.44
C ASP B 193 2.02 -5.49 27.21
N SER B 194 1.98 -6.80 27.05
CA SER B 194 3.10 -7.41 26.32
C SER B 194 3.11 -6.85 24.89
N VAL B 195 4.30 -6.67 24.31
CA VAL B 195 4.37 -6.22 22.91
C VAL B 195 3.74 -7.24 21.97
N THR B 196 4.01 -8.52 22.25
CA THR B 196 3.43 -9.61 21.51
C THR B 196 1.93 -9.82 21.75
N LYS B 197 1.31 -8.93 22.54
CA LYS B 197 -0.14 -8.86 22.69
C LYS B 197 -0.60 -7.53 22.05
N SER B 198 -0.43 -6.40 22.76
CA SER B 198 -0.91 -5.09 22.31
C SER B 198 -0.54 -4.75 20.86
N LYS B 199 0.73 -4.99 20.48
CA LYS B 199 1.21 -4.54 19.20
C LYS B 199 1.15 -5.65 18.12
N ASN B 200 0.39 -6.71 18.44
CA ASN B 200 0.13 -7.84 17.62
C ASN B 200 -1.40 -8.02 17.47
N ASP B 201 -2.03 -8.56 18.51
CA ASP B 201 -3.46 -8.75 18.59
C ASP B 201 -4.28 -7.46 18.34
N ASN B 202 -3.98 -6.42 19.13
CA ASN B 202 -4.89 -5.28 19.10
C ASN B 202 -4.85 -4.58 17.73
N LYS B 203 -3.65 -4.53 17.17
CA LYS B 203 -3.41 -3.88 15.91
C LYS B 203 -3.63 -4.81 14.69
N TYR B 204 -2.79 -5.82 14.53
CA TYR B 204 -2.89 -6.69 13.35
C TYR B 204 -4.09 -7.58 13.37
N GLY B 205 -4.57 -7.93 14.56
CA GLY B 205 -5.79 -8.76 14.61
C GLY B 205 -6.98 -8.00 14.04
N CYS B 206 -7.11 -6.72 14.40
CA CYS B 206 -8.19 -5.90 13.87
C CYS B 206 -7.98 -5.59 12.36
N ARG B 207 -6.74 -5.49 11.93
CA ARG B 207 -6.44 -5.35 10.53
CA ARG B 207 -6.44 -5.35 10.53
C ARG B 207 -7.01 -6.54 9.73
N HIS B 208 -6.79 -7.75 10.26
CA HIS B 208 -7.36 -8.93 9.60
C HIS B 208 -8.87 -9.03 9.68
N SER B 209 -9.40 -8.77 10.87
CA SER B 209 -10.77 -9.17 11.17
C SER B 209 -11.87 -8.11 11.00
N LEU B 210 -11.50 -6.83 10.91
CA LEU B 210 -12.52 -5.82 10.76
C LEU B 210 -13.18 -5.88 9.36
N ASN B 211 -12.32 -5.78 8.31
CA ASN B 211 -12.87 -5.91 6.93
C ASN B 211 -13.58 -7.24 6.76
N ASP B 212 -13.05 -8.29 7.40
CA ASP B 212 -13.64 -9.62 7.32
C ASP B 212 -15.10 -9.57 7.80
N ALA B 213 -15.29 -9.00 9.00
CA ALA B 213 -16.63 -8.94 9.56
C ALA B 213 -17.60 -8.09 8.74
N ILE B 214 -17.11 -6.96 8.24
CA ILE B 214 -17.98 -6.12 7.43
C ILE B 214 -18.40 -6.85 6.15
N LYS B 215 -17.44 -7.52 5.50
CA LYS B 215 -17.81 -8.33 4.32
C LYS B 215 -18.81 -9.40 4.65
N ARG B 216 -18.60 -10.13 5.74
CA ARG B 216 -19.52 -11.22 6.01
C ARG B 216 -20.93 -10.70 6.33
N GLY B 217 -21.02 -9.55 6.99
CA GLY B 217 -22.34 -9.04 7.36
C GLY B 217 -23.10 -8.41 6.21
N THR B 218 -22.38 -7.66 5.36
CA THR B 218 -23.01 -6.84 4.33
C THR B 218 -22.64 -7.19 2.89
N ASP B 219 -21.50 -7.84 2.71
CA ASP B 219 -20.87 -8.01 1.40
C ASP B 219 -20.73 -6.71 0.60
N HIS B 220 -20.60 -5.60 1.31
CA HIS B 220 -20.36 -4.32 0.67
C HIS B 220 -18.97 -4.20 0.10
N LEU B 221 -18.92 -3.66 -1.13
CA LEU B 221 -17.67 -3.14 -1.61
C LEU B 221 -17.17 -2.05 -0.65
N LEU B 222 -15.88 -2.09 -0.33
CA LEU B 222 -15.27 -1.04 0.50
C LEU B 222 -14.48 -0.06 -0.34
N SER B 223 -13.83 -0.53 -1.41
CA SER B 223 -12.99 0.31 -2.24
C SER B 223 -13.79 1.53 -2.74
N GLY B 224 -13.20 2.70 -2.66
CA GLY B 224 -13.78 3.93 -3.19
C GLY B 224 -14.76 4.64 -2.29
N LYS B 225 -15.14 4.00 -1.19
CA LYS B 225 -16.11 4.56 -0.27
C LYS B 225 -15.39 5.28 0.91
N GLN B 226 -16.16 6.06 1.65
CA GLN B 226 -15.63 6.91 2.71
CA GLN B 226 -15.63 6.91 2.71
C GLN B 226 -15.89 6.27 4.08
N ALA B 227 -14.84 6.18 4.88
CA ALA B 227 -14.94 5.70 6.25
C ALA B 227 -14.48 6.77 7.23
N LEU B 228 -15.05 6.67 8.46
CA LEU B 228 -14.58 7.42 9.58
C LEU B 228 -14.28 6.45 10.70
N VAL B 229 -13.02 6.43 11.14
CA VAL B 229 -12.59 5.60 12.23
C VAL B 229 -12.43 6.52 13.46
N ILE B 230 -13.16 6.21 14.54
CA ILE B 230 -13.07 6.98 15.73
C ILE B 230 -12.04 6.28 16.65
N GLY B 231 -10.90 6.95 16.83
CA GLY B 231 -9.76 6.45 17.57
C GLY B 231 -8.62 5.96 16.72
N TYR B 232 -7.43 6.12 17.26
CA TYR B 232 -6.19 5.74 16.56
C TYR B 232 -5.15 5.25 17.56
N GLY B 233 -5.67 4.47 18.57
CA GLY B 233 -4.79 3.67 19.41
C GLY B 233 -4.45 2.37 18.66
N ASP B 234 -4.17 1.31 19.39
CA ASP B 234 -3.77 0.08 18.67
C ASP B 234 -4.88 -0.48 17.77
N VAL B 235 -6.08 -0.55 18.33
CA VAL B 235 -7.23 -1.02 17.58
C VAL B 235 -7.56 -0.09 16.41
N GLY B 236 -7.56 1.22 16.68
CA GLY B 236 -7.79 2.16 15.63
C GLY B 236 -6.78 2.16 14.49
N LYS B 237 -5.52 1.98 14.86
CA LYS B 237 -4.47 1.85 13.82
C LYS B 237 -4.74 0.61 12.92
N GLY B 238 -5.01 -0.52 13.59
CA GLY B 238 -5.28 -1.75 12.82
C GLY B 238 -6.54 -1.65 11.97
N SER B 239 -7.57 -1.05 12.58
CA SER B 239 -8.85 -0.89 11.89
C SER B 239 -8.73 0.05 10.67
N SER B 240 -8.02 1.16 10.85
CA SER B 240 -7.80 2.06 9.75
C SER B 240 -7.09 1.40 8.60
N GLN B 241 -6.07 0.58 8.93
CA GLN B 241 -5.38 -0.15 7.88
C GLN B 241 -6.27 -1.20 7.21
N SER B 242 -7.10 -1.89 8.03
CA SER B 242 -8.03 -2.88 7.48
C SER B 242 -8.85 -2.28 6.31
N LEU B 243 -9.29 -1.03 6.52
CA LEU B 243 -10.13 -0.34 5.55
C LEU B 243 -9.31 0.31 4.41
N ARG B 244 -8.21 0.97 4.78
CA ARG B 244 -7.41 1.65 3.74
C ARG B 244 -6.79 0.63 2.75
N GLN B 245 -6.41 -0.53 3.25
CA GLN B 245 -5.81 -1.53 2.35
C GLN B 245 -6.80 -2.08 1.33
N GLU B 246 -8.10 -1.98 1.64
CA GLU B 246 -9.19 -2.33 0.72
C GLU B 246 -9.54 -1.22 -0.25
N GLY B 247 -8.90 -0.07 -0.11
CA GLY B 247 -9.18 1.08 -0.96
C GLY B 247 -10.22 2.06 -0.45
N MET B 248 -10.58 1.97 0.85
CA MET B 248 -11.43 3.01 1.38
C MET B 248 -10.63 4.32 1.51
N ILE B 249 -11.39 5.42 1.46
CA ILE B 249 -10.87 6.75 1.80
C ILE B 249 -11.20 6.92 3.29
N VAL B 250 -10.20 6.81 4.13
CA VAL B 250 -10.36 6.77 5.59
C VAL B 250 -10.00 8.10 6.20
N LYS B 251 -10.92 8.61 7.03
CA LYS B 251 -10.66 9.72 7.92
C LYS B 251 -10.64 9.20 9.35
N VAL B 252 -9.83 9.83 10.17
CA VAL B 252 -9.60 9.40 11.57
C VAL B 252 -9.93 10.53 12.53
N ALA B 253 -10.63 10.20 13.61
CA ALA B 253 -10.89 11.12 14.73
C ALA B 253 -10.08 10.69 15.91
N GLU B 254 -9.57 11.66 16.67
CA GLU B 254 -8.80 11.38 17.89
C GLU B 254 -8.93 12.55 18.84
N VAL B 255 -8.82 12.25 20.13
CA VAL B 255 -8.63 13.21 21.19
C VAL B 255 -7.16 13.40 21.58
N ASP B 256 -6.32 12.41 21.27
CA ASP B 256 -4.91 12.40 21.66
C ASP B 256 -4.08 12.90 20.50
N PRO B 257 -3.49 14.11 20.64
CA PRO B 257 -2.74 14.65 19.50
C PRO B 257 -1.56 13.83 19.01
N ILE B 258 -0.93 13.04 19.91
CA ILE B 258 0.16 12.18 19.46
C ILE B 258 -0.37 11.09 18.53
N CYS B 259 -1.47 10.46 18.92
CA CYS B 259 -2.08 9.48 18.01
C CYS B 259 -2.55 10.12 16.72
N ALA B 260 -3.09 11.34 16.83
CA ALA B 260 -3.53 12.07 15.63
C ALA B 260 -2.33 12.38 14.70
N MET B 261 -1.18 12.73 15.30
CA MET B 261 0.03 12.95 14.49
CA MET B 261 0.02 12.96 14.49
C MET B 261 0.39 11.68 13.71
N GLN B 262 0.31 10.53 14.39
CA GLN B 262 0.61 9.26 13.70
C GLN B 262 -0.34 9.04 12.52
N ALA B 263 -1.67 9.34 12.74
CA ALA B 263 -2.61 9.16 11.67
C ALA B 263 -2.25 10.03 10.47
N CYS B 264 -1.93 11.31 10.72
CA CYS B 264 -1.50 12.19 9.62
C CYS B 264 -0.33 11.59 8.83
N MET B 265 0.71 11.20 9.57
CA MET B 265 1.90 10.67 8.92
C MET B 265 1.67 9.34 8.21
N ASP B 266 0.67 8.61 8.67
CA ASP B 266 0.27 7.35 8.06
C ASP B 266 -0.61 7.57 6.82
N GLY B 267 -0.93 8.85 6.50
CA GLY B 267 -1.65 9.14 5.29
C GLY B 267 -3.14 9.32 5.43
N PHE B 268 -3.60 9.63 6.64
CA PHE B 268 -5.02 9.86 6.88
C PHE B 268 -5.28 11.34 7.17
N GLU B 269 -6.46 11.83 6.78
CA GLU B 269 -6.96 13.09 7.19
C GLU B 269 -7.60 12.94 8.56
N VAL B 270 -7.25 13.86 9.49
CA VAL B 270 -7.77 13.81 10.84
C VAL B 270 -8.89 14.85 10.96
N VAL B 271 -10.06 14.38 11.34
CA VAL B 271 -11.26 15.19 11.39
C VAL B 271 -12.01 14.89 12.70
N SER B 272 -12.90 15.83 13.05
CA SER B 272 -13.82 15.60 14.16
C SER B 272 -15.25 15.52 13.69
N PRO B 273 -16.08 14.71 14.34
CA PRO B 273 -17.51 14.77 14.06
C PRO B 273 -18.17 16.12 14.43
N TYR B 274 -17.49 16.87 15.30
CA TYR B 274 -18.03 18.12 15.82
C TYR B 274 -17.28 19.30 15.24
N LYS B 275 -18.02 20.40 15.06
CA LYS B 275 -17.40 21.61 14.53
C LYS B 275 -16.30 22.08 15.49
N ASN B 276 -15.09 22.30 14.96
CA ASN B 276 -13.92 22.70 15.75
C ASN B 276 -13.57 21.69 16.86
N GLY B 277 -14.08 20.47 16.73
CA GLY B 277 -13.87 19.47 17.73
C GLY B 277 -14.65 19.59 19.03
N ILE B 278 -15.57 20.55 19.10
CA ILE B 278 -16.26 20.84 20.36
C ILE B 278 -17.70 20.31 20.28
N ASN B 279 -17.98 19.31 21.10
CA ASN B 279 -19.37 18.82 21.24
C ASN B 279 -20.16 19.65 22.26
N ASP B 280 -21.23 20.28 21.83
CA ASP B 280 -22.09 21.01 22.74
C ASP B 280 -23.33 20.18 23.19
N GLY B 281 -23.41 18.93 22.75
CA GLY B 281 -24.53 18.06 23.02
C GLY B 281 -25.74 18.20 22.08
N THR B 282 -25.70 19.18 21.17
CA THR B 282 -26.81 19.47 20.30
C THR B 282 -26.38 19.19 18.83
N GLU B 283 -27.42 19.08 17.99
CA GLU B 283 -27.21 18.92 16.58
C GLU B 283 -26.46 20.07 15.94
N ALA B 284 -26.56 21.27 16.48
CA ALA B 284 -25.83 22.41 15.90
C ALA B 284 -24.31 22.24 15.92
N SER B 285 -23.78 21.44 16.84
CA SER B 285 -22.34 21.24 16.88
C SER B 285 -21.86 20.13 15.96
N ILE B 286 -22.74 19.42 15.31
CA ILE B 286 -22.33 18.33 14.42
C ILE B 286 -21.88 18.88 13.10
N ASP B 287 -20.77 18.33 12.59
CA ASP B 287 -20.35 18.62 11.21
C ASP B 287 -21.16 17.78 10.26
N ALA B 288 -22.34 18.30 9.92
CA ALA B 288 -23.29 17.53 9.13
C ALA B 288 -22.77 17.30 7.71
N ALA B 289 -22.02 18.23 7.17
CA ALA B 289 -21.45 18.03 5.83
C ALA B 289 -20.47 16.82 5.79
N LEU B 290 -19.64 16.72 6.81
CA LEU B 290 -18.70 15.61 6.95
C LEU B 290 -19.47 14.28 7.08
N LEU B 291 -20.34 14.24 8.09
CA LEU B 291 -21.02 12.97 8.38
C LEU B 291 -21.95 12.53 7.28
N GLY B 292 -22.48 13.50 6.52
CA GLY B 292 -23.31 13.17 5.38
C GLY B 292 -22.61 12.53 4.20
N LYS B 293 -21.29 12.46 4.24
CA LYS B 293 -20.45 11.79 3.19
C LYS B 293 -19.90 10.45 3.66
N ILE B 294 -20.15 10.05 4.90
CA ILE B 294 -19.56 8.83 5.46
C ILE B 294 -20.41 7.61 5.21
N ASP B 295 -19.77 6.60 4.59
CA ASP B 295 -20.41 5.32 4.28
C ASP B 295 -20.26 4.26 5.40
N LEU B 296 -19.28 4.47 6.28
CA LEU B 296 -18.92 3.51 7.27
C LEU B 296 -18.29 4.24 8.46
N ILE B 297 -18.79 3.99 9.66
CA ILE B 297 -18.19 4.49 10.87
C ILE B 297 -17.84 3.31 11.77
N VAL B 298 -16.63 3.36 12.33
CA VAL B 298 -16.10 2.31 13.19
C VAL B 298 -15.55 2.93 14.47
N THR B 299 -16.05 2.47 15.63
CA THR B 299 -15.54 2.95 16.90
C THR B 299 -14.50 2.01 17.47
N THR B 300 -13.40 2.60 18.01
CA THR B 300 -12.23 1.81 18.43
C THR B 300 -11.69 2.25 19.77
N THR B 301 -12.46 2.97 20.57
CA THR B 301 -11.87 3.79 21.62
C THR B 301 -11.75 3.18 23.00
N GLY B 302 -12.65 2.27 23.37
CA GLY B 302 -12.80 1.91 24.76
C GLY B 302 -13.44 2.99 25.64
N ASN B 303 -13.99 4.02 25.01
CA ASN B 303 -14.67 5.14 25.68
C ASN B 303 -16.17 5.01 25.52
N VAL B 304 -16.91 6.03 25.97
CA VAL B 304 -18.35 5.99 25.98
C VAL B 304 -18.92 7.04 25.03
N ASN B 305 -19.91 6.62 24.27
CA ASN B 305 -20.69 7.55 23.47
C ASN B 305 -19.85 8.38 22.53
N VAL B 306 -19.01 7.68 21.79
CA VAL B 306 -18.14 8.33 20.81
C VAL B 306 -18.79 8.33 19.40
N CYS B 307 -19.86 7.55 19.24
CA CYS B 307 -20.77 7.70 18.09
C CYS B 307 -22.16 7.90 18.67
N ASP B 308 -22.46 9.18 18.87
CA ASP B 308 -23.61 9.60 19.63
C ASP B 308 -24.87 9.76 18.81
N ALA B 309 -25.97 10.09 19.49
CA ALA B 309 -27.25 10.14 18.79
C ALA B 309 -27.26 11.21 17.69
N ASN B 310 -26.65 12.35 17.97
CA ASN B 310 -26.62 13.42 16.95
C ASN B 310 -25.77 13.06 15.75
N MET B 311 -24.70 12.29 15.98
CA MET B 311 -23.89 11.80 14.88
C MET B 311 -24.73 10.79 14.05
N LEU B 312 -25.46 9.91 14.74
CA LEU B 312 -26.26 8.93 14.07
C LEU B 312 -27.32 9.58 13.20
N LYS B 313 -27.92 10.68 13.69
CA LYS B 313 -28.91 11.41 12.92
C LYS B 313 -28.36 12.02 11.63
N ALA B 314 -27.07 12.40 11.68
CA ALA B 314 -26.44 13.12 10.61
C ALA B 314 -25.74 12.22 9.58
N LEU B 315 -25.55 10.94 9.89
CA LEU B 315 -24.83 10.06 8.94
C LEU B 315 -25.59 9.98 7.64
N LYS B 316 -24.81 9.81 6.58
CA LYS B 316 -25.32 9.50 5.24
C LYS B 316 -26.33 8.34 5.30
N LYS B 317 -27.41 8.46 4.53
CA LYS B 317 -28.34 7.32 4.40
C LYS B 317 -27.59 6.07 3.97
N ARG B 318 -27.93 4.97 4.64
CA ARG B 318 -27.45 3.63 4.31
C ARG B 318 -25.98 3.40 4.76
N ALA B 319 -25.45 4.29 5.60
CA ALA B 319 -24.16 4.05 6.20
C ALA B 319 -24.19 2.84 7.09
N VAL B 320 -23.04 2.18 7.18
CA VAL B 320 -22.82 1.08 8.11
C VAL B 320 -22.16 1.65 9.40
N VAL B 321 -22.67 1.14 10.53
CA VAL B 321 -22.21 1.57 11.85
C VAL B 321 -21.76 0.30 12.59
N CYS B 322 -20.54 0.32 13.15
CA CYS B 322 -20.06 -0.80 13.93
C CYS B 322 -19.03 -0.35 14.94
N ASN B 323 -18.82 -1.22 15.92
CA ASN B 323 -17.92 -0.98 17.02
C ASN B 323 -16.99 -2.20 17.11
N ILE B 324 -15.71 -1.92 17.32
CA ILE B 324 -14.71 -2.99 17.56
C ILE B 324 -14.00 -2.78 18.89
N GLY B 325 -14.40 -1.81 19.69
CA GLY B 325 -13.96 -1.74 21.06
C GLY B 325 -14.67 -2.76 21.92
N HIS B 326 -14.23 -2.94 23.14
CA HIS B 326 -14.77 -4.03 23.96
C HIS B 326 -16.27 -4.01 24.23
N PHE B 327 -16.84 -2.82 24.50
CA PHE B 327 -18.22 -2.69 24.94
C PHE B 327 -19.03 -1.88 23.96
N ASP B 328 -20.32 -2.27 23.85
CA ASP B 328 -21.24 -1.65 22.91
C ASP B 328 -21.61 -0.19 23.17
N ASN B 329 -21.35 0.30 24.35
CA ASN B 329 -21.70 1.70 24.67
C ASN B 329 -20.86 2.75 24.00
N GLU B 330 -19.88 2.36 23.21
CA GLU B 330 -19.24 3.30 22.28
C GLU B 330 -20.24 3.97 21.37
N ILE B 331 -21.30 3.26 20.99
CA ILE B 331 -22.35 3.75 20.12
C ILE B 331 -23.62 3.87 20.92
N ASP B 332 -24.41 4.95 20.68
CA ASP B 332 -25.69 5.15 21.38
C ASP B 332 -26.78 4.28 20.76
N THR B 333 -26.65 2.96 20.98
CA THR B 333 -27.68 2.05 20.46
C THR B 333 -28.99 2.20 21.27
N ALA B 334 -28.91 2.61 22.52
CA ALA B 334 -30.08 2.82 23.30
C ALA B 334 -31.00 3.89 22.66
N PHE B 335 -30.41 4.97 22.17
CA PHE B 335 -31.15 5.96 21.44
C PHE B 335 -31.86 5.36 20.24
N MET B 336 -31.17 4.50 19.52
CA MET B 336 -31.74 3.88 18.35
C MET B 336 -32.87 2.92 18.71
N ARG B 337 -32.74 2.18 19.79
CA ARG B 337 -33.83 1.27 20.20
C ARG B 337 -35.04 2.05 20.65
N LYS B 338 -34.83 3.21 21.24
CA LYS B 338 -35.96 4.02 21.74
C LYS B 338 -36.70 4.74 20.62
N ASN B 339 -35.97 5.11 19.54
CA ASN B 339 -36.54 6.05 18.56
C ASN B 339 -36.79 5.52 17.17
N TRP B 340 -36.09 4.45 16.77
CA TRP B 340 -36.08 4.04 15.38
C TRP B 340 -36.48 2.55 15.29
N ALA B 341 -36.91 2.12 14.12
CA ALA B 341 -37.45 0.79 13.93
C ALA B 341 -36.35 -0.13 13.39
N TRP B 342 -36.19 -1.27 14.01
CA TRP B 342 -35.15 -2.24 13.65
C TRP B 342 -35.71 -3.37 12.79
N GLU B 343 -35.07 -3.59 11.65
CA GLU B 343 -35.40 -4.65 10.73
C GLU B 343 -34.21 -5.61 10.66
N GLU B 344 -34.37 -6.83 11.12
CA GLU B 344 -33.31 -7.81 11.03
C GLU B 344 -33.11 -8.21 9.60
N VAL B 345 -31.88 -8.07 9.08
CA VAL B 345 -31.58 -8.59 7.75
C VAL B 345 -31.31 -10.09 7.87
N LYS B 346 -30.38 -10.40 8.78
CA LYS B 346 -29.96 -11.76 9.13
C LYS B 346 -29.33 -11.62 10.53
N PRO B 347 -28.96 -12.72 11.17
CA PRO B 347 -28.41 -12.57 12.49
C PRO B 347 -27.21 -11.58 12.51
N GLN B 348 -27.24 -10.70 13.53
CA GLN B 348 -26.20 -9.72 13.75
C GLN B 348 -26.11 -8.66 12.67
N VAL B 349 -27.18 -8.48 11.87
CA VAL B 349 -27.20 -7.41 10.88
C VAL B 349 -28.61 -6.81 10.93
N HIS B 350 -28.72 -5.54 11.33
CA HIS B 350 -29.99 -4.85 11.41
C HIS B 350 -29.98 -3.57 10.58
N LYS B 351 -31.07 -3.35 9.86
CA LYS B 351 -31.35 -2.05 9.28
C LYS B 351 -32.15 -1.27 10.30
N ILE B 352 -31.70 -0.05 10.59
CA ILE B 352 -32.29 0.80 11.58
CA ILE B 352 -32.31 0.80 11.57
C ILE B 352 -32.94 1.97 10.82
N HIS B 353 -34.27 2.01 10.82
CA HIS B 353 -35.01 2.93 9.98
C HIS B 353 -35.26 4.23 10.76
N ARG B 354 -34.74 5.33 10.21
CA ARG B 354 -34.76 6.63 10.87
C ARG B 354 -36.05 7.39 10.70
N THR B 355 -37.05 6.72 10.16
CA THR B 355 -38.35 7.24 9.90
C THR B 355 -39.29 7.25 11.08
N GLY B 356 -38.94 6.61 12.18
CA GLY B 356 -39.84 6.48 13.32
C GLY B 356 -39.71 5.14 14.00
N LYS B 357 -40.44 4.99 15.12
CA LYS B 357 -40.25 3.88 16.00
C LYS B 357 -41.13 2.69 15.65
N ASP B 358 -42.33 2.95 15.14
CA ASP B 358 -43.39 1.94 15.08
C ASP B 358 -43.60 1.58 13.62
N GLY B 359 -42.93 0.54 13.22
CA GLY B 359 -43.00 0.10 11.87
C GLY B 359 -42.05 0.83 10.93
N PHE B 360 -41.95 0.25 9.75
CA PHE B 360 -41.12 0.80 8.68
C PHE B 360 -41.67 0.31 7.36
N ASP B 361 -41.32 1.04 6.33
CA ASP B 361 -41.57 0.66 4.96
C ASP B 361 -40.40 -0.21 4.49
N ALA B 362 -40.71 -1.40 3.92
CA ALA B 362 -39.69 -2.35 3.50
C ALA B 362 -38.73 -1.75 2.47
N HIS B 363 -39.21 -0.75 1.75
CA HIS B 363 -38.46 -0.02 0.73
C HIS B 363 -37.97 1.37 1.15
N ASN B 364 -38.04 1.69 2.41
CA ASN B 364 -37.42 2.91 2.93
C ASN B 364 -35.94 3.04 2.54
N ASP B 365 -35.53 4.23 2.14
CA ASP B 365 -34.14 4.51 1.80
C ASP B 365 -33.35 5.08 3.00
N ASP B 366 -34.04 5.50 4.06
CA ASP B 366 -33.42 6.27 5.11
C ASP B 366 -33.22 5.35 6.31
N TYR B 367 -32.17 4.54 6.22
CA TYR B 367 -31.83 3.63 7.28
C TYR B 367 -30.31 3.59 7.45
N LEU B 368 -29.85 3.09 8.59
CA LEU B 368 -28.49 2.73 8.81
C LEU B 368 -28.37 1.22 8.94
N ILE B 369 -27.20 0.65 8.66
CA ILE B 369 -26.99 -0.77 8.93
C ILE B 369 -26.05 -0.89 10.15
N LEU B 370 -26.57 -1.51 11.22
CA LEU B 370 -25.81 -1.74 12.42
C LEU B 370 -25.38 -3.20 12.46
N LEU B 371 -24.09 -3.43 12.75
CA LEU B 371 -23.53 -4.76 12.87
C LEU B 371 -23.42 -5.17 14.34
N ALA B 372 -23.82 -6.44 14.61
CA ALA B 372 -23.68 -7.06 15.93
C ALA B 372 -24.35 -6.30 17.05
N GLU B 373 -25.39 -5.54 16.74
CA GLU B 373 -26.05 -4.69 17.74
C GLU B 373 -25.07 -3.80 18.51
N GLY B 374 -24.01 -3.40 17.83
CA GLY B 374 -22.97 -2.57 18.43
C GLY B 374 -21.91 -3.30 19.27
N ARG B 375 -22.05 -4.62 19.41
CA ARG B 375 -21.08 -5.39 20.11
C ARG B 375 -19.86 -5.60 19.19
N LEU B 376 -18.74 -6.00 19.79
N LEU B 376 -18.74 -6.00 19.79
CA LEU B 376 -17.49 -6.07 19.02
CA LEU B 376 -17.51 -6.07 19.02
C LEU B 376 -17.67 -6.85 17.71
C LEU B 376 -17.68 -6.85 17.71
N VAL B 377 -17.44 -6.16 16.62
CA VAL B 377 -17.95 -6.61 15.32
C VAL B 377 -17.11 -7.76 14.74
N ASN B 378 -15.81 -7.74 15.01
CA ASN B 378 -14.96 -8.79 14.48
C ASN B 378 -15.39 -10.20 14.95
N LEU B 379 -15.72 -10.29 16.22
CA LEU B 379 -16.20 -11.53 16.82
C LEU B 379 -17.68 -11.78 16.57
N GLY B 380 -18.46 -10.69 16.46
CA GLY B 380 -19.88 -10.86 16.27
C GLY B 380 -20.33 -11.28 14.90
N ASN B 381 -19.69 -10.69 13.91
CA ASN B 381 -20.00 -10.95 12.48
C ASN B 381 -18.97 -11.78 11.74
N ALA B 382 -17.87 -12.08 12.38
CA ALA B 382 -16.88 -13.02 11.82
C ALA B 382 -16.36 -13.92 12.91
N THR B 383 -15.05 -14.19 12.98
CA THR B 383 -14.51 -15.14 13.93
C THR B 383 -13.41 -14.54 14.77
N GLY B 384 -13.39 -13.19 14.86
CA GLY B 384 -12.31 -12.54 15.56
C GLY B 384 -10.95 -12.75 14.88
N HIS B 385 -9.91 -12.54 15.69
CA HIS B 385 -8.56 -12.59 15.19
C HIS B 385 -8.17 -14.02 14.79
N PRO B 386 -7.23 -14.15 13.88
CA PRO B 386 -6.81 -15.47 13.43
C PRO B 386 -5.90 -16.16 14.45
N SER B 387 -5.88 -17.48 14.38
CA SER B 387 -5.05 -18.27 15.29
C SER B 387 -3.63 -17.82 15.39
N ARG B 388 -2.96 -17.51 14.25
CA ARG B 388 -1.54 -17.19 14.35
C ARG B 388 -1.24 -15.88 15.09
N ILE B 389 -2.24 -14.98 15.12
CA ILE B 389 -2.14 -13.78 15.95
C ILE B 389 -2.45 -14.08 17.40
N MET B 390 -3.54 -14.81 17.66
CA MET B 390 -3.94 -15.16 19.03
C MET B 390 -2.89 -15.99 19.76
N ASP B 391 -2.04 -16.67 18.99
CA ASP B 391 -0.90 -17.41 19.56
C ASP B 391 -0.11 -16.55 20.50
N GLY B 392 0.19 -15.32 20.06
CA GLY B 392 0.98 -14.44 20.93
C GLY B 392 0.27 -14.06 22.22
N SER B 393 -0.99 -13.61 22.08
CA SER B 393 -1.75 -13.27 23.25
C SER B 393 -1.86 -14.39 24.24
N PHE B 394 -2.14 -15.58 23.72
CA PHE B 394 -2.44 -16.70 24.56
C PHE B 394 -1.22 -17.38 25.15
N ALA B 395 -0.10 -17.28 24.46
CA ALA B 395 1.18 -17.68 25.09
C ALA B 395 1.45 -16.81 26.32
N ASN B 396 1.22 -15.49 26.16
CA ASN B 396 1.35 -14.61 27.30
C ASN B 396 0.39 -14.98 28.44
N GLN B 397 -0.87 -15.31 28.10
CA GLN B 397 -1.79 -15.73 29.14
C GLN B 397 -1.30 -16.93 29.93
N VAL B 398 -0.79 -17.94 29.19
CA VAL B 398 -0.30 -19.15 29.87
C VAL B 398 0.87 -18.79 30.82
N LEU B 399 1.81 -17.99 30.29
CA LEU B 399 2.95 -17.58 31.12
C LEU B 399 2.53 -16.80 32.38
N ALA B 400 1.55 -15.94 32.19
CA ALA B 400 1.01 -15.14 33.29
C ALA B 400 0.32 -16.00 34.36
N GLN B 401 -0.47 -16.97 33.89
CA GLN B 401 -1.08 -17.93 34.80
C GLN B 401 -0.02 -18.70 35.61
N ILE B 402 1.01 -19.18 34.90
CA ILE B 402 2.10 -19.88 35.59
C ILE B 402 2.71 -19.00 36.70
N HIS B 403 3.00 -17.74 36.32
CA HIS B 403 3.69 -16.87 37.24
C HIS B 403 2.86 -16.60 38.52
N LEU B 404 1.60 -16.19 38.33
CA LEU B 404 0.77 -15.88 39.51
C LEU B 404 0.44 -17.13 40.33
N PHE B 405 0.22 -18.25 39.65
CA PHE B 405 -0.06 -19.48 40.39
C PHE B 405 1.15 -19.88 41.24
N GLU B 406 2.35 -19.77 40.68
N GLU B 406 2.36 -19.78 40.68
CA GLU B 406 3.53 -20.11 41.44
CA GLU B 406 3.55 -20.09 41.43
C GLU B 406 3.80 -19.19 42.64
C GLU B 406 3.79 -19.19 42.64
N GLN B 407 3.42 -17.93 42.50
CA GLN B 407 3.63 -16.94 43.55
C GLN B 407 2.71 -17.14 44.78
N LYS B 408 1.56 -17.80 44.59
CA LYS B 408 0.78 -18.23 45.73
C LYS B 408 0.33 -17.08 46.70
N TYR B 409 -0.13 -15.98 46.11
CA TYR B 409 -0.58 -14.82 46.91
C TYR B 409 -1.63 -15.20 47.99
N ALA B 410 -2.56 -16.09 47.64
CA ALA B 410 -3.65 -16.35 48.55
C ALA B 410 -3.19 -17.02 49.83
N ASP B 411 -1.99 -17.61 49.83
CA ASP B 411 -1.48 -18.23 51.01
C ASP B 411 -0.63 -17.33 51.89
N LEU B 412 -0.46 -16.08 51.49
CA LEU B 412 0.26 -15.14 52.31
C LEU B 412 -0.52 -14.72 53.54
N PRO B 413 0.22 -14.37 54.61
CA PRO B 413 -0.49 -13.76 55.78
C PRO B 413 -1.14 -12.42 55.39
N ALA B 414 -2.20 -12.05 56.12
CA ALA B 414 -3.02 -10.88 55.77
C ALA B 414 -2.22 -9.59 55.60
N ALA B 415 -1.28 -9.34 56.49
CA ALA B 415 -0.47 -8.12 56.41
C ALA B 415 0.37 -8.05 55.15
N GLU B 416 0.86 -9.20 54.72
CA GLU B 416 1.65 -9.27 53.51
C GLU B 416 0.79 -9.24 52.25
N LYS B 417 -0.42 -9.79 52.28
CA LYS B 417 -1.31 -9.67 51.13
C LYS B 417 -1.54 -8.17 50.82
N ALA B 418 -1.69 -7.37 51.87
CA ALA B 418 -1.98 -5.95 51.68
C ALA B 418 -0.84 -5.24 50.88
N LYS B 419 0.37 -5.71 51.11
CA LYS B 419 1.60 -5.18 50.55
C LYS B 419 1.86 -5.68 49.15
N ARG B 420 1.21 -6.78 48.73
CA ARG B 420 1.54 -7.48 47.51
C ARG B 420 0.50 -7.29 46.38
N LEU B 421 -0.42 -6.36 46.55
CA LEU B 421 -1.42 -6.07 45.54
C LEU B 421 -0.81 -5.14 44.50
N SER B 422 -0.72 -5.64 43.27
CA SER B 422 -0.24 -4.86 42.17
C SER B 422 -0.85 -5.32 40.87
N VAL B 423 -0.65 -4.48 39.82
CA VAL B 423 -0.94 -4.86 38.44
C VAL B 423 0.37 -4.76 37.71
N GLU B 424 0.89 -5.90 37.27
CA GLU B 424 2.21 -6.00 36.67
C GLU B 424 2.12 -6.51 35.25
N VAL B 425 3.18 -6.31 34.48
CA VAL B 425 3.33 -6.91 33.15
C VAL B 425 4.38 -8.03 33.24
N LEU B 426 4.39 -8.87 32.22
CA LEU B 426 5.44 -9.90 32.11
C LEU B 426 6.76 -9.28 31.72
N PRO B 427 7.89 -9.93 32.14
CA PRO B 427 9.20 -9.39 31.78
C PRO B 427 9.43 -9.41 30.25
N LYS B 428 10.24 -8.46 29.81
CA LYS B 428 10.58 -8.35 28.43
C LYS B 428 11.24 -9.63 27.87
N LYS B 429 12.06 -10.30 28.69
CA LYS B 429 12.66 -11.52 28.21
C LYS B 429 11.60 -12.53 27.73
N LEU B 430 10.51 -12.67 28.47
CA LEU B 430 9.46 -13.58 28.05
C LEU B 430 8.70 -13.10 26.79
N ASP B 431 8.46 -11.78 26.72
CA ASP B 431 7.86 -11.20 25.55
C ASP B 431 8.71 -11.58 24.32
N GLU B 432 10.03 -11.43 24.43
CA GLU B 432 10.91 -11.81 23.35
C GLU B 432 10.87 -13.29 22.99
N GLU B 433 10.78 -14.14 24.02
CA GLU B 433 10.75 -15.57 23.77
C GLU B 433 9.46 -15.96 23.00
N VAL B 434 8.35 -15.33 23.36
CA VAL B 434 7.10 -15.57 22.64
C VAL B 434 7.28 -15.08 21.17
N ALA B 435 7.82 -13.88 21.02
CA ALA B 435 8.04 -13.33 19.69
C ALA B 435 8.92 -14.25 18.81
N LEU B 436 9.96 -14.82 19.41
CA LEU B 436 10.83 -15.72 18.62
C LEU B 436 10.06 -16.90 18.05
N GLU B 437 9.20 -17.48 18.89
CA GLU B 437 8.42 -18.61 18.40
C GLU B 437 7.45 -18.22 17.30
N MET B 438 6.88 -17.01 17.44
CA MET B 438 6.04 -16.48 16.36
C MET B 438 6.80 -16.31 15.06
N VAL B 439 7.99 -15.73 15.15
CA VAL B 439 8.82 -15.51 13.96
C VAL B 439 9.17 -16.82 13.28
N LYS B 440 9.56 -17.80 14.10
CA LYS B 440 9.86 -19.13 13.53
C LYS B 440 8.64 -19.71 12.82
N GLY B 441 7.44 -19.42 13.30
CA GLY B 441 6.28 -19.89 12.64
C GLY B 441 6.08 -19.37 11.22
N PHE B 442 6.61 -18.17 10.94
CA PHE B 442 6.66 -17.63 9.60
C PHE B 442 7.83 -18.11 8.77
N GLY B 443 8.69 -18.93 9.34
CA GLY B 443 9.91 -19.27 8.71
C GLY B 443 11.01 -18.21 8.82
N GLY B 444 10.81 -17.23 9.66
CA GLY B 444 11.79 -16.20 9.79
C GLY B 444 13.02 -16.66 10.57
N VAL B 445 14.17 -16.05 10.24
CA VAL B 445 15.43 -16.40 10.90
C VAL B 445 15.98 -15.11 11.53
N VAL B 446 16.04 -15.14 12.86
CA VAL B 446 16.64 -14.10 13.65
C VAL B 446 18.16 -14.28 13.70
N THR B 447 18.89 -13.20 13.52
CA THR B 447 20.34 -13.18 13.61
C THR B 447 20.79 -13.14 15.05
N GLN B 448 21.89 -13.81 15.37
CA GLN B 448 22.51 -13.74 16.69
C GLN B 448 23.63 -12.68 16.67
N LEU B 449 23.62 -11.80 17.68
CA LEU B 449 24.72 -10.86 17.91
C LEU B 449 26.02 -11.58 18.12
N THR B 450 27.09 -11.04 17.61
CA THR B 450 28.45 -11.46 18.02
C THR B 450 28.71 -10.88 19.44
N PRO B 451 29.65 -11.42 20.17
CA PRO B 451 30.00 -10.81 21.46
C PRO B 451 30.40 -9.33 21.34
N LYS B 452 31.18 -8.97 20.28
CA LYS B 452 31.59 -7.60 20.11
C LYS B 452 30.37 -6.68 19.85
N GLN B 453 29.43 -7.16 19.03
CA GLN B 453 28.24 -6.35 18.79
C GLN B 453 27.37 -6.17 20.02
N ALA B 454 27.22 -7.26 20.79
CA ALA B 454 26.44 -7.16 22.02
C ALA B 454 27.08 -6.16 22.98
N GLU B 455 28.41 -6.18 23.11
CA GLU B 455 29.09 -5.20 23.92
C GLU B 455 28.88 -3.77 23.40
N TYR B 456 28.91 -3.61 22.09
CA TYR B 456 28.82 -2.29 21.47
C TYR B 456 27.49 -1.62 21.74
N ILE B 457 26.40 -2.39 21.79
CA ILE B 457 25.10 -1.81 22.04
C ILE B 457 24.64 -2.04 23.51
N GLY B 458 25.47 -2.72 24.31
CA GLY B 458 25.17 -2.85 25.72
C GLY B 458 24.11 -3.84 26.14
N VAL B 459 24.04 -4.96 25.45
CA VAL B 459 23.08 -6.04 25.78
C VAL B 459 23.76 -7.39 25.84
N SER B 460 23.11 -8.32 26.48
CA SER B 460 23.49 -9.73 26.44
CA SER B 460 23.54 -9.72 26.41
C SER B 460 23.14 -10.32 25.06
N VAL B 461 23.94 -11.29 24.61
CA VAL B 461 23.64 -11.96 23.34
C VAL B 461 22.24 -12.59 23.35
N GLU B 462 21.80 -13.07 24.50
CA GLU B 462 20.49 -13.70 24.62
C GLU B 462 19.31 -12.73 24.79
N GLY B 463 19.61 -11.46 24.97
CA GLY B 463 18.60 -10.48 25.31
C GLY B 463 18.38 -10.39 26.82
N PRO B 464 17.54 -9.46 27.28
CA PRO B 464 16.72 -8.58 26.44
C PRO B 464 17.45 -7.56 25.64
N PHE B 465 16.89 -7.19 24.49
CA PHE B 465 17.60 -6.37 23.50
C PHE B 465 17.31 -4.90 23.59
N LYS B 466 16.28 -4.52 24.36
CA LYS B 466 15.82 -3.15 24.43
C LYS B 466 15.64 -2.79 25.88
N PRO B 467 15.82 -1.50 26.22
CA PRO B 467 15.47 -1.04 27.59
C PRO B 467 13.95 -1.05 27.76
N ASP B 468 13.54 -1.09 29.02
CA ASP B 468 12.10 -1.09 29.35
C ASP B 468 11.36 0.12 28.80
N THR B 469 12.05 1.24 28.55
CA THR B 469 11.47 2.42 27.96
C THR B 469 11.08 2.25 26.50
N TYR B 470 11.55 1.21 25.84
CA TYR B 470 11.39 1.14 24.39
C TYR B 470 9.97 0.90 23.95
N ARG B 471 9.56 1.62 22.90
CA ARG B 471 8.14 1.61 22.48
C ARG B 471 7.83 0.76 21.24
N TYR B 472 8.87 0.29 20.51
CA TYR B 472 8.65 -0.51 19.31
C TYR B 472 7.79 0.27 18.27
N PHE C 13 36.84 18.00 -33.96
CA PHE C 13 35.32 17.95 -33.90
C PHE C 13 34.71 19.14 -33.17
N THR C 14 33.87 19.86 -33.87
CA THR C 14 33.26 21.06 -33.31
C THR C 14 31.74 21.20 -33.58
N ASP C 15 31.15 20.17 -34.20
CA ASP C 15 29.75 20.26 -34.71
C ASP C 15 28.75 19.86 -33.60
N TYR C 16 28.66 20.71 -32.59
CA TYR C 16 27.84 20.45 -31.41
C TYR C 16 27.72 21.77 -30.63
N LYS C 17 26.77 21.81 -29.71
CA LYS C 17 26.72 22.88 -28.73
C LYS C 17 26.10 22.30 -27.47
N VAL C 18 26.89 22.31 -26.40
CA VAL C 18 26.50 21.82 -25.09
C VAL C 18 26.94 22.86 -24.02
N ALA C 19 26.44 22.70 -22.80
CA ALA C 19 26.78 23.64 -21.75
C ALA C 19 28.26 23.58 -21.39
N ASP C 20 28.81 22.36 -21.29
CA ASP C 20 30.15 22.22 -20.75
C ASP C 20 30.73 20.85 -21.11
N ILE C 21 31.63 20.86 -22.10
CA ILE C 21 32.20 19.60 -22.60
C ILE C 21 33.01 18.88 -21.54
N THR C 22 33.50 19.60 -20.52
CA THR C 22 34.30 18.96 -19.47
C THR C 22 33.49 18.00 -18.60
N LEU C 23 32.14 18.03 -18.71
CA LEU C 23 31.31 17.09 -17.99
C LEU C 23 31.26 15.71 -18.66
N ALA C 24 31.98 15.55 -19.79
CA ALA C 24 31.87 14.32 -20.57
C ALA C 24 32.30 13.05 -19.80
N ALA C 25 33.37 13.14 -19.03
CA ALA C 25 33.85 11.93 -18.32
C ALA C 25 32.81 11.43 -17.31
N TRP C 26 32.19 12.37 -16.60
CA TRP C 26 31.09 12.04 -15.69
C TRP C 26 29.92 11.41 -16.46
N GLY C 27 29.55 12.02 -17.56
CA GLY C 27 28.51 11.45 -18.37
C GLY C 27 28.79 10.01 -18.81
N ARG C 28 30.04 9.78 -19.23
CA ARG C 28 30.41 8.45 -19.65
C ARG C 28 30.33 7.47 -18.51
N ARG C 29 30.77 7.87 -17.30
CA ARG C 29 30.57 7.00 -16.16
C ARG C 29 29.13 6.60 -15.96
N GLU C 30 28.25 7.57 -16.08
CA GLU C 30 26.82 7.28 -15.89
C GLU C 30 26.23 6.48 -17.06
N LEU C 31 26.72 6.68 -18.29
CA LEU C 31 26.32 5.82 -19.40
C LEU C 31 26.67 4.35 -19.17
N ILE C 32 27.89 4.12 -18.64
CA ILE C 32 28.32 2.75 -18.40
C ILE C 32 27.40 2.09 -17.34
N ILE C 33 27.05 2.82 -16.28
CA ILE C 33 26.05 2.31 -15.33
C ILE C 33 24.70 2.06 -16.00
N ALA C 34 24.28 3.03 -16.80
CA ALA C 34 22.95 2.89 -17.47
C ALA C 34 22.87 1.69 -18.39
N GLU C 35 23.96 1.37 -19.08
CA GLU C 35 23.97 0.17 -19.92
C GLU C 35 23.61 -1.07 -19.11
N SER C 36 24.12 -1.13 -17.87
CA SER C 36 23.81 -2.29 -17.00
C SER C 36 22.37 -2.35 -16.50
N GLU C 37 21.66 -1.21 -16.62
CA GLU C 37 20.26 -1.11 -16.28
C GLU C 37 19.33 -1.25 -17.48
N MET C 38 19.86 -1.46 -18.68
CA MET C 38 19.06 -1.41 -19.91
C MET C 38 19.31 -2.67 -20.77
N PRO C 39 18.88 -3.82 -20.22
CA PRO C 39 19.16 -5.09 -20.90
C PRO C 39 18.50 -5.28 -22.25
N ALA C 40 17.30 -4.74 -22.43
CA ALA C 40 16.67 -4.89 -23.76
C ALA C 40 17.46 -4.13 -24.83
N LEU C 41 17.86 -2.90 -24.52
CA LEU C 41 18.65 -2.14 -25.47
C LEU C 41 20.02 -2.79 -25.71
N MET C 42 20.70 -3.25 -24.66
CA MET C 42 22.00 -3.90 -24.83
CA MET C 42 22.00 -3.89 -24.86
C MET C 42 21.84 -5.24 -25.63
N GLY C 43 20.70 -5.93 -25.41
CA GLY C 43 20.40 -7.12 -26.18
C GLY C 43 20.28 -6.83 -27.67
N LEU C 44 19.70 -5.68 -27.98
CA LEU C 44 19.57 -5.28 -29.41
C LEU C 44 20.94 -4.98 -30.01
N ARG C 45 21.83 -4.35 -29.22
CA ARG C 45 23.20 -4.12 -29.72
C ARG C 45 23.85 -5.42 -30.06
N ARG C 46 23.69 -6.44 -29.21
CA ARG C 46 24.32 -7.74 -29.48
C ARG C 46 23.68 -8.45 -30.68
N LYS C 47 22.35 -8.43 -30.73
N LYS C 47 22.36 -8.43 -30.74
CA LYS C 47 21.63 -9.15 -31.76
CA LYS C 47 21.65 -9.18 -31.77
C LYS C 47 21.87 -8.62 -33.19
C LYS C 47 21.87 -8.63 -33.19
N TYR C 48 21.90 -7.31 -33.31
CA TYR C 48 21.92 -6.62 -34.60
C TYR C 48 23.29 -6.09 -35.01
N ALA C 49 24.31 -6.27 -34.20
CA ALA C 49 25.65 -5.81 -34.55
C ALA C 49 26.12 -6.29 -35.91
N GLY C 50 25.91 -7.58 -36.20
CA GLY C 50 26.41 -8.14 -37.41
C GLY C 50 25.71 -7.67 -38.60
N GLN C 51 24.37 -7.54 -38.54
CA GLN C 51 23.61 -7.15 -39.68
C GLN C 51 23.87 -5.65 -39.98
N GLN C 52 24.10 -4.79 -38.97
CA GLN C 52 24.18 -3.35 -39.18
C GLN C 52 22.93 -2.85 -39.92
N PRO C 53 21.75 -3.12 -39.35
CA PRO C 53 20.50 -2.80 -40.07
C PRO C 53 20.28 -1.33 -40.31
N LEU C 54 20.99 -0.46 -39.56
CA LEU C 54 20.85 0.98 -39.75
C LEU C 54 22.02 1.60 -40.49
N LYS C 55 22.83 0.77 -41.16
CA LYS C 55 23.87 1.31 -42.04
C LYS C 55 23.20 2.15 -43.13
N GLY C 56 23.65 3.41 -43.21
CA GLY C 56 23.14 4.38 -44.17
C GLY C 56 21.97 5.20 -43.62
N ALA C 57 21.49 4.88 -42.41
CA ALA C 57 20.46 5.72 -41.81
C ALA C 57 21.09 7.01 -41.33
N LYS C 58 20.33 8.09 -41.49
CA LYS C 58 20.74 9.42 -41.07
C LYS C 58 19.54 9.99 -40.33
N ILE C 59 19.63 9.90 -39.00
CA ILE C 59 18.48 10.10 -38.12
C ILE C 59 18.50 11.46 -37.46
N LEU C 60 17.48 12.26 -37.71
CA LEU C 60 17.20 13.45 -36.94
C LEU C 60 16.47 13.03 -35.68
N GLY C 61 17.06 13.28 -34.51
CA GLY C 61 16.45 12.96 -33.26
C GLY C 61 16.15 14.16 -32.42
N CYS C 62 14.94 14.15 -31.82
CA CYS C 62 14.52 15.23 -30.92
C CYS C 62 13.82 14.57 -29.72
N ILE C 63 14.59 14.39 -28.64
CA ILE C 63 14.08 13.81 -27.44
C ILE C 63 15.06 14.17 -26.30
N HIS C 64 14.46 14.47 -25.14
CA HIS C 64 15.14 14.79 -23.88
C HIS C 64 16.58 14.23 -23.84
N MET C 65 17.56 15.12 -23.75
CA MET C 65 18.96 14.67 -23.82
C MET C 65 19.50 14.24 -22.48
N THR C 66 18.99 13.10 -22.04
CA THR C 66 19.33 12.49 -20.77
C THR C 66 20.38 11.37 -20.96
N ILE C 67 20.83 10.81 -19.83
CA ILE C 67 21.71 9.65 -19.89
C ILE C 67 20.97 8.50 -20.63
N GLN C 68 19.65 8.32 -20.40
CA GLN C 68 18.94 7.25 -21.04
C GLN C 68 18.90 7.44 -22.56
N THR C 69 18.65 8.66 -22.99
CA THR C 69 18.72 8.97 -24.42
C THR C 69 20.13 8.71 -24.98
N GLY C 70 21.13 8.97 -24.17
CA GLY C 70 22.50 8.67 -24.62
C GLY C 70 22.71 7.20 -24.95
N VAL C 71 22.13 6.32 -24.14
CA VAL C 71 22.22 4.88 -24.43
C VAL C 71 21.45 4.54 -25.73
N LEU C 72 20.30 5.18 -25.91
CA LEU C 72 19.56 5.04 -27.19
C LEU C 72 20.37 5.50 -28.39
N ILE C 73 20.94 6.69 -28.31
CA ILE C 73 21.75 7.23 -29.40
C ILE C 73 22.88 6.27 -29.74
N GLU C 74 23.62 5.82 -28.71
CA GLU C 74 24.77 4.97 -28.97
C GLU C 74 24.35 3.58 -29.47
N THR C 75 23.12 3.15 -29.17
CA THR C 75 22.61 1.91 -29.77
C THR C 75 22.34 2.12 -31.27
N LEU C 76 21.67 3.22 -31.63
CA LEU C 76 21.45 3.51 -33.01
C LEU C 76 22.79 3.56 -33.79
N VAL C 77 23.76 4.28 -33.24
CA VAL C 77 25.08 4.36 -33.87
C VAL C 77 25.79 2.99 -33.99
N ALA C 78 25.66 2.18 -32.93
CA ALA C 78 26.26 0.85 -32.95
C ALA C 78 25.67 -0.05 -34.03
N LEU C 79 24.40 0.22 -34.41
CA LEU C 79 23.72 -0.51 -35.44
C LEU C 79 23.89 0.06 -36.86
N GLY C 80 24.68 1.12 -36.96
CA GLY C 80 25.13 1.68 -38.22
C GLY C 80 24.69 3.12 -38.53
N ALA C 81 23.80 3.66 -37.71
CA ALA C 81 23.26 5.01 -38.01
C ALA C 81 24.25 6.13 -37.75
N GLU C 82 24.05 7.24 -38.46
CA GLU C 82 24.55 8.53 -38.05
C GLU C 82 23.33 9.31 -37.55
N VAL C 83 23.57 10.22 -36.58
CA VAL C 83 22.49 11.01 -36.03
C VAL C 83 22.89 12.47 -35.87
N ARG C 84 21.86 13.33 -35.75
CA ARG C 84 22.03 14.70 -35.30
C ARG C 84 20.89 14.95 -34.30
N TRP C 85 21.25 15.45 -33.10
CA TRP C 85 20.34 15.36 -31.98
C TRP C 85 20.06 16.71 -31.29
N SER C 86 18.84 16.82 -30.78
CA SER C 86 18.45 17.93 -29.89
C SER C 86 17.48 17.39 -28.84
N SER C 87 17.27 18.19 -27.80
CA SER C 87 16.25 17.90 -26.80
C SER C 87 14.88 18.36 -27.22
N CYS C 88 13.84 17.70 -26.68
CA CYS C 88 12.44 18.15 -26.92
C CYS C 88 11.89 18.96 -25.78
N ASN C 89 12.74 19.42 -24.85
CA ASN C 89 12.28 20.36 -23.81
C ASN C 89 13.46 21.21 -23.37
N ILE C 90 13.16 22.47 -23.03
CA ILE C 90 14.19 23.43 -22.61
C ILE C 90 14.91 23.08 -21.28
N PHE C 91 14.26 22.27 -20.44
CA PHE C 91 14.81 21.95 -19.12
C PHE C 91 15.18 20.50 -18.92
N SER C 92 15.00 19.65 -19.94
CA SER C 92 15.16 18.21 -19.69
C SER C 92 16.55 17.64 -19.90
N THR C 93 17.42 18.36 -20.59
CA THR C 93 18.76 17.84 -20.83
C THR C 93 19.52 17.65 -19.51
N GLN C 94 20.29 16.56 -19.45
CA GLN C 94 21.32 16.40 -18.43
C GLN C 94 22.65 16.78 -19.09
N ASP C 95 23.25 17.86 -18.61
CA ASP C 95 24.41 18.40 -19.32
C ASP C 95 25.58 17.40 -19.41
N GLN C 96 25.73 16.49 -18.43
CA GLN C 96 26.77 15.51 -18.54
C GLN C 96 26.49 14.49 -19.64
N ALA C 97 25.22 14.18 -19.88
CA ALA C 97 24.87 13.30 -21.00
C ALA C 97 25.16 13.93 -22.33
N ALA C 98 24.73 15.19 -22.49
CA ALA C 98 24.99 15.88 -23.74
C ALA C 98 26.51 15.94 -24.01
N ALA C 99 27.27 16.25 -22.96
CA ALA C 99 28.71 16.34 -23.10
C ALA C 99 29.33 14.98 -23.53
N ALA C 100 28.88 13.90 -22.93
CA ALA C 100 29.44 12.60 -23.29
C ALA C 100 29.16 12.26 -24.75
N ILE C 101 27.97 12.60 -25.23
CA ILE C 101 27.61 12.33 -26.61
C ILE C 101 28.45 13.22 -27.57
N ALA C 102 28.58 14.49 -27.26
CA ALA C 102 29.42 15.39 -28.09
C ALA C 102 30.88 14.88 -28.12
N ALA C 103 31.36 14.44 -26.96
CA ALA C 103 32.74 13.94 -26.85
C ALA C 103 32.98 12.67 -27.66
N ALA C 104 31.89 11.93 -27.91
CA ALA C 104 31.97 10.74 -28.76
C ALA C 104 31.92 11.08 -30.25
N GLY C 105 31.89 12.38 -30.59
CA GLY C 105 31.91 12.80 -31.97
C GLY C 105 30.52 12.81 -32.63
N ILE C 106 29.46 12.92 -31.82
CA ILE C 106 28.11 12.91 -32.31
C ILE C 106 27.53 14.32 -32.21
N PRO C 107 26.94 14.83 -33.30
CA PRO C 107 26.33 16.16 -33.22
C PRO C 107 25.11 16.22 -32.33
N VAL C 108 25.23 17.05 -31.30
CA VAL C 108 24.16 17.25 -30.32
C VAL C 108 24.15 18.74 -29.97
N PHE C 109 22.93 19.28 -29.88
CA PHE C 109 22.67 20.70 -29.59
C PHE C 109 21.63 20.70 -28.49
N ALA C 110 22.13 20.82 -27.25
CA ALA C 110 21.24 20.68 -26.10
C ALA C 110 21.91 21.09 -24.81
N TRP C 111 21.17 21.82 -23.98
CA TRP C 111 21.61 22.14 -22.64
C TRP C 111 20.41 22.36 -21.75
N LYS C 112 20.61 22.19 -20.45
CA LYS C 112 19.54 22.46 -19.49
C LYS C 112 19.38 23.96 -19.35
N GLY C 113 18.15 24.44 -19.46
CA GLY C 113 17.90 25.87 -19.34
C GLY C 113 17.99 26.69 -20.58
N GLU C 114 17.61 26.11 -21.70
CA GLU C 114 17.48 26.88 -22.96
C GLU C 114 16.37 27.89 -22.87
N THR C 115 16.53 28.98 -23.62
CA THR C 115 15.41 29.84 -23.95
C THR C 115 14.59 29.20 -25.08
N GLU C 116 13.39 29.73 -25.36
CA GLU C 116 12.62 29.19 -26.47
C GLU C 116 13.32 29.41 -27.81
N GLU C 117 14.00 30.53 -27.95
CA GLU C 117 14.72 30.84 -29.18
C GLU C 117 15.90 29.84 -29.34
N GLU C 118 16.61 29.57 -28.24
CA GLU C 118 17.70 28.60 -28.31
C GLU C 118 17.17 27.19 -28.61
N TYR C 119 16.01 26.85 -28.06
CA TYR C 119 15.36 25.56 -28.36
C TYR C 119 15.13 25.35 -29.83
N GLU C 120 14.59 26.38 -30.50
CA GLU C 120 14.31 26.31 -31.93
C GLU C 120 15.62 26.24 -32.70
N TRP C 121 16.60 27.05 -32.26
CA TRP C 121 17.93 27.05 -32.89
C TRP C 121 18.59 25.66 -32.86
N CYS C 122 18.43 24.98 -31.72
CA CYS C 122 19.03 23.65 -31.57
C CYS C 122 18.38 22.64 -32.53
N ILE C 123 17.07 22.67 -32.68
CA ILE C 123 16.43 21.80 -33.64
C ILE C 123 16.95 22.12 -35.06
N GLU C 124 17.03 23.41 -35.38
CA GLU C 124 17.56 23.83 -36.71
C GLU C 124 18.98 23.35 -36.94
N GLN C 125 19.80 23.28 -35.88
CA GLN C 125 21.18 22.77 -36.08
C GLN C 125 21.22 21.31 -36.37
N THR C 126 20.19 20.56 -35.99
CA THR C 126 20.15 19.16 -36.40
C THR C 126 19.76 19.04 -37.86
N ILE C 127 18.80 19.87 -38.28
CA ILE C 127 18.29 19.84 -39.66
C ILE C 127 19.34 20.27 -40.68
N LEU C 128 20.14 21.28 -40.32
CA LEU C 128 21.21 21.78 -41.17
C LEU C 128 22.59 21.23 -40.80
N LYS C 129 23.43 20.82 -41.73
CA LYS C 129 24.85 20.50 -41.49
C LYS C 129 25.70 21.33 -42.40
N ASP C 130 26.80 21.96 -41.87
CA ASP C 130 27.66 22.82 -42.68
C ASP C 130 26.86 23.86 -43.46
N GLY C 131 25.84 24.37 -42.77
CA GLY C 131 25.05 25.49 -43.29
C GLY C 131 23.90 25.17 -44.18
N GLN C 132 23.66 23.95 -44.52
CA GLN C 132 22.58 23.55 -45.50
C GLN C 132 21.89 22.24 -44.98
N PRO C 133 20.71 21.91 -45.43
CA PRO C 133 19.98 20.70 -44.97
C PRO C 133 20.80 19.47 -45.12
N TRP C 134 20.78 18.75 -44.02
CA TRP C 134 21.38 17.45 -43.99
C TRP C 134 20.60 16.50 -44.90
N ASP C 135 21.27 15.47 -45.38
CA ASP C 135 20.61 14.40 -46.15
C ASP C 135 19.98 13.37 -45.19
N ALA C 136 19.10 13.87 -44.33
CA ALA C 136 18.40 13.02 -43.39
C ALA C 136 17.50 12.02 -44.10
N ASN C 137 17.34 10.85 -43.51
CA ASN C 137 16.39 9.90 -44.03
C ASN C 137 15.49 9.20 -43.00
N MET C 138 15.60 9.59 -41.72
CA MET C 138 14.78 9.07 -40.66
C MET C 138 14.59 10.13 -39.59
N VAL C 139 13.50 10.00 -38.85
CA VAL C 139 13.19 10.93 -37.76
C VAL C 139 12.74 10.15 -36.54
N LEU C 140 13.29 10.56 -35.37
CA LEU C 140 12.90 10.05 -34.08
C LEU C 140 12.46 11.28 -33.27
N ASP C 141 11.19 11.26 -32.81
CA ASP C 141 10.63 12.44 -32.20
C ASP C 141 9.90 12.09 -30.91
N ASP C 142 9.84 13.07 -30.02
CA ASP C 142 9.09 12.97 -28.75
C ASP C 142 8.31 14.26 -28.60
N GLY C 143 7.05 14.18 -28.99
CA GLY C 143 6.12 15.29 -28.85
C GLY C 143 5.72 16.00 -30.12
N GLY C 144 6.43 15.75 -31.22
CA GLY C 144 6.06 16.25 -32.52
C GLY C 144 6.64 17.57 -32.98
N ASP C 145 7.47 18.20 -32.18
CA ASP C 145 7.98 19.53 -32.60
C ASP C 145 8.89 19.46 -33.82
N LEU C 146 9.78 18.46 -33.84
CA LEU C 146 10.65 18.28 -34.99
C LEU C 146 9.83 17.90 -36.24
N THR C 147 8.87 17.01 -36.03
CA THR C 147 7.97 16.57 -37.10
C THR C 147 7.24 17.77 -37.72
N GLU C 148 6.78 18.67 -36.86
CA GLU C 148 6.03 19.83 -37.32
C GLU C 148 6.93 20.76 -38.12
N ILE C 149 8.14 21.03 -37.62
CA ILE C 149 9.09 21.88 -38.31
C ILE C 149 9.42 21.31 -39.69
N LEU C 150 9.70 20.04 -39.75
CA LEU C 150 9.99 19.43 -41.08
C LEU C 150 8.85 19.59 -42.05
N HIS C 151 7.61 19.30 -41.59
CA HIS C 151 6.46 19.44 -42.49
C HIS C 151 6.18 20.89 -42.90
N LYS C 152 6.35 21.82 -41.99
CA LYS C 152 5.94 23.21 -42.26
C LYS C 152 7.06 24.00 -42.95
N LYS C 153 8.31 23.74 -42.58
CA LYS C 153 9.41 24.64 -43.02
C LYS C 153 10.41 23.92 -43.96
N TYR C 154 10.46 22.57 -43.90
CA TYR C 154 11.39 21.83 -44.74
C TYR C 154 10.75 20.70 -45.51
N PRO C 155 9.61 20.97 -46.16
CA PRO C 155 8.88 19.84 -46.77
C PRO C 155 9.70 19.00 -47.79
N GLN C 156 10.59 19.65 -48.51
CA GLN C 156 11.49 18.99 -49.45
CA GLN C 156 11.44 18.92 -49.48
C GLN C 156 12.29 17.85 -48.79
N MET C 157 12.68 18.05 -47.52
CA MET C 157 13.44 17.05 -46.81
C MET C 157 12.62 15.73 -46.65
N LEU C 158 11.32 15.87 -46.45
CA LEU C 158 10.46 14.71 -46.25
C LEU C 158 10.37 13.80 -47.46
N GLU C 159 10.66 14.32 -48.63
CA GLU C 159 10.71 13.47 -49.84
C GLU C 159 11.71 12.33 -49.72
N ARG C 160 12.76 12.54 -48.93
CA ARG C 160 13.85 11.56 -48.79
C ARG C 160 13.80 10.80 -47.45
N ILE C 161 12.77 11.04 -46.62
CA ILE C 161 12.69 10.43 -45.28
C ILE C 161 11.78 9.20 -45.36
N HIS C 162 12.27 8.10 -44.75
CA HIS C 162 11.55 6.85 -44.81
C HIS C 162 10.48 6.70 -43.74
N GLY C 163 10.63 7.44 -42.63
CA GLY C 163 9.68 7.31 -41.56
C GLY C 163 9.99 8.13 -40.33
N ILE C 164 8.99 8.22 -39.46
CA ILE C 164 9.08 8.87 -38.16
C ILE C 164 8.72 7.84 -37.09
N THR C 165 9.52 7.80 -35.99
CA THR C 165 9.17 6.99 -34.85
C THR C 165 8.89 7.93 -33.69
N GLU C 166 7.64 7.92 -33.23
CA GLU C 166 7.17 8.93 -32.26
C GLU C 166 6.95 8.31 -30.90
N GLU C 167 7.57 8.96 -29.92
CA GLU C 167 7.66 8.45 -28.55
C GLU C 167 6.41 8.57 -27.71
N THR C 168 5.71 9.74 -27.78
CA THR C 168 4.82 10.07 -26.67
C THR C 168 3.38 10.34 -27.09
N THR C 169 2.47 10.25 -26.12
CA THR C 169 1.07 10.37 -26.39
C THR C 169 0.70 11.63 -27.18
N THR C 170 1.21 12.78 -26.73
CA THR C 170 0.92 14.03 -27.43
C THR C 170 1.43 14.01 -28.89
N GLY C 171 2.61 13.49 -29.10
CA GLY C 171 3.13 13.40 -30.46
C GLY C 171 2.30 12.50 -31.37
N VAL C 172 1.84 11.38 -30.82
CA VAL C 172 1.00 10.50 -31.59
C VAL C 172 -0.32 11.17 -31.95
N HIS C 173 -0.89 11.91 -31.00
CA HIS C 173 -2.13 12.62 -31.31
C HIS C 173 -1.93 13.56 -32.49
N ARG C 174 -0.80 14.27 -32.48
CA ARG C 174 -0.50 15.18 -33.57
C ARG C 174 -0.36 14.44 -34.90
N LEU C 175 0.31 13.30 -34.90
CA LEU C 175 0.46 12.51 -36.12
C LEU C 175 -0.87 12.02 -36.65
N LEU C 176 -1.72 11.54 -35.75
CA LEU C 176 -3.02 11.01 -36.19
C LEU C 176 -3.90 12.11 -36.78
N ASP C 177 -3.75 13.32 -36.23
CA ASP C 177 -4.47 14.48 -36.79
C ASP C 177 -3.94 14.81 -38.19
N MET C 178 -2.62 14.76 -38.37
CA MET C 178 -2.05 14.99 -39.72
CA MET C 178 -2.06 14.99 -39.72
C MET C 178 -2.55 13.92 -40.71
N LEU C 179 -2.57 12.68 -40.29
CA LEU C 179 -3.01 11.63 -41.18
C LEU C 179 -4.48 11.83 -41.58
N LYS C 180 -5.32 12.15 -40.60
CA LYS C 180 -6.75 12.38 -40.87
C LYS C 180 -6.94 13.56 -41.84
N ASN C 181 -6.10 14.57 -41.72
CA ASN C 181 -6.17 15.74 -42.61
C ASN C 181 -5.44 15.60 -43.94
N GLY C 182 -4.74 14.50 -44.12
CA GLY C 182 -3.98 14.28 -45.35
C GLY C 182 -2.67 15.05 -45.44
N THR C 183 -2.14 15.53 -44.32
CA THR C 183 -0.92 16.33 -44.34
C THR C 183 0.34 15.58 -43.88
N LEU C 184 0.19 14.34 -43.41
CA LEU C 184 1.36 13.55 -43.04
C LEU C 184 2.04 13.07 -44.33
N LYS C 185 3.34 13.28 -44.42
CA LYS C 185 4.08 13.02 -45.67
C LYS C 185 4.88 11.72 -45.69
N VAL C 186 5.12 11.11 -44.52
CA VAL C 186 5.91 9.87 -44.42
C VAL C 186 5.23 8.99 -43.37
N PRO C 187 5.42 7.66 -43.45
CA PRO C 187 4.79 6.81 -42.47
C PRO C 187 5.42 6.96 -41.09
N ALA C 188 4.67 6.52 -40.08
CA ALA C 188 5.13 6.61 -38.72
C ALA C 188 4.82 5.34 -37.95
N ILE C 189 5.66 5.10 -36.95
CA ILE C 189 5.33 4.13 -35.91
CA ILE C 189 5.33 4.13 -35.91
C ILE C 189 5.03 4.90 -34.63
N ASN C 190 3.88 4.57 -34.06
CA ASN C 190 3.43 4.96 -32.75
C ASN C 190 4.14 4.06 -31.75
N VAL C 191 5.27 4.56 -31.23
CA VAL C 191 6.02 3.80 -30.22
C VAL C 191 5.29 3.83 -28.88
N ASN C 192 4.56 4.94 -28.62
CA ASN C 192 3.89 5.10 -27.35
C ASN C 192 3.01 3.90 -26.97
N ASP C 193 2.29 3.37 -27.98
CA ASP C 193 1.30 2.33 -27.69
C ASP C 193 1.80 0.90 -27.74
N SER C 194 3.10 0.68 -27.78
CA SER C 194 3.57 -0.64 -27.27
C SER C 194 3.18 -0.73 -25.79
N VAL C 195 2.80 -1.92 -25.31
CA VAL C 195 2.52 -2.09 -23.89
C VAL C 195 3.77 -1.82 -23.03
N THR C 196 4.94 -2.26 -23.55
CA THR C 196 6.19 -2.04 -22.91
C THR C 196 6.66 -0.58 -22.98
N LYS C 197 5.84 0.29 -23.57
CA LYS C 197 6.06 1.75 -23.51
C LYS C 197 4.92 2.36 -22.65
N SER C 198 3.73 2.50 -23.20
CA SER C 198 2.61 3.15 -22.50
C SER C 198 2.35 2.66 -21.08
N LYS C 199 2.37 1.34 -20.89
N LYS C 199 2.38 1.34 -20.87
CA LYS C 199 2.01 0.77 -19.58
CA LYS C 199 2.00 0.79 -19.57
C LYS C 199 3.21 0.47 -18.72
C LYS C 199 3.21 0.50 -18.70
N ASN C 200 4.36 1.03 -19.09
CA ASN C 200 5.62 0.94 -18.40
C ASN C 200 6.13 2.38 -18.11
N ASP C 201 6.66 3.03 -19.12
CA ASP C 201 7.12 4.42 -19.07
C ASP C 201 6.06 5.38 -18.54
N ASN C 202 4.91 5.43 -19.22
CA ASN C 202 4.00 6.53 -18.90
C ASN C 202 3.48 6.43 -17.48
N LYS C 203 3.25 5.19 -17.04
CA LYS C 203 2.69 4.90 -15.73
C LYS C 203 3.79 4.76 -14.65
N TYR C 204 4.62 3.71 -14.75
CA TYR C 204 5.62 3.50 -13.70
C TYR C 204 6.74 4.49 -13.70
N GLY C 205 7.05 5.06 -14.86
CA GLY C 205 8.06 6.10 -14.91
C GLY C 205 7.67 7.32 -14.09
N CYS C 206 6.42 7.74 -14.24
CA CYS C 206 5.89 8.88 -13.46
C CYS C 206 5.73 8.50 -11.98
N ARG C 207 5.43 7.24 -11.67
CA ARG C 207 5.38 6.79 -10.31
C ARG C 207 6.76 7.02 -9.64
N HIS C 208 7.82 6.64 -10.34
CA HIS C 208 9.18 6.82 -9.79
C HIS C 208 9.57 8.32 -9.71
N SER C 209 9.27 9.06 -10.78
CA SER C 209 9.95 10.35 -10.98
C SER C 209 9.17 11.60 -10.52
N LEU C 210 7.85 11.47 -10.32
CA LEU C 210 7.11 12.65 -9.89
C LEU C 210 7.46 13.05 -8.44
N ASN C 211 7.31 12.11 -7.50
CA ASN C 211 7.72 12.40 -6.12
C ASN C 211 9.17 12.81 -6.02
N ASP C 212 10.00 12.19 -6.87
CA ASP C 212 11.45 12.52 -6.92
C ASP C 212 11.63 14.00 -7.20
N ALA C 213 10.99 14.47 -8.27
CA ALA C 213 11.14 15.86 -8.67
C ALA C 213 10.59 16.85 -7.61
N ILE C 214 9.46 16.50 -7.00
CA ILE C 214 8.91 17.39 -6.00
C ILE C 214 9.85 17.48 -4.81
N LYS C 215 10.40 16.33 -4.36
CA LYS C 215 11.37 16.37 -3.29
C LYS C 215 12.59 17.16 -3.63
N ARG C 216 13.12 16.99 -4.84
CA ARG C 216 14.36 17.72 -5.15
C ARG C 216 14.11 19.22 -5.23
N GLY C 217 12.92 19.63 -5.71
CA GLY C 217 12.69 21.06 -5.83
C GLY C 217 12.35 21.75 -4.50
N THR C 218 11.57 21.06 -3.67
CA THR C 218 10.99 21.70 -2.46
C THR C 218 11.47 21.07 -1.14
N ASP C 219 11.87 19.77 -1.17
CA ASP C 219 12.08 18.99 0.01
C ASP C 219 10.88 18.96 0.96
N HIS C 220 9.67 19.17 0.41
CA HIS C 220 8.48 19.10 1.22
C HIS C 220 8.13 17.69 1.63
N LEU C 221 7.77 17.53 2.90
CA LEU C 221 7.05 16.34 3.32
C LEU C 221 5.78 16.23 2.45
N LEU C 222 5.48 15.04 1.97
CA LEU C 222 4.27 14.76 1.24
C LEU C 222 3.24 14.05 2.10
N SER C 223 3.69 13.16 2.97
CA SER C 223 2.79 12.39 3.85
C SER C 223 1.84 13.33 4.59
N GLY C 224 0.57 12.98 4.61
CA GLY C 224 -0.42 13.71 5.40
C GLY C 224 -1.03 14.91 4.72
N LYS C 225 -0.45 15.34 3.60
CA LYS C 225 -0.88 16.51 2.86
C LYS C 225 -1.84 16.13 1.73
N GLN C 226 -2.55 17.15 1.23
CA GLN C 226 -3.62 16.97 0.24
CA GLN C 226 -3.61 16.98 0.24
C GLN C 226 -3.14 17.29 -1.17
N ALA C 227 -3.35 16.34 -2.08
CA ALA C 227 -3.02 16.52 -3.50
C ALA C 227 -4.27 16.45 -4.37
N LEU C 228 -4.19 17.16 -5.50
CA LEU C 228 -5.17 17.02 -6.55
C LEU C 228 -4.42 16.71 -7.82
N VAL C 229 -4.72 15.56 -8.42
CA VAL C 229 -4.13 15.15 -9.68
C VAL C 229 -5.19 15.33 -10.75
N ILE C 230 -4.87 16.14 -11.75
CA ILE C 230 -5.76 16.37 -12.87
C ILE C 230 -5.43 15.39 -13.98
N GLY C 231 -6.33 14.43 -14.18
CA GLY C 231 -6.19 13.32 -15.12
C GLY C 231 -5.84 12.01 -14.50
N TYR C 232 -6.32 10.93 -15.15
CA TYR C 232 -6.13 9.57 -14.65
C TYR C 232 -5.99 8.61 -15.84
N GLY C 233 -5.26 9.08 -16.87
CA GLY C 233 -4.75 8.21 -17.91
C GLY C 233 -3.49 7.53 -17.40
N ASP C 234 -2.61 7.12 -18.32
CA ASP C 234 -1.40 6.44 -17.87
C ASP C 234 -0.52 7.26 -16.90
N VAL C 235 -0.28 8.49 -17.32
CA VAL C 235 0.50 9.41 -16.51
C VAL C 235 -0.18 9.74 -15.20
N GLY C 236 -1.47 10.02 -15.28
CA GLY C 236 -2.21 10.30 -14.04
C GLY C 236 -2.30 9.15 -13.07
N LYS C 237 -2.42 7.94 -13.59
CA LYS C 237 -2.40 6.75 -12.74
C LYS C 237 -1.04 6.65 -11.99
N GLY C 238 0.03 6.78 -12.76
CA GLY C 238 1.35 6.67 -12.15
C GLY C 238 1.64 7.80 -11.18
N SER C 239 1.21 9.01 -11.57
CA SER C 239 1.42 10.17 -10.71
C SER C 239 0.63 10.06 -9.39
N SER C 240 -0.63 9.64 -9.50
CA SER C 240 -1.40 9.44 -8.31
C SER C 240 -0.78 8.44 -7.36
N GLN C 241 -0.24 7.34 -7.92
CA GLN C 241 0.44 6.37 -7.10
C GLN C 241 1.73 6.93 -6.46
N SER C 242 2.48 7.73 -7.26
CA SER C 242 3.69 8.34 -6.74
C SER C 242 3.42 9.09 -5.43
N LEU C 243 2.28 9.78 -5.41
CA LEU C 243 1.90 10.61 -4.27
C LEU C 243 1.23 9.78 -3.16
N ARG C 244 0.31 8.90 -3.53
CA ARG C 244 -0.38 8.10 -2.51
C ARG C 244 0.58 7.17 -1.76
N GLN C 245 1.57 6.63 -2.47
CA GLN C 245 2.53 5.74 -1.79
C GLN C 245 3.38 6.45 -0.74
N GLU C 246 3.53 7.76 -0.89
CA GLU C 246 4.21 8.61 0.09
C GLU C 246 3.29 9.05 1.24
N GLY C 247 2.04 8.65 1.19
CA GLY C 247 1.07 9.03 2.22
C GLY C 247 0.28 10.30 1.99
N MET C 248 0.31 10.83 0.75
CA MET C 248 -0.59 11.93 0.48
C MET C 248 -2.04 11.43 0.44
N ILE C 249 -2.96 12.36 0.74
CA ILE C 249 -4.37 12.18 0.53
C ILE C 249 -4.66 12.75 -0.85
N VAL C 250 -4.86 11.88 -1.82
CA VAL C 250 -4.92 12.27 -3.22
C VAL C 250 -6.38 12.23 -3.69
N LYS C 251 -6.78 13.32 -4.32
CA LYS C 251 -8.03 13.40 -5.04
C LYS C 251 -7.70 13.51 -6.54
N VAL C 252 -8.58 12.97 -7.37
CA VAL C 252 -8.38 12.89 -8.81
C VAL C 252 -9.51 13.54 -9.58
N ALA C 253 -9.16 14.32 -10.57
CA ALA C 253 -10.14 14.88 -11.52
C ALA C 253 -10.01 14.20 -12.85
N GLU C 254 -11.14 14.02 -13.50
CA GLU C 254 -11.21 13.40 -14.83
C GLU C 254 -12.39 13.89 -15.60
N VAL C 255 -12.26 13.90 -16.92
CA VAL C 255 -13.39 14.05 -17.84
C VAL C 255 -13.93 12.73 -18.35
N ASP C 256 -13.11 11.67 -18.28
CA ASP C 256 -13.47 10.38 -18.85
C ASP C 256 -14.03 9.51 -17.70
N PRO C 257 -15.32 9.21 -17.75
CA PRO C 257 -15.88 8.41 -16.65
C PRO C 257 -15.28 7.03 -16.44
N ILE C 258 -14.76 6.42 -17.50
CA ILE C 258 -14.08 5.11 -17.32
C ILE C 258 -12.82 5.26 -16.49
N CYS C 259 -12.00 6.26 -16.84
CA CYS C 259 -10.83 6.55 -16.02
C CYS C 259 -11.19 6.93 -14.61
N ALA C 260 -12.26 7.72 -14.47
CA ALA C 260 -12.76 8.08 -13.15
C ALA C 260 -13.19 6.86 -12.32
N MET C 261 -13.85 5.91 -12.97
CA MET C 261 -14.23 4.65 -12.31
CA MET C 261 -14.24 4.65 -12.32
C MET C 261 -12.96 3.95 -11.76
N GLN C 262 -11.92 3.90 -12.57
CA GLN C 262 -10.69 3.27 -12.14
C GLN C 262 -10.11 3.99 -10.89
N ALA C 263 -10.16 5.33 -10.93
CA ALA C 263 -9.65 6.09 -9.80
C ALA C 263 -10.44 5.73 -8.51
N CYS C 264 -11.77 5.67 -8.62
CA CYS C 264 -12.56 5.29 -7.46
C CYS C 264 -12.15 3.93 -6.90
N MET C 265 -12.10 2.94 -7.81
CA MET C 265 -11.75 1.59 -7.39
C MET C 265 -10.33 1.46 -6.85
N ASP C 266 -9.46 2.36 -7.32
CA ASP C 266 -8.09 2.39 -6.83
C ASP C 266 -7.95 3.12 -5.50
N GLY C 267 -9.06 3.63 -4.96
CA GLY C 267 -9.08 4.22 -3.63
C GLY C 267 -8.95 5.71 -3.54
N PHE C 268 -9.28 6.40 -4.64
CA PHE C 268 -9.24 7.87 -4.66
C PHE C 268 -10.66 8.43 -4.71
N GLU C 269 -10.81 9.61 -4.13
CA GLU C 269 -12.02 10.42 -4.28
C GLU C 269 -11.88 11.20 -5.57
N VAL C 270 -12.94 11.17 -6.38
CA VAL C 270 -12.98 11.84 -7.69
C VAL C 270 -13.76 13.15 -7.52
N VAL C 271 -13.06 14.26 -7.82
CA VAL C 271 -13.61 15.59 -7.61
C VAL C 271 -13.33 16.45 -8.83
N SER C 272 -14.06 17.57 -8.92
CA SER C 272 -13.82 18.55 -9.96
C SER C 272 -13.40 19.86 -9.34
N PRO C 273 -12.47 20.59 -10.02
CA PRO C 273 -12.19 21.95 -9.56
C PRO C 273 -13.39 22.90 -9.65
N TYR C 274 -14.39 22.52 -10.45
CA TYR C 274 -15.53 23.38 -10.75
C TYR C 274 -16.77 22.77 -10.07
N LYS C 275 -17.64 23.63 -9.59
CA LYS C 275 -18.89 23.16 -8.98
C LYS C 275 -19.68 22.37 -10.02
N ASN C 276 -20.06 21.15 -9.62
CA ASN C 276 -20.81 20.20 -10.47
C ASN C 276 -20.09 19.86 -11.77
N GLY C 277 -18.78 20.11 -11.78
CA GLY C 277 -17.97 19.85 -12.95
C GLY C 277 -18.13 20.83 -14.10
N ILE C 278 -18.85 21.95 -13.89
CA ILE C 278 -19.14 22.87 -14.98
C ILE C 278 -18.23 24.10 -14.96
N ASN C 279 -17.40 24.18 -15.97
CA ASN C 279 -16.31 25.16 -16.12
C ASN C 279 -16.82 26.15 -17.11
N ASP C 280 -17.47 27.18 -16.61
CA ASP C 280 -17.93 28.31 -17.44
C ASP C 280 -16.96 29.48 -17.52
N GLY C 281 -15.73 29.31 -17.02
CA GLY C 281 -14.67 30.32 -16.99
C GLY C 281 -14.82 31.43 -15.95
N THR C 282 -15.86 31.34 -15.10
CA THR C 282 -16.07 32.35 -14.06
C THR C 282 -15.52 31.96 -12.73
N GLU C 283 -15.15 32.94 -11.93
CA GLU C 283 -14.64 32.70 -10.58
CA GLU C 283 -14.65 32.67 -10.58
C GLU C 283 -15.69 31.98 -9.72
N ALA C 284 -16.97 32.31 -9.94
CA ALA C 284 -18.05 31.71 -9.19
C ALA C 284 -18.16 30.20 -9.36
N SER C 285 -17.73 29.70 -10.50
CA SER C 285 -17.81 28.25 -10.77
C SER C 285 -16.72 27.44 -10.09
N ILE C 286 -15.71 28.10 -9.50
CA ILE C 286 -14.63 27.38 -8.86
C ILE C 286 -15.10 26.85 -7.51
N ASP C 287 -14.80 25.59 -7.23
CA ASP C 287 -15.05 25.06 -5.88
C ASP C 287 -13.91 25.55 -4.97
N ALA C 288 -14.12 26.72 -4.42
CA ALA C 288 -13.11 27.38 -3.62
C ALA C 288 -12.81 26.64 -2.33
N ALA C 289 -13.83 25.99 -1.77
CA ALA C 289 -13.60 25.22 -0.55
C ALA C 289 -12.63 24.07 -0.79
N LEU C 290 -12.84 23.37 -1.91
CA LEU C 290 -11.95 22.28 -2.32
C LEU C 290 -10.52 22.78 -2.54
N LEU C 291 -10.41 23.77 -3.43
CA LEU C 291 -9.07 24.21 -3.81
C LEU C 291 -8.31 24.86 -2.67
N GLY C 292 -9.03 25.45 -1.73
CA GLY C 292 -8.42 26.03 -0.56
C GLY C 292 -7.80 25.05 0.43
N LYS C 293 -8.02 23.74 0.21
CA LYS C 293 -7.45 22.68 1.01
C LYS C 293 -6.29 21.95 0.34
N ILE C 294 -5.99 22.28 -0.91
CA ILE C 294 -5.04 21.53 -1.71
C ILE C 294 -3.63 22.06 -1.53
N ASP C 295 -2.71 21.18 -1.16
CA ASP C 295 -1.30 21.50 -0.99
C ASP C 295 -0.42 21.32 -2.22
N LEU C 296 -0.92 20.54 -3.19
CA LEU C 296 -0.15 20.15 -4.36
C LEU C 296 -1.16 19.86 -5.47
N ILE C 297 -0.95 20.46 -6.62
CA ILE C 297 -1.72 20.16 -7.83
C ILE C 297 -0.73 19.70 -8.89
N VAL C 298 -1.08 18.62 -9.60
CA VAL C 298 -0.28 18.04 -10.65
C VAL C 298 -1.17 17.81 -11.89
N THR C 299 -0.77 18.37 -13.02
CA THR C 299 -1.48 18.15 -14.27
C THR C 299 -0.86 17.04 -15.10
N THR C 300 -1.73 16.17 -15.67
CA THR C 300 -1.26 14.94 -16.34
C THR C 300 -1.98 14.67 -17.66
N THR C 301 -2.61 15.69 -18.25
CA THR C 301 -3.64 15.42 -19.23
C THR C 301 -3.24 15.38 -20.70
N GLY C 302 -2.21 16.09 -21.09
CA GLY C 302 -2.00 16.38 -22.48
C GLY C 302 -2.98 17.35 -23.12
N ASN C 303 -3.82 18.00 -22.28
CA ASN C 303 -4.84 18.94 -22.75
C ASN C 303 -4.38 20.34 -22.36
N VAL C 304 -5.22 21.35 -22.59
CA VAL C 304 -4.87 22.73 -22.42
C VAL C 304 -5.68 23.37 -21.29
N ASN C 305 -4.99 24.17 -20.47
CA ASN C 305 -5.63 24.99 -19.48
C ASN C 305 -6.49 24.19 -18.52
N VAL C 306 -5.91 23.10 -18.01
CA VAL C 306 -6.61 22.28 -17.03
C VAL C 306 -6.29 22.69 -15.59
N CYS C 307 -5.29 23.59 -15.42
CA CYS C 307 -5.11 24.33 -14.17
C CYS C 307 -5.09 25.80 -14.56
N ASP C 308 -6.28 26.37 -14.48
CA ASP C 308 -6.55 27.69 -15.05
C ASP C 308 -6.34 28.81 -14.07
N ALA C 309 -6.51 30.05 -14.56
CA ALA C 309 -6.24 31.19 -13.73
C ALA C 309 -7.10 31.24 -12.47
N ASN C 310 -8.37 30.92 -12.63
CA ASN C 310 -9.28 30.96 -11.47
C ASN C 310 -8.96 29.89 -10.46
N MET C 311 -8.49 28.71 -10.93
CA MET C 311 -8.04 27.70 -10.02
C MET C 311 -6.78 28.17 -9.25
N LEU C 312 -5.86 28.81 -9.96
CA LEU C 312 -4.62 29.28 -9.35
C LEU C 312 -4.93 30.36 -8.28
N LYS C 313 -5.94 31.20 -8.53
CA LYS C 313 -6.34 32.21 -7.58
C LYS C 313 -6.95 31.59 -6.28
N ALA C 314 -7.59 30.43 -6.45
CA ALA C 314 -8.29 29.77 -5.36
C ALA C 314 -7.45 28.80 -4.54
N LEU C 315 -6.29 28.41 -5.04
CA LEU C 315 -5.50 27.39 -4.32
C LEU C 315 -5.09 27.91 -2.96
N LYS C 316 -4.98 26.96 -2.04
CA LYS C 316 -4.40 27.21 -0.72
C LYS C 316 -3.09 27.97 -0.83
N LYS C 317 -2.89 28.94 0.08
CA LYS C 317 -1.58 29.59 0.17
C LYS C 317 -0.48 28.55 0.30
N ARG C 318 0.59 28.79 -0.41
CA ARG C 318 1.82 28.00 -0.38
C ARG C 318 1.69 26.62 -1.04
N ALA C 319 0.63 26.39 -1.78
CA ALA C 319 0.50 25.17 -2.57
C ALA C 319 1.61 25.09 -3.63
N VAL C 320 1.99 23.86 -3.94
CA VAL C 320 2.90 23.56 -5.04
C VAL C 320 2.06 23.25 -6.31
N VAL C 321 2.51 23.80 -7.43
CA VAL C 321 1.87 23.62 -8.72
C VAL C 321 2.91 23.03 -9.68
N CYS C 322 2.55 21.94 -10.36
CA CYS C 322 3.43 21.37 -11.37
C CYS C 322 2.67 20.61 -12.42
N ASN C 323 3.35 20.36 -13.52
CA ASN C 323 2.80 19.69 -14.69
C ASN C 323 3.77 18.57 -15.05
N ILE C 324 3.21 17.42 -15.36
CA ILE C 324 3.98 16.28 -15.89
C ILE C 324 3.50 15.82 -17.27
N GLY C 325 2.54 16.52 -17.86
CA GLY C 325 2.22 16.31 -19.23
C GLY C 325 3.28 16.91 -20.13
N HIS C 326 3.18 16.64 -21.43
CA HIS C 326 4.26 17.05 -22.33
C HIS C 326 4.53 18.54 -22.43
N PHE C 327 3.44 19.35 -22.48
CA PHE C 327 3.55 20.78 -22.70
C PHE C 327 3.09 21.57 -21.51
N ASP C 328 3.75 22.74 -21.32
CA ASP C 328 3.49 23.59 -20.18
C ASP C 328 2.12 24.28 -20.17
N ASN C 329 1.45 24.32 -21.30
CA ASN C 329 0.15 24.98 -21.37
C ASN C 329 -0.99 24.28 -20.64
N GLU C 330 -0.70 23.12 -20.04
CA GLU C 330 -1.68 22.56 -19.08
C GLU C 330 -2.00 23.53 -17.97
N ILE C 331 -1.04 24.37 -17.57
CA ILE C 331 -1.18 25.35 -16.52
C ILE C 331 -1.13 26.72 -17.13
N ASP C 332 -2.00 27.66 -16.66
CA ASP C 332 -1.99 29.04 -17.18
C ASP C 332 -0.85 29.83 -16.53
N THR C 333 0.39 29.48 -16.90
CA THR C 333 1.55 30.22 -16.40
C THR C 333 1.63 31.62 -17.01
N ALA C 334 1.06 31.81 -18.20
CA ALA C 334 1.05 33.11 -18.80
C ALA C 334 0.28 34.10 -17.95
N PHE C 335 -0.84 33.66 -17.39
CA PHE C 335 -1.59 34.49 -16.45
C PHE C 335 -0.72 34.88 -15.28
N MET C 336 0.02 33.92 -14.75
CA MET C 336 0.90 34.22 -13.62
C MET C 336 2.02 35.18 -13.96
N ARG C 337 2.60 35.07 -15.14
N ARG C 337 2.59 35.06 -15.15
CA ARG C 337 3.65 36.01 -15.55
CA ARG C 337 3.65 36.00 -15.57
C ARG C 337 3.10 37.42 -15.72
C ARG C 337 3.10 37.42 -15.72
N LYS C 338 1.86 37.50 -16.21
CA LYS C 338 1.25 38.82 -16.48
C LYS C 338 0.82 39.55 -15.18
N ASN C 339 0.47 38.74 -14.14
CA ASN C 339 -0.21 39.35 -12.98
C ASN C 339 0.53 39.31 -11.65
N TRP C 340 1.45 38.36 -11.48
CA TRP C 340 2.02 38.08 -10.19
C TRP C 340 3.54 38.16 -10.26
N ALA C 341 4.19 38.33 -9.10
CA ALA C 341 5.63 38.54 -9.03
C ALA C 341 6.34 37.24 -8.77
N TRP C 342 7.36 36.97 -9.59
CA TRP C 342 8.10 35.70 -9.47
C TRP C 342 9.42 35.90 -8.75
N GLU C 343 9.61 35.08 -7.74
CA GLU C 343 10.82 35.07 -6.92
C GLU C 343 11.49 33.71 -7.15
N GLU C 344 12.68 33.70 -7.76
CA GLU C 344 13.39 32.45 -7.94
CA GLU C 344 13.38 32.44 -7.94
C GLU C 344 13.91 31.98 -6.59
N VAL C 345 13.58 30.75 -6.20
CA VAL C 345 14.18 30.15 -5.03
C VAL C 345 15.55 29.61 -5.38
N LYS C 346 15.57 28.80 -6.42
CA LYS C 346 16.76 28.21 -7.01
C LYS C 346 16.32 27.78 -8.44
N PRO C 347 17.24 27.28 -9.26
CA PRO C 347 16.81 27.01 -10.62
C PRO C 347 15.59 26.05 -10.69
N GLN C 348 14.63 26.40 -11.52
CA GLN C 348 13.42 25.64 -11.75
C GLN C 348 12.51 25.59 -10.54
N VAL C 349 12.66 26.52 -9.59
CA VAL C 349 11.75 26.62 -8.46
C VAL C 349 11.45 28.10 -8.24
N HIS C 350 10.20 28.49 -8.44
CA HIS C 350 9.78 29.88 -8.26
C HIS C 350 8.65 29.99 -7.26
N LYS C 351 8.75 30.98 -6.38
CA LYS C 351 7.60 31.42 -5.61
C LYS C 351 6.90 32.48 -6.44
N ILE C 352 5.59 32.34 -6.56
N ILE C 352 5.58 32.33 -6.56
CA ILE C 352 4.76 33.22 -7.34
CA ILE C 352 4.75 33.24 -7.31
C ILE C 352 3.84 33.96 -6.35
C ILE C 352 3.83 33.95 -6.35
N HIS C 353 4.10 35.26 -6.18
CA HIS C 353 3.46 36.03 -5.15
C HIS C 353 2.16 36.64 -5.68
N ARG C 354 1.05 36.26 -5.05
CA ARG C 354 -0.27 36.63 -5.53
C ARG C 354 -0.73 38.02 -5.10
N THR C 355 0.17 38.75 -4.52
CA THR C 355 -0.08 40.09 -4.02
C THR C 355 0.05 41.18 -5.09
N GLY C 356 0.52 40.88 -6.26
CA GLY C 356 0.67 41.86 -7.33
C GLY C 356 1.87 41.59 -8.19
N LYS C 357 2.04 42.42 -9.21
CA LYS C 357 2.96 42.15 -10.30
C LYS C 357 4.32 42.71 -10.03
N ASP C 358 4.39 43.89 -9.39
CA ASP C 358 5.62 44.67 -9.32
C ASP C 358 6.18 44.64 -7.93
N GLY C 359 7.06 43.72 -7.74
CA GLY C 359 7.68 43.50 -6.47
C GLY C 359 6.86 42.63 -5.54
N PHE C 360 7.52 42.26 -4.46
CA PHE C 360 6.96 41.41 -3.45
C PHE C 360 7.68 41.64 -2.14
N ASP C 361 6.99 41.30 -1.07
CA ASP C 361 7.59 41.25 0.25
C ASP C 361 8.21 39.88 0.44
N ALA C 362 9.47 39.86 0.89
CA ALA C 362 10.28 38.65 1.05
C ALA C 362 9.63 37.71 2.02
N HIS C 363 8.81 38.26 2.93
CA HIS C 363 8.09 37.48 3.94
C HIS C 363 6.59 37.33 3.68
N ASN C 364 6.15 37.63 2.46
CA ASN C 364 4.74 37.41 2.11
C ASN C 364 4.38 35.91 2.30
N ASP C 365 3.19 35.66 2.82
CA ASP C 365 2.70 34.29 3.00
C ASP C 365 1.83 33.82 1.82
N ASP C 366 1.43 34.75 0.94
CA ASP C 366 0.44 34.43 -0.07
C ASP C 366 1.15 34.22 -1.41
N TYR C 367 1.71 33.03 -1.55
CA TYR C 367 2.43 32.67 -2.76
C TYR C 367 2.12 31.21 -3.10
N LEU C 368 2.38 30.85 -4.36
CA LEU C 368 2.41 29.47 -4.80
C LEU C 368 3.86 29.11 -5.12
N ILE C 369 4.18 27.82 -5.11
CA ILE C 369 5.48 27.36 -5.62
C ILE C 369 5.26 26.64 -6.92
N LEU C 370 5.85 27.18 -8.00
CA LEU C 370 5.77 26.57 -9.32
C LEU C 370 7.08 25.86 -9.61
N LEU C 371 7.00 24.63 -10.08
CA LEU C 371 8.20 23.85 -10.46
C LEU C 371 8.38 23.85 -11.99
N ALA C 372 9.65 24.04 -12.41
CA ALA C 372 10.06 23.99 -13.78
C ALA C 372 9.32 24.93 -14.72
N GLU C 373 8.84 26.06 -14.18
CA GLU C 373 8.04 27.00 -14.97
C GLU C 373 6.91 26.32 -15.70
N GLY C 374 6.36 25.23 -15.08
CA GLY C 374 5.25 24.52 -15.70
C GLY C 374 5.64 23.46 -16.73
N ARG C 375 6.93 23.35 -17.05
CA ARG C 375 7.42 22.34 -17.97
C ARG C 375 7.47 20.98 -17.25
N LEU C 376 7.52 19.90 -18.02
N LEU C 376 7.48 19.89 -18.02
CA LEU C 376 7.41 18.57 -17.43
CA LEU C 376 7.38 18.56 -17.40
C LEU C 376 8.36 18.41 -16.23
C LEU C 376 8.35 18.40 -16.24
N VAL C 377 7.77 18.16 -15.07
CA VAL C 377 8.47 18.39 -13.83
C VAL C 377 9.49 17.29 -13.51
N ASN C 378 9.17 16.06 -13.91
CA ASN C 378 10.10 14.96 -13.67
C ASN C 378 11.45 15.20 -14.28
N LEU C 379 11.46 15.67 -15.53
CA LEU C 379 12.71 15.98 -16.22
C LEU C 379 13.29 17.35 -15.83
N GLY C 380 12.42 18.30 -15.47
CA GLY C 380 12.86 19.62 -15.15
C GLY C 380 13.54 19.76 -13.81
N ASN C 381 12.96 19.09 -12.81
CA ASN C 381 13.44 19.17 -11.44
C ASN C 381 14.14 17.91 -10.95
N ALA C 382 14.10 16.86 -11.76
CA ALA C 382 14.87 15.65 -11.45
C ALA C 382 15.52 15.13 -12.72
N THR C 383 15.49 13.84 -12.98
CA THR C 383 16.19 13.27 -14.12
C THR C 383 15.28 12.43 -14.98
N GLY C 384 13.96 12.64 -14.86
CA GLY C 384 13.01 11.84 -15.60
C GLY C 384 13.00 10.39 -15.15
N HIS C 385 12.51 9.54 -16.03
CA HIS C 385 12.31 8.14 -15.69
C HIS C 385 13.68 7.45 -15.53
N PRO C 386 13.73 6.37 -14.78
CA PRO C 386 14.99 5.65 -14.58
C PRO C 386 15.33 4.79 -15.80
N SER C 387 16.62 4.51 -15.95
CA SER C 387 17.11 3.70 -17.04
C SER C 387 16.37 2.40 -17.28
N ARG C 388 16.07 1.65 -16.21
CA ARG C 388 15.47 0.34 -16.41
C ARG C 388 14.03 0.40 -16.96
N ILE C 389 13.36 1.55 -16.73
CA ILE C 389 12.06 1.79 -17.39
C ILE C 389 12.26 2.24 -18.82
N MET C 390 13.16 3.20 -19.04
CA MET C 390 13.40 3.71 -20.42
C MET C 390 13.93 2.65 -21.37
N ASP C 391 14.51 1.59 -20.81
CA ASP C 391 14.96 0.45 -21.61
C ASP C 391 13.82 -0.05 -22.51
N GLY C 392 12.61 -0.17 -21.90
CA GLY C 392 11.48 -0.65 -22.71
C GLY C 392 11.12 0.29 -23.84
N SER C 393 10.94 1.55 -23.49
CA SER C 393 10.61 2.55 -24.50
C SER C 393 11.60 2.57 -25.63
N PHE C 394 12.86 2.56 -25.28
CA PHE C 394 13.92 2.76 -26.23
C PHE C 394 14.26 1.55 -27.03
N ALA C 395 14.04 0.38 -26.47
CA ALA C 395 14.08 -0.86 -27.30
C ALA C 395 13.03 -0.79 -28.40
N ASN C 396 11.82 -0.37 -28.03
CA ASN C 396 10.79 -0.17 -29.05
C ASN C 396 11.22 0.87 -30.12
N GLN C 397 11.82 1.99 -29.68
CA GLN C 397 12.32 2.97 -30.64
C GLN C 397 13.31 2.38 -31.65
N VAL C 398 14.25 1.58 -31.13
CA VAL C 398 15.27 1.03 -32.02
C VAL C 398 14.61 0.04 -33.01
N LEU C 399 13.71 -0.81 -32.52
CA LEU C 399 13.00 -1.73 -33.41
C LEU C 399 12.18 -1.00 -34.47
N ALA C 400 11.56 0.11 -34.06
CA ALA C 400 10.75 0.89 -34.98
C ALA C 400 11.63 1.56 -36.05
N GLN C 401 12.78 2.10 -35.65
CA GLN C 401 13.73 2.65 -36.60
C GLN C 401 14.20 1.61 -37.61
N ILE C 402 14.54 0.42 -37.12
CA ILE C 402 14.93 -0.67 -38.00
C ILE C 402 13.82 -0.95 -39.01
N HIS C 403 12.58 -1.09 -38.51
CA HIS C 403 11.48 -1.50 -39.40
C HIS C 403 11.27 -0.45 -40.52
N LEU C 404 11.14 0.83 -40.11
CA LEU C 404 10.85 1.84 -41.15
C LEU C 404 12.06 2.06 -42.07
N PHE C 405 13.27 2.02 -41.52
CA PHE C 405 14.44 2.19 -42.36
C PHE C 405 14.53 1.09 -43.39
N GLU C 406 14.30 -0.17 -42.95
CA GLU C 406 14.38 -1.27 -43.89
C GLU C 406 13.27 -1.24 -44.94
N GLN C 407 12.12 -0.68 -44.59
CA GLN C 407 11.01 -0.55 -45.56
C GLN C 407 11.30 0.42 -46.69
N LYS C 408 12.14 1.43 -46.43
CA LYS C 408 12.62 2.35 -47.49
C LYS C 408 11.48 3.03 -48.23
N TYR C 409 10.50 3.54 -47.49
CA TYR C 409 9.35 4.22 -48.08
C TYR C 409 9.70 5.23 -49.14
N ALA C 410 10.72 6.04 -48.93
CA ALA C 410 10.99 7.14 -49.85
C ALA C 410 11.28 6.64 -51.29
N ASP C 411 11.82 5.41 -51.35
CA ASP C 411 12.24 4.84 -52.59
C ASP C 411 11.20 3.92 -53.25
N LEU C 412 10.04 3.78 -52.58
CA LEU C 412 9.03 2.87 -53.11
C LEU C 412 8.30 3.46 -54.31
N PRO C 413 7.81 2.60 -55.21
CA PRO C 413 6.88 3.10 -56.25
C PRO C 413 5.61 3.74 -55.68
N ALA C 414 5.02 4.64 -56.45
CA ALA C 414 3.91 5.49 -55.94
C ALA C 414 2.74 4.66 -55.41
N ALA C 415 2.37 3.58 -56.11
CA ALA C 415 1.25 2.76 -55.68
C ALA C 415 1.49 2.07 -54.36
N GLU C 416 2.74 1.68 -54.12
CA GLU C 416 3.12 1.05 -52.87
C GLU C 416 3.24 2.06 -51.73
N LYS C 417 3.72 3.27 -52.02
CA LYS C 417 3.74 4.30 -50.99
C LYS C 417 2.31 4.55 -50.48
N ALA C 418 1.33 4.56 -51.37
CA ALA C 418 -0.07 4.86 -50.96
C ALA C 418 -0.57 3.85 -49.96
N LYS C 419 -0.13 2.63 -50.11
CA LYS C 419 -0.52 1.52 -49.19
C LYS C 419 0.22 1.54 -47.87
N ARG C 420 1.36 2.19 -47.82
CA ARG C 420 2.26 2.17 -46.67
C ARG C 420 2.26 3.49 -45.90
N LEU C 421 1.48 4.49 -46.34
CA LEU C 421 1.46 5.76 -45.62
C LEU C 421 0.44 5.66 -44.51
N SER C 422 0.93 5.38 -43.32
CA SER C 422 0.06 5.01 -42.19
C SER C 422 0.78 5.31 -40.88
N VAL C 423 0.05 5.24 -39.78
CA VAL C 423 0.59 5.34 -38.44
C VAL C 423 0.26 4.01 -37.75
N GLU C 424 1.29 3.20 -37.52
CA GLU C 424 1.12 1.86 -37.05
C GLU C 424 1.87 1.66 -35.74
N VAL C 425 1.52 0.59 -35.03
CA VAL C 425 2.26 0.12 -33.86
C VAL C 425 3.10 -1.10 -34.27
N LEU C 426 4.07 -1.40 -33.42
CA LEU C 426 4.87 -2.63 -33.62
C LEU C 426 4.04 -3.86 -33.32
N PRO C 427 4.39 -5.00 -33.96
CA PRO C 427 3.68 -6.24 -33.68
C PRO C 427 3.81 -6.72 -32.24
N LYS C 428 2.74 -7.32 -31.73
CA LYS C 428 2.73 -7.81 -30.37
C LYS C 428 3.90 -8.75 -30.06
N LYS C 429 4.30 -9.58 -31.04
CA LYS C 429 5.42 -10.45 -30.82
C LYS C 429 6.68 -9.70 -30.33
N LEU C 430 6.93 -8.55 -30.94
CA LEU C 430 8.07 -7.74 -30.58
C LEU C 430 7.90 -7.06 -29.21
N ASP C 431 6.69 -6.60 -28.93
CA ASP C 431 6.36 -6.06 -27.59
C ASP C 431 6.68 -7.12 -26.54
N GLU C 432 6.29 -8.39 -26.79
CA GLU C 432 6.55 -9.44 -25.86
C GLU C 432 8.04 -9.73 -25.71
N GLU C 433 8.78 -9.65 -26.82
CA GLU C 433 10.22 -9.91 -26.74
C GLU C 433 10.90 -8.86 -25.90
N VAL C 434 10.50 -7.58 -26.05
CA VAL C 434 11.06 -6.53 -25.21
C VAL C 434 10.73 -6.84 -23.74
N ALA C 435 9.46 -7.15 -23.48
CA ALA C 435 9.05 -7.47 -22.12
C ALA C 435 9.84 -8.59 -21.50
N LEU C 436 10.10 -9.64 -22.27
CA LEU C 436 10.90 -10.75 -21.73
C LEU C 436 12.28 -10.32 -21.28
N GLU C 437 12.90 -9.49 -22.09
CA GLU C 437 14.23 -8.95 -21.67
C GLU C 437 14.16 -8.15 -20.41
N MET C 438 13.09 -7.34 -20.29
CA MET C 438 12.90 -6.56 -19.05
C MET C 438 12.71 -7.50 -17.84
N VAL C 439 11.89 -8.54 -17.99
CA VAL C 439 11.64 -9.47 -16.90
C VAL C 439 12.92 -10.17 -16.47
N LYS C 440 13.69 -10.62 -17.46
CA LYS C 440 14.96 -11.24 -17.14
C LYS C 440 15.89 -10.30 -16.41
N GLY C 441 15.81 -9.02 -16.72
CA GLY C 441 16.61 -8.04 -15.97
C GLY C 441 16.33 -7.97 -14.48
N PHE C 442 15.08 -8.27 -14.11
CA PHE C 442 14.71 -8.40 -12.72
C PHE C 442 15.02 -9.76 -12.10
N GLY C 443 15.52 -10.69 -12.90
CA GLY C 443 15.68 -12.03 -12.44
C GLY C 443 14.41 -12.85 -12.49
N GLY C 444 13.39 -12.33 -13.16
CA GLY C 444 12.13 -13.05 -13.25
C GLY C 444 12.27 -14.27 -14.19
N VAL C 445 11.47 -15.27 -13.92
CA VAL C 445 11.44 -16.52 -14.71
C VAL C 445 10.05 -16.75 -15.23
N VAL C 446 9.90 -16.66 -16.55
N VAL C 446 9.88 -16.66 -16.55
CA VAL C 446 8.63 -16.91 -17.24
CA VAL C 446 8.57 -16.92 -17.16
C VAL C 446 8.47 -18.42 -17.42
C VAL C 446 8.45 -18.41 -17.43
N THR C 447 7.26 -18.92 -17.19
CA THR C 447 6.93 -20.32 -17.42
C THR C 447 6.67 -20.55 -18.91
N GLN C 448 7.07 -21.70 -19.44
CA GLN C 448 6.76 -22.13 -20.79
C GLN C 448 5.50 -23.01 -20.80
N LEU C 449 4.57 -22.71 -21.66
CA LEU C 449 3.38 -23.55 -21.84
C LEU C 449 3.79 -24.95 -22.33
N THR C 450 3.07 -25.95 -21.86
CA THR C 450 3.17 -27.26 -22.46
C THR C 450 2.40 -27.26 -23.79
N PRO C 451 2.66 -28.24 -24.67
CA PRO C 451 1.86 -28.29 -25.90
C PRO C 451 0.36 -28.40 -25.66
N LYS C 452 -0.03 -29.20 -24.64
CA LYS C 452 -1.46 -29.35 -24.33
C LYS C 452 -2.05 -28.03 -23.85
N GLN C 453 -1.31 -27.31 -23.02
CA GLN C 453 -1.83 -25.99 -22.54
C GLN C 453 -1.95 -24.97 -23.67
N ALA C 454 -0.97 -24.95 -24.55
CA ALA C 454 -1.00 -24.02 -25.65
C ALA C 454 -2.22 -24.32 -26.57
N GLU C 455 -2.47 -25.61 -26.82
CA GLU C 455 -3.66 -26.00 -27.56
C GLU C 455 -4.96 -25.57 -26.83
N TYR C 456 -4.96 -25.76 -25.52
CA TYR C 456 -6.17 -25.48 -24.71
C TYR C 456 -6.59 -24.01 -24.77
N ILE C 457 -5.59 -23.10 -24.78
CA ILE C 457 -5.91 -21.68 -24.82
C ILE C 457 -5.76 -21.08 -26.21
N GLY C 458 -5.33 -21.90 -27.18
CA GLY C 458 -5.30 -21.45 -28.56
C GLY C 458 -4.19 -20.49 -28.94
N VAL C 459 -3.01 -20.71 -28.36
CA VAL C 459 -1.83 -19.90 -28.71
C VAL C 459 -0.66 -20.77 -29.02
N SER C 460 0.32 -20.21 -29.71
N SER C 460 0.33 -20.21 -29.69
CA SER C 460 1.61 -20.88 -29.89
CA SER C 460 1.61 -20.87 -29.88
C SER C 460 2.40 -20.84 -28.57
C SER C 460 2.40 -20.85 -28.56
N VAL C 461 3.23 -21.86 -28.34
CA VAL C 461 4.06 -21.88 -27.16
C VAL C 461 4.95 -20.66 -27.06
N GLU C 462 5.40 -20.13 -28.20
CA GLU C 462 6.26 -18.94 -28.23
C GLU C 462 5.53 -17.61 -28.14
N GLY C 463 4.20 -17.64 -28.17
CA GLY C 463 3.42 -16.42 -28.29
C GLY C 463 3.21 -16.01 -29.75
N PRO C 464 2.46 -14.93 -30.01
CA PRO C 464 1.88 -14.08 -29.00
C PRO C 464 0.80 -14.70 -28.14
N PHE C 465 0.69 -14.21 -26.90
CA PHE C 465 -0.14 -14.82 -25.89
C PHE C 465 -1.57 -14.29 -25.81
N LYS C 466 -1.77 -13.11 -26.39
CA LYS C 466 -3.05 -12.39 -26.21
C LYS C 466 -3.49 -11.93 -27.59
N PRO C 467 -4.82 -11.78 -27.78
CA PRO C 467 -5.31 -11.18 -28.99
C PRO C 467 -5.02 -9.66 -29.01
N ASP C 468 -5.05 -9.09 -30.19
CA ASP C 468 -4.76 -7.67 -30.35
C ASP C 468 -5.72 -6.75 -29.54
N THR C 469 -6.92 -7.25 -29.25
CA THR C 469 -7.89 -6.54 -28.45
C THR C 469 -7.52 -6.41 -26.98
N TYR C 470 -6.53 -7.18 -26.54
CA TYR C 470 -6.28 -7.26 -25.08
C TYR C 470 -5.67 -5.98 -24.53
N ARG C 471 -6.15 -5.58 -23.36
CA ARG C 471 -5.83 -4.31 -22.75
C ARG C 471 -4.82 -4.32 -21.63
N TYR C 472 -4.49 -5.51 -21.11
CA TYR C 472 -3.53 -5.66 -19.99
C TYR C 472 -3.95 -4.82 -18.79
N GLY D 12 -49.85 -20.04 -6.86
CA GLY D 12 -49.91 -21.30 -7.73
C GLY D 12 -48.60 -21.63 -8.50
N PHE D 13 -47.58 -20.82 -8.28
CA PHE D 13 -46.33 -20.97 -9.04
C PHE D 13 -45.43 -22.09 -8.52
N THR D 14 -45.06 -23.01 -9.41
CA THR D 14 -44.31 -24.18 -9.02
C THR D 14 -43.15 -24.56 -9.97
N ASP D 15 -42.90 -23.76 -10.99
CA ASP D 15 -41.92 -24.09 -12.09
C ASP D 15 -40.52 -23.65 -11.70
N TYR D 16 -39.94 -24.38 -10.74
CA TYR D 16 -38.64 -24.04 -10.17
C TYR D 16 -38.12 -25.20 -9.38
N LYS D 17 -36.85 -25.18 -9.07
CA LYS D 17 -36.29 -26.13 -8.09
CA LYS D 17 -36.27 -26.17 -8.12
C LYS D 17 -35.13 -25.43 -7.38
N VAL D 18 -35.34 -25.20 -6.08
CA VAL D 18 -34.40 -24.52 -5.22
C VAL D 18 -34.30 -25.28 -3.89
N ALA D 19 -33.26 -24.99 -3.12
CA ALA D 19 -33.04 -25.73 -1.87
C ALA D 19 -34.16 -25.54 -0.88
N ASP D 20 -34.61 -24.29 -0.71
CA ASP D 20 -35.55 -24.01 0.40
C ASP D 20 -36.27 -22.70 0.15
N ILE D 21 -37.52 -22.78 -0.32
CA ILE D 21 -38.30 -21.61 -0.63
C ILE D 21 -38.51 -20.69 0.55
N THR D 22 -38.44 -21.20 1.78
CA THR D 22 -38.63 -20.36 2.97
C THR D 22 -37.52 -19.35 3.19
N LEU D 23 -36.42 -19.47 2.43
CA LEU D 23 -35.34 -18.48 2.49
C LEU D 23 -35.68 -17.20 1.69
N ALA D 24 -36.85 -17.17 1.03
CA ALA D 24 -37.15 -16.10 0.10
C ALA D 24 -37.20 -14.73 0.78
N ALA D 25 -37.81 -14.64 1.96
CA ALA D 25 -37.89 -13.30 2.61
C ALA D 25 -36.51 -12.72 2.91
N TRP D 26 -35.60 -13.57 3.37
CA TRP D 26 -34.21 -13.18 3.59
C TRP D 26 -33.57 -12.70 2.26
N GLY D 27 -33.74 -13.49 1.22
CA GLY D 27 -33.22 -13.10 -0.07
C GLY D 27 -33.77 -11.73 -0.53
N ARG D 28 -35.06 -11.53 -0.33
CA ARG D 28 -35.66 -10.27 -0.73
C ARG D 28 -35.07 -9.10 0.07
N ARG D 29 -34.84 -9.29 1.38
CA ARG D 29 -34.17 -8.23 2.13
C ARG D 29 -32.81 -7.89 1.54
N GLU D 30 -32.06 -8.91 1.18
CA GLU D 30 -30.75 -8.68 0.57
C GLU D 30 -30.83 -8.08 -0.83
N LEU D 31 -31.84 -8.47 -1.63
CA LEU D 31 -32.04 -7.82 -2.91
C LEU D 31 -32.31 -6.31 -2.77
N ILE D 32 -33.13 -5.95 -1.79
CA ILE D 32 -33.43 -4.52 -1.59
C ILE D 32 -32.16 -3.74 -1.25
N ILE D 33 -31.31 -4.31 -0.40
CA ILE D 33 -30.01 -3.68 -0.14
C ILE D 33 -29.15 -3.60 -1.42
N ALA D 34 -29.13 -4.71 -2.16
CA ALA D 34 -28.32 -4.75 -3.39
C ALA D 34 -28.72 -3.74 -4.42
N GLU D 35 -30.03 -3.48 -4.54
CA GLU D 35 -30.48 -2.45 -5.47
C GLU D 35 -29.86 -1.11 -5.14
N SER D 36 -29.69 -0.83 -3.85
CA SER D 36 -29.06 0.46 -3.47
C SER D 36 -27.58 0.55 -3.74
N GLU D 37 -26.97 -0.62 -3.98
CA GLU D 37 -25.54 -0.74 -4.33
C GLU D 37 -25.29 -0.85 -5.84
N MET D 38 -26.38 -0.80 -6.66
CA MET D 38 -26.24 -1.07 -8.08
C MET D 38 -26.86 0.05 -8.89
N PRO D 39 -26.30 1.24 -8.83
CA PRO D 39 -26.92 2.38 -9.50
C PRO D 39 -26.99 2.30 -11.00
N ALA D 40 -25.97 1.73 -11.64
CA ALA D 40 -26.04 1.64 -13.12
C ALA D 40 -27.19 0.73 -13.55
N LEU D 41 -27.29 -0.43 -12.91
CA LEU D 41 -28.30 -1.37 -13.24
C LEU D 41 -29.70 -0.82 -12.91
N MET D 42 -29.85 -0.23 -11.73
CA MET D 42 -31.12 0.38 -11.36
C MET D 42 -31.45 1.62 -12.22
N GLY D 43 -30.44 2.31 -12.67
CA GLY D 43 -30.63 3.42 -13.61
C GLY D 43 -31.24 2.94 -14.92
N LEU D 44 -30.76 1.79 -15.37
CA LEU D 44 -31.33 1.20 -16.60
C LEU D 44 -32.77 0.79 -16.39
N ARG D 45 -33.06 0.21 -15.22
CA ARG D 45 -34.42 -0.24 -14.93
C ARG D 45 -35.34 0.98 -14.96
N ARG D 46 -34.89 2.12 -14.37
CA ARG D 46 -35.72 3.30 -14.36
C ARG D 46 -35.87 3.94 -15.72
N LYS D 47 -34.78 4.01 -16.48
CA LYS D 47 -34.78 4.65 -17.78
C LYS D 47 -35.67 3.95 -18.80
N TYR D 48 -35.60 2.62 -18.81
CA TYR D 48 -36.23 1.80 -19.86
C TYR D 48 -37.52 1.12 -19.43
N ALA D 49 -37.97 1.31 -18.20
CA ALA D 49 -39.21 0.59 -17.79
C ALA D 49 -40.40 1.01 -18.65
N GLY D 50 -40.51 2.28 -18.99
CA GLY D 50 -41.63 2.75 -19.79
C GLY D 50 -41.66 2.15 -21.17
N GLN D 51 -40.51 2.13 -21.81
N GLN D 51 -40.46 1.99 -21.69
CA GLN D 51 -40.40 1.71 -23.18
CA GLN D 51 -40.24 1.65 -23.06
C GLN D 51 -40.47 0.16 -23.32
C GLN D 51 -40.34 0.16 -23.33
N GLN D 52 -40.15 -0.61 -22.28
CA GLN D 52 -40.20 -2.06 -22.34
C GLN D 52 -39.41 -2.63 -23.52
N PRO D 53 -38.12 -2.33 -23.60
CA PRO D 53 -37.33 -2.74 -24.77
C PRO D 53 -37.16 -4.24 -24.91
N LEU D 54 -37.38 -4.99 -23.83
CA LEU D 54 -37.29 -6.43 -23.88
C LEU D 54 -38.65 -7.12 -23.87
N LYS D 55 -39.72 -6.39 -24.19
CA LYS D 55 -41.02 -7.04 -24.38
C LYS D 55 -40.92 -8.05 -25.51
N GLY D 56 -41.29 -9.28 -25.23
CA GLY D 56 -41.16 -10.37 -26.20
C GLY D 56 -39.88 -11.16 -26.06
N ALA D 57 -38.90 -10.66 -25.33
CA ALA D 57 -37.65 -11.44 -25.15
C ALA D 57 -37.91 -12.61 -24.19
N LYS D 58 -37.31 -13.74 -24.54
CA LYS D 58 -37.43 -14.98 -23.78
C LYS D 58 -36.00 -15.48 -23.60
N ILE D 59 -35.44 -15.18 -22.43
CA ILE D 59 -34.01 -15.31 -22.18
C ILE D 59 -33.67 -16.56 -21.37
N LEU D 60 -32.84 -17.41 -21.96
CA LEU D 60 -32.20 -18.51 -21.23
C LEU D 60 -30.97 -17.92 -20.55
N GLY D 61 -30.92 -17.96 -19.23
CA GLY D 61 -29.80 -17.45 -18.47
C GLY D 61 -29.07 -18.53 -17.70
N CYS D 62 -27.76 -18.51 -17.76
CA CYS D 62 -26.89 -19.44 -17.03
C CYS D 62 -25.72 -18.66 -16.41
N ILE D 63 -25.90 -18.24 -15.18
CA ILE D 63 -24.91 -17.50 -14.46
C ILE D 63 -25.19 -17.63 -12.96
N HIS D 64 -24.12 -17.76 -12.19
CA HIS D 64 -24.12 -17.85 -10.73
C HIS D 64 -25.34 -17.24 -10.10
N MET D 65 -26.13 -18.05 -9.42
CA MET D 65 -27.43 -17.56 -8.87
C MET D 65 -27.25 -16.90 -7.52
N THR D 66 -26.65 -15.73 -7.57
CA THR D 66 -26.36 -14.90 -6.43
C THR D 66 -27.41 -13.78 -6.26
N ILE D 67 -27.28 -13.03 -5.16
CA ILE D 67 -28.10 -11.87 -4.98
C ILE D 67 -27.90 -10.86 -6.15
N GLN D 68 -26.65 -10.72 -6.60
CA GLN D 68 -26.34 -9.80 -7.69
C GLN D 68 -27.05 -10.21 -8.98
N THR D 69 -26.99 -11.51 -9.27
CA THR D 69 -27.72 -12.03 -10.42
C THR D 69 -29.23 -11.81 -10.27
N GLY D 70 -29.72 -11.90 -9.04
CA GLY D 70 -31.12 -11.62 -8.81
C GLY D 70 -31.54 -10.21 -9.25
N VAL D 71 -30.70 -9.21 -8.96
CA VAL D 71 -30.99 -7.87 -9.41
C VAL D 71 -30.95 -7.74 -10.94
N LEU D 72 -30.01 -8.45 -11.56
CA LEU D 72 -29.97 -8.56 -13.04
C LEU D 72 -31.23 -9.17 -13.60
N ILE D 73 -31.64 -10.32 -13.06
CA ILE D 73 -32.85 -11.00 -13.52
C ILE D 73 -34.05 -10.07 -13.44
N GLU D 74 -34.21 -9.45 -12.27
CA GLU D 74 -35.41 -8.62 -12.08
C GLU D 74 -35.35 -7.34 -12.92
N THR D 75 -34.16 -6.90 -13.32
CA THR D 75 -34.04 -5.80 -14.28
C THR D 75 -34.52 -6.24 -15.68
N LEU D 76 -34.05 -7.40 -16.13
CA LEU D 76 -34.50 -7.91 -17.40
C LEU D 76 -36.02 -8.06 -17.43
N VAL D 77 -36.57 -8.66 -16.37
CA VAL D 77 -38.04 -8.80 -16.26
C VAL D 77 -38.76 -7.45 -16.25
N ALA D 78 -38.21 -6.50 -15.50
CA ALA D 78 -38.82 -5.17 -15.44
C ALA D 78 -38.84 -4.46 -16.77
N LEU D 79 -37.93 -4.82 -17.68
CA LEU D 79 -37.86 -4.27 -19.01
C LEU D 79 -38.67 -5.05 -20.05
N GLY D 80 -39.32 -6.12 -19.61
CA GLY D 80 -40.29 -6.86 -20.40
C GLY D 80 -40.00 -8.30 -20.68
N ALA D 81 -38.78 -8.74 -20.32
CA ALA D 81 -38.38 -10.12 -20.63
C ALA D 81 -39.06 -11.13 -19.72
N GLU D 82 -39.18 -12.35 -20.26
CA GLU D 82 -39.38 -13.53 -19.45
C GLU D 82 -38.06 -14.30 -19.50
N VAL D 83 -37.77 -15.01 -18.41
CA VAL D 83 -36.52 -15.76 -18.33
C VAL D 83 -36.73 -17.16 -17.80
N ARG D 84 -35.73 -18.03 -18.03
CA ARG D 84 -35.61 -19.28 -17.30
C ARG D 84 -34.12 -19.41 -16.94
N TRP D 85 -33.84 -19.68 -15.66
CA TRP D 85 -32.50 -19.48 -15.12
C TRP D 85 -31.89 -20.71 -14.45
N SER D 86 -30.57 -20.80 -14.60
CA SER D 86 -29.75 -21.77 -13.86
C SER D 86 -28.42 -21.13 -13.49
N SER D 87 -27.70 -21.76 -12.58
CA SER D 87 -26.37 -21.32 -12.24
C SER D 87 -25.33 -21.93 -13.18
N CYS D 88 -24.18 -21.25 -13.31
CA CYS D 88 -23.07 -21.76 -14.09
C CYS D 88 -21.98 -22.40 -13.25
N ASN D 89 -22.27 -22.70 -11.99
CA ASN D 89 -21.33 -23.44 -11.15
C ASN D 89 -22.11 -24.16 -10.07
N ILE D 90 -21.62 -25.35 -9.73
CA ILE D 90 -22.27 -26.18 -8.72
C ILE D 90 -22.29 -25.61 -7.28
N PHE D 91 -21.35 -24.71 -6.98
CA PHE D 91 -21.22 -24.17 -5.63
C PHE D 91 -21.55 -22.67 -5.52
N SER D 92 -21.90 -22.01 -6.62
CA SER D 92 -21.97 -20.55 -6.55
C SER D 92 -23.31 -19.95 -6.17
N THR D 93 -24.40 -20.74 -6.25
CA THR D 93 -25.69 -20.25 -5.88
C THR D 93 -25.72 -19.81 -4.40
N GLN D 94 -26.42 -18.69 -4.14
CA GLN D 94 -26.84 -18.32 -2.82
C GLN D 94 -28.30 -18.76 -2.70
N ASP D 95 -28.56 -19.71 -1.80
CA ASP D 95 -29.89 -20.30 -1.74
C ASP D 95 -31.02 -19.28 -1.46
N GLN D 96 -30.72 -18.25 -0.69
CA GLN D 96 -31.72 -17.23 -0.41
C GLN D 96 -32.03 -16.41 -1.67
N ALA D 97 -31.02 -16.18 -2.55
CA ALA D 97 -31.28 -15.50 -3.81
C ALA D 97 -32.17 -16.33 -4.71
N ALA D 98 -31.83 -17.64 -4.85
CA ALA D 98 -32.63 -18.51 -5.68
C ALA D 98 -34.08 -18.52 -5.18
N ALA D 99 -34.25 -18.63 -3.85
CA ALA D 99 -35.58 -18.64 -3.28
C ALA D 99 -36.34 -17.36 -3.57
N ALA D 100 -35.69 -16.20 -3.44
CA ALA D 100 -36.40 -14.96 -3.70
C ALA D 100 -36.87 -14.85 -5.14
N ILE D 101 -36.04 -15.32 -6.05
CA ILE D 101 -36.39 -15.29 -7.48
C ILE D 101 -37.55 -16.26 -7.76
N ALA D 102 -37.48 -17.47 -7.24
CA ALA D 102 -38.60 -18.43 -7.40
C ALA D 102 -39.90 -17.85 -6.83
N ALA D 103 -39.78 -17.21 -5.66
CA ALA D 103 -40.99 -16.62 -5.02
C ALA D 103 -41.61 -15.48 -5.81
N ALA D 104 -40.80 -14.85 -6.65
CA ALA D 104 -41.25 -13.80 -7.54
C ALA D 104 -41.87 -14.34 -8.82
N GLY D 105 -42.00 -15.68 -8.93
CA GLY D 105 -42.67 -16.26 -10.07
C GLY D 105 -41.76 -16.45 -11.29
N ILE D 106 -40.45 -16.55 -11.06
CA ILE D 106 -39.48 -16.68 -12.12
C ILE D 106 -38.89 -18.11 -12.07
N PRO D 107 -38.91 -18.81 -13.21
CA PRO D 107 -38.30 -20.18 -13.21
C PRO D 107 -36.82 -20.16 -12.99
N VAL D 108 -36.40 -20.84 -11.93
CA VAL D 108 -34.98 -20.95 -11.57
C VAL D 108 -34.76 -22.36 -11.06
N PHE D 109 -33.62 -22.95 -11.48
CA PHE D 109 -33.22 -24.31 -11.14
C PHE D 109 -31.77 -24.22 -10.67
N ALA D 110 -31.60 -24.08 -9.35
CA ALA D 110 -30.30 -23.76 -8.82
C ALA D 110 -30.25 -23.93 -7.31
N TRP D 111 -29.16 -24.56 -6.83
CA TRP D 111 -28.90 -24.66 -5.40
C TRP D 111 -27.40 -24.79 -5.18
N LYS D 112 -26.96 -24.40 -3.99
CA LYS D 112 -25.58 -24.55 -3.63
C LYS D 112 -25.30 -26.02 -3.34
N GLY D 113 -24.23 -26.55 -3.97
CA GLY D 113 -23.87 -27.98 -3.75
C GLY D 113 -24.54 -28.97 -4.67
N GLU D 114 -24.75 -28.57 -5.92
CA GLU D 114 -25.20 -29.51 -6.96
C GLU D 114 -24.14 -30.56 -7.24
N THR D 115 -24.61 -31.74 -7.65
CA THR D 115 -23.75 -32.72 -8.30
C THR D 115 -23.60 -32.30 -9.79
N GLU D 116 -22.64 -32.91 -10.51
CA GLU D 116 -22.52 -32.62 -11.95
C GLU D 116 -23.75 -33.00 -12.71
N GLU D 117 -24.36 -34.12 -12.34
CA GLU D 117 -25.59 -34.56 -13.02
C GLU D 117 -26.71 -33.54 -12.78
N GLU D 118 -26.83 -33.06 -11.53
CA GLU D 118 -27.85 -32.04 -11.25
C GLU D 118 -27.60 -30.76 -12.00
N TYR D 119 -26.33 -30.38 -12.11
CA TYR D 119 -25.93 -29.16 -12.85
C TYR D 119 -26.45 -29.19 -14.29
N GLU D 120 -26.24 -30.31 -14.97
CA GLU D 120 -26.64 -30.44 -16.34
C GLU D 120 -28.15 -30.47 -16.45
N TRP D 121 -28.79 -31.19 -15.50
CA TRP D 121 -30.25 -31.20 -15.44
C TRP D 121 -30.88 -29.83 -15.30
N CYS D 122 -30.25 -28.98 -14.46
CA CYS D 122 -30.76 -27.61 -14.24
C CYS D 122 -30.71 -26.81 -15.53
N ILE D 123 -29.61 -26.88 -16.27
CA ILE D 123 -29.55 -26.18 -17.54
C ILE D 123 -30.66 -26.69 -18.47
N GLU D 124 -30.82 -28.01 -18.53
N GLU D 124 -30.84 -28.01 -18.50
CA GLU D 124 -31.89 -28.61 -19.37
CA GLU D 124 -31.82 -28.57 -19.44
C GLU D 124 -33.29 -28.11 -18.97
C GLU D 124 -33.26 -28.18 -18.99
N GLN D 125 -33.50 -27.87 -17.69
CA GLN D 125 -34.83 -27.35 -17.26
C GLN D 125 -35.09 -25.92 -17.69
N THR D 126 -34.03 -25.17 -17.99
CA THR D 126 -34.24 -23.86 -18.58
C THR D 126 -34.62 -23.98 -20.06
N ILE D 127 -33.93 -24.90 -20.74
CA ILE D 127 -34.15 -25.12 -22.18
C ILE D 127 -35.54 -25.66 -22.52
N LEU D 128 -36.01 -26.56 -21.69
CA LEU D 128 -37.30 -27.23 -21.90
C LEU D 128 -38.34 -26.62 -20.98
N LYS D 129 -39.56 -26.50 -21.49
CA LYS D 129 -40.72 -26.14 -20.66
C LYS D 129 -41.76 -27.20 -20.96
N ASP D 130 -42.28 -27.86 -19.92
CA ASP D 130 -43.28 -28.90 -20.08
C ASP D 130 -42.88 -29.96 -21.08
N GLY D 131 -41.59 -30.30 -21.04
CA GLY D 131 -41.02 -31.40 -21.77
C GLY D 131 -40.65 -31.15 -23.24
N GLN D 132 -40.78 -29.90 -23.68
CA GLN D 132 -40.55 -29.53 -25.08
C GLN D 132 -39.71 -28.21 -25.07
N PRO D 133 -38.98 -27.93 -26.16
CA PRO D 133 -38.19 -26.71 -26.20
C PRO D 133 -39.04 -25.48 -25.86
N TRP D 134 -38.51 -24.65 -24.96
CA TRP D 134 -39.15 -23.40 -24.66
C TRP D 134 -39.01 -22.50 -25.90
N ASP D 135 -39.85 -21.47 -25.99
CA ASP D 135 -39.75 -20.49 -27.07
C ASP D 135 -38.69 -19.42 -26.78
N ALA D 136 -37.49 -19.90 -26.54
CA ALA D 136 -36.39 -18.99 -26.25
C ALA D 136 -36.03 -18.16 -27.48
N ASN D 137 -35.58 -16.93 -27.23
CA ASN D 137 -35.03 -16.14 -28.31
C ASN D 137 -33.78 -15.34 -27.94
N MET D 138 -33.24 -15.51 -26.73
CA MET D 138 -32.03 -14.86 -26.29
C MET D 138 -31.30 -15.77 -25.32
N VAL D 139 -29.97 -15.61 -25.23
CA VAL D 139 -29.16 -16.37 -24.29
C VAL D 139 -28.22 -15.41 -23.56
N LEU D 140 -28.14 -15.60 -22.23
CA LEU D 140 -27.21 -14.89 -21.35
C LEU D 140 -26.40 -16.00 -20.67
N ASP D 141 -25.08 -15.99 -20.88
CA ASP D 141 -24.24 -17.10 -20.44
C ASP D 141 -23.00 -16.56 -19.74
N ASP D 142 -22.47 -17.39 -18.87
CA ASP D 142 -21.21 -17.14 -18.16
C ASP D 142 -20.40 -18.41 -18.18
N GLY D 143 -19.48 -18.48 -19.13
CA GLY D 143 -18.58 -19.61 -19.28
C GLY D 143 -18.83 -20.52 -20.47
N GLY D 144 -19.98 -20.40 -21.10
CA GLY D 144 -20.26 -21.14 -22.31
C GLY D 144 -20.95 -22.47 -22.22
N ASP D 145 -21.27 -22.94 -21.03
CA ASP D 145 -21.82 -24.32 -20.95
C ASP D 145 -23.24 -24.40 -21.60
N LEU D 146 -24.06 -23.38 -21.35
CA LEU D 146 -25.39 -23.34 -21.97
C LEU D 146 -25.28 -23.21 -23.50
N THR D 147 -24.38 -22.32 -23.89
CA THR D 147 -24.11 -22.07 -25.34
C THR D 147 -23.73 -23.39 -26.01
N GLU D 148 -22.85 -24.16 -25.36
CA GLU D 148 -22.39 -25.41 -25.95
C GLU D 148 -23.53 -26.43 -26.08
N ILE D 149 -24.34 -26.53 -25.01
CA ILE D 149 -25.46 -27.48 -25.07
C ILE D 149 -26.45 -27.13 -26.19
N LEU D 150 -26.73 -25.84 -26.33
CA LEU D 150 -27.66 -25.42 -27.40
C LEU D 150 -27.12 -25.80 -28.78
N HIS D 151 -25.83 -25.52 -29.01
CA HIS D 151 -25.23 -25.84 -30.30
C HIS D 151 -25.16 -27.34 -30.56
N LYS D 152 -24.86 -28.14 -29.54
CA LYS D 152 -24.69 -29.58 -29.73
C LYS D 152 -26.03 -30.33 -29.82
N LYS D 153 -27.01 -29.91 -29.01
CA LYS D 153 -28.22 -30.68 -28.81
C LYS D 153 -29.50 -29.99 -29.31
N TYR D 154 -29.50 -28.67 -29.45
CA TYR D 154 -30.72 -27.90 -29.77
C TYR D 154 -30.51 -26.91 -30.90
N PRO D 155 -29.95 -27.36 -32.03
CA PRO D 155 -29.83 -26.43 -33.17
C PRO D 155 -31.16 -25.81 -33.66
N GLN D 156 -32.27 -26.53 -33.58
CA GLN D 156 -33.54 -25.94 -34.01
CA GLN D 156 -33.54 -25.98 -33.99
C GLN D 156 -33.92 -24.77 -33.16
N MET D 157 -33.56 -24.80 -31.88
CA MET D 157 -33.84 -23.63 -31.01
C MET D 157 -32.96 -22.45 -31.41
N LEU D 158 -31.71 -22.69 -31.83
CA LEU D 158 -30.82 -21.60 -32.22
C LEU D 158 -31.33 -20.85 -33.45
N GLU D 159 -32.13 -21.51 -34.31
CA GLU D 159 -32.70 -20.81 -35.45
C GLU D 159 -33.51 -19.59 -35.07
N ARG D 160 -34.12 -19.65 -33.87
CA ARG D 160 -35.03 -18.59 -33.42
C ARG D 160 -34.41 -17.69 -32.34
N ILE D 161 -33.10 -17.86 -32.06
CA ILE D 161 -32.40 -17.07 -31.05
C ILE D 161 -31.66 -15.93 -31.76
N HIS D 162 -31.82 -14.73 -31.20
CA HIS D 162 -31.26 -13.53 -31.81
C HIS D 162 -29.82 -13.28 -31.41
N GLY D 163 -29.40 -13.84 -30.29
CA GLY D 163 -28.05 -13.59 -29.84
C GLY D 163 -27.73 -14.16 -28.48
N ILE D 164 -26.44 -14.16 -28.19
CA ILE D 164 -25.83 -14.59 -26.94
C ILE D 164 -25.06 -13.41 -26.33
N THR D 165 -25.24 -13.17 -25.02
CA THR D 165 -24.42 -12.19 -24.34
C THR D 165 -23.60 -12.94 -23.30
N GLU D 166 -22.28 -12.97 -23.53
CA GLU D 166 -21.38 -13.79 -22.77
C GLU D 166 -20.55 -12.96 -21.78
N GLU D 167 -20.62 -13.42 -20.53
CA GLU D 167 -20.04 -12.71 -19.40
C GLU D 167 -18.53 -12.74 -19.25
N THR D 168 -17.90 -13.90 -19.48
CA THR D 168 -16.57 -14.12 -18.88
C THR D 168 -15.51 -14.53 -19.92
N THR D 169 -14.26 -14.31 -19.54
CA THR D 169 -13.16 -14.53 -20.45
C THR D 169 -13.19 -15.94 -21.08
N THR D 170 -13.39 -16.96 -20.26
CA THR D 170 -13.40 -18.34 -20.81
C THR D 170 -14.52 -18.54 -21.82
N GLY D 171 -15.71 -18.00 -21.46
CA GLY D 171 -16.82 -18.11 -22.43
C GLY D 171 -16.56 -17.43 -23.74
N VAL D 172 -15.93 -16.27 -23.70
CA VAL D 172 -15.60 -15.55 -24.92
C VAL D 172 -14.61 -16.37 -25.77
N HIS D 173 -13.61 -16.96 -25.12
CA HIS D 173 -12.71 -17.79 -25.87
C HIS D 173 -13.43 -18.93 -26.61
N ARG D 174 -14.39 -19.53 -25.92
CA ARG D 174 -15.15 -20.59 -26.54
C ARG D 174 -15.96 -20.11 -27.72
N LEU D 175 -16.57 -18.92 -27.60
CA LEU D 175 -17.30 -18.34 -28.71
C LEU D 175 -16.41 -18.07 -29.91
N LEU D 176 -15.22 -17.52 -29.65
CA LEU D 176 -14.33 -17.18 -30.74
C LEU D 176 -13.83 -18.44 -31.46
N ASP D 177 -13.67 -19.54 -30.71
CA ASP D 177 -13.34 -20.82 -31.33
C ASP D 177 -14.47 -21.30 -32.23
N MET D 178 -15.71 -21.16 -31.77
CA MET D 178 -16.83 -21.54 -32.64
C MET D 178 -16.86 -20.69 -33.93
N LEU D 179 -16.67 -19.39 -33.76
CA LEU D 179 -16.68 -18.49 -34.90
C LEU D 179 -15.59 -18.87 -35.91
N LYS D 180 -14.39 -19.10 -35.41
CA LYS D 180 -13.26 -19.47 -36.29
C LYS D 180 -13.56 -20.78 -37.03
N ASN D 181 -14.22 -21.72 -36.36
CA ASN D 181 -14.56 -23.00 -36.98
C ASN D 181 -15.81 -23.00 -37.83
N GLY D 182 -16.52 -21.89 -37.84
CA GLY D 182 -17.75 -21.80 -38.63
C GLY D 182 -18.95 -22.50 -37.97
N THR D 183 -18.89 -22.77 -36.67
CA THR D 183 -19.94 -23.51 -35.98
C THR D 183 -20.85 -22.62 -35.12
N LEU D 184 -20.50 -21.33 -34.96
CA LEU D 184 -21.35 -20.43 -34.19
C LEU D 184 -22.58 -20.12 -35.03
N LYS D 185 -23.74 -20.26 -34.39
CA LYS D 185 -25.01 -20.14 -35.10
C LYS D 185 -25.72 -18.80 -34.97
N VAL D 186 -25.38 -18.03 -33.95
CA VAL D 186 -26.03 -16.74 -33.66
C VAL D 186 -24.95 -15.77 -33.22
N PRO D 187 -25.19 -14.46 -33.44
CA PRO D 187 -24.19 -13.50 -33.02
C PRO D 187 -24.10 -13.36 -31.52
N ALA D 188 -22.95 -12.83 -31.07
CA ALA D 188 -22.75 -12.63 -29.66
C ALA D 188 -22.16 -11.29 -29.34
N ILE D 189 -22.42 -10.84 -28.13
CA ILE D 189 -21.70 -9.73 -27.55
C ILE D 189 -20.80 -10.28 -26.45
N ASN D 190 -19.51 -9.93 -26.58
CA ASN D 190 -18.48 -10.14 -25.62
C ASN D 190 -18.65 -9.05 -24.53
N VAL D 191 -19.38 -9.38 -23.48
CA VAL D 191 -19.60 -8.45 -22.37
C VAL D 191 -18.33 -8.30 -21.56
N ASN D 192 -17.55 -9.39 -21.48
CA ASN D 192 -16.32 -9.36 -20.70
C ASN D 192 -15.44 -8.17 -21.01
N ASP D 193 -15.30 -7.85 -22.29
CA ASP D 193 -14.36 -6.82 -22.72
C ASP D 193 -14.86 -5.39 -22.74
N SER D 194 -16.01 -5.11 -22.16
CA SER D 194 -16.22 -3.74 -21.72
C SER D 194 -15.19 -3.40 -20.67
N VAL D 195 -14.71 -2.14 -20.65
CA VAL D 195 -13.78 -1.76 -19.56
C VAL D 195 -14.43 -1.88 -18.19
N THR D 196 -15.70 -1.46 -18.13
CA THR D 196 -16.48 -1.54 -16.93
C THR D 196 -16.89 -2.94 -16.55
N LYS D 197 -16.41 -3.95 -17.32
CA LYS D 197 -16.50 -5.35 -16.91
C LYS D 197 -15.09 -5.85 -16.62
N SER D 198 -14.29 -6.14 -17.66
CA SER D 198 -12.92 -6.71 -17.49
C SER D 198 -12.08 -6.00 -16.47
N LYS D 199 -12.04 -4.68 -16.50
CA LYS D 199 -11.14 -3.89 -15.64
C LYS D 199 -11.77 -3.41 -14.40
N ASN D 200 -12.91 -4.01 -14.05
CA ASN D 200 -13.71 -3.74 -12.87
C ASN D 200 -13.94 -5.07 -12.14
N ASP D 201 -14.87 -5.88 -12.66
CA ASP D 201 -15.20 -7.20 -12.15
C ASP D 201 -13.99 -8.12 -12.06
N ASN D 202 -13.30 -8.32 -13.18
CA ASN D 202 -12.30 -9.40 -13.19
C ASN D 202 -11.17 -9.07 -12.21
N LYS D 203 -10.79 -7.81 -12.17
CA LYS D 203 -9.69 -7.32 -11.36
C LYS D 203 -10.14 -6.94 -9.93
N TYR D 204 -10.92 -5.88 -9.77
CA TYR D 204 -11.31 -5.46 -8.46
C TYR D 204 -12.27 -6.39 -7.73
N GLY D 205 -13.07 -7.13 -8.50
CA GLY D 205 -13.93 -8.12 -7.86
C GLY D 205 -13.13 -9.19 -7.14
N CYS D 206 -12.09 -9.69 -7.80
CA CYS D 206 -11.22 -10.69 -7.19
C CYS D 206 -10.37 -10.09 -6.06
N ARG D 207 -10.02 -8.81 -6.18
N ARG D 207 -10.02 -8.79 -6.19
CA ARG D 207 -9.34 -8.13 -5.08
CA ARG D 207 -9.35 -8.12 -5.11
C ARG D 207 -10.18 -8.18 -3.82
C ARG D 207 -10.18 -8.18 -3.82
N HIS D 208 -11.48 -7.89 -3.97
CA HIS D 208 -12.40 -7.97 -2.81
C HIS D 208 -12.61 -9.39 -2.29
N SER D 209 -12.86 -10.30 -3.22
CA SER D 209 -13.47 -11.60 -2.86
C SER D 209 -12.52 -12.78 -2.68
N LEU D 210 -11.28 -12.66 -3.14
CA LEU D 210 -10.34 -13.78 -2.94
C LEU D 210 -9.96 -13.93 -1.44
N ASN D 211 -9.44 -12.83 -0.88
CA ASN D 211 -9.08 -12.87 0.56
C ASN D 211 -10.30 -13.20 1.42
N ASP D 212 -11.47 -12.70 0.97
CA ASP D 212 -12.73 -12.96 1.68
C ASP D 212 -12.95 -14.47 1.77
N ALA D 213 -12.92 -15.14 0.63
CA ALA D 213 -13.15 -16.59 0.61
C ALA D 213 -12.13 -17.38 1.40
N ILE D 214 -10.86 -17.00 1.29
CA ILE D 214 -9.86 -17.75 2.05
C ILE D 214 -10.09 -17.58 3.55
N LYS D 215 -10.40 -16.35 3.99
CA LYS D 215 -10.73 -16.15 5.40
C LYS D 215 -11.93 -16.93 5.84
N ARG D 216 -13.02 -16.93 5.02
CA ARG D 216 -14.17 -17.68 5.49
C ARG D 216 -13.93 -19.17 5.58
N GLY D 217 -13.14 -19.70 4.64
CA GLY D 217 -12.89 -21.15 4.65
C GLY D 217 -11.94 -21.62 5.73
N THR D 218 -10.88 -20.83 5.98
CA THR D 218 -9.78 -21.26 6.86
C THR D 218 -9.55 -20.41 8.10
N ASP D 219 -9.97 -19.13 8.02
CA ASP D 219 -9.63 -18.12 9.01
C ASP D 219 -8.11 -17.98 9.21
N HIS D 220 -7.33 -18.32 8.20
CA HIS D 220 -5.90 -18.16 8.30
C HIS D 220 -5.47 -16.72 8.25
N LEU D 221 -4.51 -16.40 9.14
CA LEU D 221 -3.75 -15.18 8.93
C LEU D 221 -3.05 -15.27 7.58
N LEU D 222 -3.08 -14.18 6.82
CA LEU D 222 -2.40 -14.08 5.55
C LEU D 222 -1.10 -13.29 5.70
N SER D 223 -1.11 -12.22 6.53
CA SER D 223 0.05 -11.38 6.69
C SER D 223 1.30 -12.21 7.04
N GLY D 224 2.41 -11.93 6.38
CA GLY D 224 3.68 -12.54 6.70
C GLY D 224 3.94 -13.89 6.05
N LYS D 225 2.91 -14.44 5.39
CA LYS D 225 2.97 -15.75 4.80
C LYS D 225 3.26 -15.63 3.29
N GLN D 226 3.67 -16.76 2.69
CA GLN D 226 4.12 -16.80 1.29
CA GLN D 226 4.15 -16.79 1.29
C GLN D 226 3.03 -17.33 0.38
N ALA D 227 2.72 -16.57 -0.65
CA ALA D 227 1.75 -16.98 -1.70
C ALA D 227 2.41 -17.09 -3.05
N LEU D 228 1.84 -17.96 -3.88
CA LEU D 228 2.17 -18.05 -5.28
C LEU D 228 0.88 -17.91 -6.06
N VAL D 229 0.80 -16.87 -6.89
CA VAL D 229 -0.37 -16.64 -7.77
C VAL D 229 0.05 -17.06 -9.17
N ILE D 230 -0.67 -18.02 -9.74
CA ILE D 230 -0.40 -18.49 -11.08
C ILE D 230 -1.31 -17.67 -12.04
N GLY D 231 -0.65 -16.79 -12.80
CA GLY D 231 -1.30 -15.87 -13.72
C GLY D 231 -1.36 -14.44 -13.24
N TYR D 232 -1.29 -13.52 -14.22
CA TYR D 232 -1.28 -12.09 -13.93
C TYR D 232 -2.01 -11.34 -15.04
N GLY D 233 -3.13 -11.94 -15.49
CA GLY D 233 -4.11 -11.25 -16.29
C GLY D 233 -5.01 -10.42 -15.37
N ASP D 234 -6.25 -10.16 -15.78
CA ASP D 234 -7.10 -9.31 -14.91
C ASP D 234 -7.39 -9.95 -13.55
N VAL D 235 -7.71 -11.24 -13.58
CA VAL D 235 -7.99 -11.98 -12.34
C VAL D 235 -6.73 -12.10 -11.49
N GLY D 236 -5.61 -12.45 -12.14
CA GLY D 236 -4.35 -12.56 -11.39
C GLY D 236 -3.88 -11.26 -10.81
N LYS D 237 -4.07 -10.16 -11.53
CA LYS D 237 -3.73 -8.85 -10.94
C LYS D 237 -4.55 -8.57 -9.68
N GLY D 238 -5.87 -8.77 -9.80
CA GLY D 238 -6.73 -8.54 -8.65
C GLY D 238 -6.45 -9.44 -7.48
N SER D 239 -6.20 -10.70 -7.81
CA SER D 239 -5.90 -11.72 -6.80
C SER D 239 -4.59 -11.41 -6.07
N SER D 240 -3.56 -11.07 -6.84
CA SER D 240 -2.28 -10.73 -6.24
C SER D 240 -2.44 -9.54 -5.29
N GLN D 241 -3.21 -8.53 -5.70
CA GLN D 241 -3.45 -7.41 -4.81
C GLN D 241 -4.27 -7.79 -3.57
N SER D 242 -5.26 -8.69 -3.74
CA SER D 242 -6.06 -9.16 -2.62
C SER D 242 -5.16 -9.68 -1.50
N LEU D 243 -4.11 -10.40 -1.90
CA LEU D 243 -3.18 -11.04 -0.97
C LEU D 243 -2.11 -10.06 -0.47
N ARG D 244 -1.51 -9.29 -1.40
CA ARG D 244 -0.46 -8.37 -0.98
C ARG D 244 -0.97 -7.28 -0.06
N GLN D 245 -2.22 -6.83 -0.28
CA GLN D 245 -2.76 -5.79 0.64
C GLN D 245 -2.98 -6.27 2.07
N GLU D 246 -3.10 -7.60 2.22
CA GLU D 246 -3.19 -8.24 3.54
C GLU D 246 -1.81 -8.48 4.16
N GLY D 247 -0.75 -8.16 3.44
CA GLY D 247 0.60 -8.40 3.94
C GLY D 247 1.24 -9.73 3.56
N MET D 248 0.64 -10.45 2.59
CA MET D 248 1.34 -11.61 2.10
C MET D 248 2.57 -11.22 1.31
N ILE D 249 3.55 -12.14 1.28
CA ILE D 249 4.66 -12.05 0.37
C ILE D 249 4.27 -12.86 -0.85
N VAL D 250 3.95 -12.16 -1.92
CA VAL D 250 3.36 -12.78 -3.10
C VAL D 250 4.40 -12.89 -4.20
N LYS D 251 4.49 -14.12 -4.75
CA LYS D 251 5.26 -14.37 -5.96
C LYS D 251 4.22 -14.67 -7.06
N VAL D 252 4.59 -14.35 -8.31
CA VAL D 252 3.67 -14.46 -9.43
C VAL D 252 4.33 -15.31 -10.52
N ALA D 253 3.57 -16.22 -11.12
CA ALA D 253 3.99 -16.97 -12.29
C ALA D 253 3.20 -16.52 -13.49
N GLU D 254 3.81 -16.51 -14.65
CA GLU D 254 3.19 -16.13 -15.89
C GLU D 254 3.89 -16.78 -17.06
N VAL D 255 3.11 -17.02 -18.13
CA VAL D 255 3.66 -17.38 -19.43
C VAL D 255 3.82 -16.18 -20.37
N ASP D 256 3.11 -15.11 -20.10
CA ASP D 256 3.09 -13.92 -20.97
C ASP D 256 4.08 -12.91 -20.40
N PRO D 257 5.18 -12.65 -21.13
CA PRO D 257 6.17 -11.71 -20.60
C PRO D 257 5.69 -10.30 -20.35
N ILE D 258 4.68 -9.84 -21.11
CA ILE D 258 4.16 -8.49 -20.85
C ILE D 258 3.43 -8.45 -19.49
N CYS D 259 2.61 -9.46 -19.22
CA CYS D 259 1.98 -9.54 -17.92
C CYS D 259 3.02 -9.71 -16.80
N ALA D 260 4.07 -10.52 -17.08
CA ALA D 260 5.15 -10.67 -16.11
C ALA D 260 5.86 -9.35 -15.82
N MET D 261 6.08 -8.54 -16.88
CA MET D 261 6.72 -7.22 -16.69
CA MET D 261 6.70 -7.22 -16.69
C MET D 261 5.86 -6.38 -15.74
N GLN D 262 4.54 -6.40 -15.94
CA GLN D 262 3.65 -5.67 -15.06
C GLN D 262 3.79 -6.12 -13.59
N ALA D 263 3.87 -7.42 -13.40
CA ALA D 263 4.00 -7.97 -12.06
C ALA D 263 5.31 -7.48 -11.41
N CYS D 264 6.43 -7.49 -12.17
CA CYS D 264 7.67 -6.97 -11.63
C CYS D 264 7.52 -5.48 -11.19
N MET D 265 6.98 -4.67 -12.10
CA MET D 265 6.82 -3.26 -11.81
C MET D 265 5.83 -2.96 -10.70
N ASP D 266 4.90 -3.89 -10.50
CA ASP D 266 3.94 -3.79 -9.42
C ASP D 266 4.51 -4.27 -8.08
N GLY D 267 5.76 -4.74 -8.07
CA GLY D 267 6.43 -5.08 -6.84
C GLY D 267 6.43 -6.55 -6.46
N PHE D 268 6.21 -7.42 -7.44
CA PHE D 268 6.22 -8.85 -7.21
C PHE D 268 7.44 -9.51 -7.82
N GLU D 269 7.95 -10.54 -7.17
CA GLU D 269 8.95 -11.41 -7.73
C GLU D 269 8.25 -12.42 -8.65
N VAL D 270 8.76 -12.57 -9.87
CA VAL D 270 8.21 -13.46 -10.88
C VAL D 270 9.01 -14.74 -10.91
N VAL D 271 8.33 -15.86 -10.65
CA VAL D 271 8.93 -17.18 -10.52
C VAL D 271 8.13 -18.20 -11.31
N SER D 272 8.78 -19.35 -11.56
CA SER D 272 8.06 -20.47 -12.17
C SER D 272 8.06 -21.66 -11.20
N PRO D 273 6.99 -22.45 -11.17
CA PRO D 273 7.06 -23.70 -10.46
C PRO D 273 8.08 -24.72 -10.98
N TYR D 274 8.53 -24.52 -12.22
CA TYR D 274 9.44 -25.43 -12.88
C TYR D 274 10.81 -24.78 -13.03
N LYS D 275 11.85 -25.59 -12.95
CA LYS D 275 13.21 -25.09 -13.08
C LYS D 275 13.36 -24.47 -14.49
N ASN D 276 13.83 -23.22 -14.51
CA ASN D 276 14.00 -22.43 -15.75
C ASN D 276 12.69 -22.29 -16.54
N GLY D 277 11.58 -22.50 -15.88
CA GLY D 277 10.29 -22.41 -16.49
C GLY D 277 9.87 -23.54 -17.39
N ILE D 278 10.66 -24.63 -17.41
CA ILE D 278 10.42 -25.74 -18.34
C ILE D 278 9.86 -26.92 -17.62
N ASN D 279 8.64 -27.27 -17.93
CA ASN D 279 8.07 -28.53 -17.39
C ASN D 279 8.48 -29.71 -18.31
N ASP D 280 9.35 -30.60 -17.76
CA ASP D 280 9.76 -31.77 -18.48
C ASP D 280 8.86 -33.00 -18.27
N GLY D 281 7.79 -32.82 -17.50
CA GLY D 281 6.82 -33.87 -17.21
C GLY D 281 7.19 -34.67 -15.96
N THR D 282 8.40 -34.51 -15.45
CA THR D 282 8.90 -35.30 -14.34
C THR D 282 9.03 -34.42 -13.11
N GLU D 283 9.07 -35.10 -11.97
N GLU D 283 9.09 -35.09 -11.97
CA GLU D 283 9.26 -34.45 -10.69
CA GLU D 283 9.27 -34.40 -10.69
C GLU D 283 10.58 -33.69 -10.63
C GLU D 283 10.58 -33.65 -10.64
N ALA D 284 11.60 -34.12 -11.35
CA ALA D 284 12.90 -33.45 -11.32
C ALA D 284 12.84 -32.02 -11.85
N SER D 285 11.87 -31.69 -12.70
CA SER D 285 11.73 -30.33 -13.18
C SER D 285 11.03 -29.38 -12.22
N ILE D 286 10.45 -29.90 -11.15
CA ILE D 286 9.82 -29.03 -10.17
C ILE D 286 10.83 -28.31 -9.32
N ASP D 287 10.61 -27.02 -9.12
CA ASP D 287 11.42 -26.27 -8.15
C ASP D 287 10.88 -26.55 -6.76
N ALA D 288 11.37 -27.64 -6.19
CA ALA D 288 10.87 -28.13 -4.90
C ALA D 288 11.25 -27.18 -3.78
N ALA D 289 12.38 -26.52 -3.89
CA ALA D 289 12.77 -25.54 -2.86
C ALA D 289 11.76 -24.37 -2.79
N LEU D 290 11.38 -23.87 -3.97
CA LEU D 290 10.36 -22.81 -4.05
C LEU D 290 9.03 -23.28 -3.48
N LEU D 291 8.54 -24.38 -4.02
CA LEU D 291 7.19 -24.82 -3.64
C LEU D 291 7.10 -25.26 -2.19
N GLY D 292 8.22 -25.71 -1.63
CA GLY D 292 8.26 -26.09 -0.25
C GLY D 292 8.16 -24.94 0.75
N LYS D 293 8.21 -23.70 0.25
CA LYS D 293 8.08 -22.52 1.08
C LYS D 293 6.69 -21.83 0.93
N ILE D 294 5.85 -22.34 0.02
CA ILE D 294 4.58 -21.67 -0.32
C ILE D 294 3.47 -22.11 0.61
N ASP D 295 2.82 -21.14 1.25
CA ASP D 295 1.68 -21.38 2.14
C ASP D 295 0.31 -21.39 1.44
N LEU D 296 0.25 -20.75 0.26
CA LEU D 296 -0.98 -20.57 -0.45
C LEU D 296 -0.69 -20.48 -1.93
N ILE D 297 -1.43 -21.27 -2.73
CA ILE D 297 -1.33 -21.17 -4.18
C ILE D 297 -2.71 -20.91 -4.73
N VAL D 298 -2.79 -19.94 -5.66
CA VAL D 298 -4.04 -19.53 -6.29
C VAL D 298 -3.88 -19.54 -7.80
N THR D 299 -4.76 -20.24 -8.50
CA THR D 299 -4.76 -20.31 -9.96
C THR D 299 -5.75 -19.31 -10.54
N THR D 300 -5.34 -18.58 -11.59
CA THR D 300 -6.11 -17.46 -12.12
C THR D 300 -6.16 -17.47 -13.65
N THR D 301 -5.86 -18.59 -14.29
CA THR D 301 -5.44 -18.55 -15.67
C THR D 301 -6.51 -18.74 -16.75
N GLY D 302 -7.55 -19.50 -16.47
CA GLY D 302 -8.39 -19.99 -17.54
C GLY D 302 -7.77 -21.12 -18.36
N ASN D 303 -6.61 -21.64 -17.93
CA ASN D 303 -5.88 -22.71 -18.62
C ASN D 303 -6.06 -24.01 -17.85
N VAL D 304 -5.39 -25.08 -18.29
CA VAL D 304 -5.55 -26.42 -17.76
C VAL D 304 -4.25 -26.84 -17.07
N ASN D 305 -4.42 -27.43 -15.91
N ASN D 305 -4.39 -27.50 -15.91
CA ASN D 305 -3.32 -28.10 -15.22
CA ASN D 305 -3.24 -28.15 -15.17
C ASN D 305 -2.13 -27.19 -14.97
C ASN D 305 -2.09 -27.21 -14.92
N VAL D 306 -2.45 -26.01 -14.44
CA VAL D 306 -1.41 -25.04 -14.09
C VAL D 306 -0.96 -25.18 -12.63
N CYS D 307 -1.70 -25.99 -11.84
CA CYS D 307 -1.23 -26.51 -10.59
C CYS D 307 -1.37 -28.02 -10.67
N ASP D 308 -0.28 -28.63 -11.12
CA ASP D 308 -0.30 -30.03 -11.55
C ASP D 308 0.05 -30.99 -10.43
N ALA D 309 0.00 -32.29 -10.74
CA ALA D 309 0.22 -33.28 -9.69
C ALA D 309 1.60 -33.13 -9.02
N ASN D 310 2.62 -32.92 -9.86
CA ASN D 310 3.97 -32.80 -9.31
C ASN D 310 4.16 -31.56 -8.43
N MET D 311 3.46 -30.47 -8.79
CA MET D 311 3.44 -29.30 -7.94
C MET D 311 2.76 -29.59 -6.60
N LEU D 312 1.64 -30.28 -6.66
CA LEU D 312 0.88 -30.63 -5.46
C LEU D 312 1.71 -31.49 -4.51
N LYS D 313 2.49 -32.42 -5.09
CA LYS D 313 3.38 -33.25 -4.28
C LYS D 313 4.50 -32.46 -3.56
N ALA D 314 4.91 -31.36 -4.18
CA ALA D 314 6.05 -30.56 -3.69
C ALA D 314 5.65 -29.42 -2.75
N LEU D 315 4.36 -29.07 -2.69
CA LEU D 315 3.95 -27.93 -1.86
C LEU D 315 4.29 -28.19 -0.40
N LYS D 316 4.59 -27.12 0.29
CA LYS D 316 4.75 -27.14 1.74
C LYS D 316 3.58 -27.84 2.42
N LYS D 317 3.86 -28.64 3.44
CA LYS D 317 2.81 -29.19 4.28
C LYS D 317 1.88 -28.10 4.76
N ARG D 318 0.59 -28.42 4.68
CA ARG D 318 -0.50 -27.60 5.20
C ARG D 318 -0.77 -26.36 4.32
N ALA D 319 -0.20 -26.31 3.11
CA ALA D 319 -0.52 -25.20 2.20
C ALA D 319 -1.98 -25.26 1.81
N VAL D 320 -2.53 -24.08 1.54
CA VAL D 320 -3.86 -23.92 0.98
C VAL D 320 -3.77 -23.82 -0.53
N VAL D 321 -4.67 -24.54 -1.20
CA VAL D 321 -4.74 -24.60 -2.66
C VAL D 321 -6.14 -24.14 -3.06
N CYS D 322 -6.20 -23.21 -3.99
CA CYS D 322 -7.49 -22.76 -4.52
C CYS D 322 -7.34 -22.24 -5.94
N ASN D 323 -8.51 -22.15 -6.59
CA ASN D 323 -8.64 -21.70 -7.96
C ASN D 323 -9.70 -20.61 -7.97
N ILE D 324 -9.42 -19.56 -8.74
CA ILE D 324 -10.44 -18.49 -8.98
C ILE D 324 -10.68 -18.28 -10.46
N GLY D 325 -10.06 -19.09 -11.34
CA GLY D 325 -10.49 -19.12 -12.72
C GLY D 325 -11.81 -19.85 -12.89
N HIS D 326 -12.38 -19.77 -14.08
CA HIS D 326 -13.73 -20.27 -14.30
C HIS D 326 -13.96 -21.77 -13.99
N PHE D 327 -13.00 -22.61 -14.40
CA PHE D 327 -13.18 -24.05 -14.30
C PHE D 327 -12.16 -24.67 -13.36
N ASP D 328 -12.61 -25.77 -12.71
CA ASP D 328 -11.75 -26.43 -11.71
C ASP D 328 -10.52 -27.18 -12.23
N ASN D 329 -10.47 -27.41 -13.54
CA ASN D 329 -9.34 -28.13 -14.12
C ASN D 329 -8.03 -27.38 -14.16
N GLU D 330 -8.03 -26.13 -13.68
CA GLU D 330 -6.73 -25.47 -13.42
C GLU D 330 -5.85 -26.25 -12.47
N ILE D 331 -6.48 -26.95 -11.53
CA ILE D 331 -5.77 -27.74 -10.51
C ILE D 331 -6.06 -29.22 -10.85
N ASP D 332 -5.04 -30.09 -10.72
CA ASP D 332 -5.27 -31.54 -10.96
C ASP D 332 -5.92 -32.18 -9.74
N THR D 333 -7.17 -31.85 -9.51
CA THR D 333 -7.94 -32.47 -8.43
C THR D 333 -8.23 -33.94 -8.72
N ALA D 334 -8.30 -34.34 -9.99
CA ALA D 334 -8.54 -35.74 -10.28
C ALA D 334 -7.39 -36.59 -9.76
N PHE D 335 -6.15 -36.12 -9.90
CA PHE D 335 -5.03 -36.80 -9.29
C PHE D 335 -5.21 -36.97 -7.79
N MET D 336 -5.67 -35.91 -7.14
CA MET D 336 -5.85 -35.98 -5.71
C MET D 336 -6.96 -36.92 -5.30
N ARG D 337 -8.05 -36.96 -6.07
CA ARG D 337 -9.14 -37.92 -5.75
C ARG D 337 -8.68 -39.36 -5.94
N LYS D 338 -7.82 -39.60 -6.92
CA LYS D 338 -7.36 -40.95 -7.21
C LYS D 338 -6.34 -41.44 -6.17
N ASN D 339 -5.55 -40.53 -5.59
CA ASN D 339 -4.36 -40.97 -4.83
C ASN D 339 -4.34 -40.66 -3.34
N TRP D 340 -5.12 -39.66 -2.91
CA TRP D 340 -4.98 -39.13 -1.57
C TRP D 340 -6.35 -39.15 -0.87
N ALA D 341 -6.33 -39.08 0.46
CA ALA D 341 -7.52 -39.23 1.27
C ALA D 341 -8.08 -37.85 1.62
N TRP D 342 -9.38 -37.66 1.37
CA TRP D 342 -10.04 -36.39 1.63
C TRP D 342 -10.80 -36.41 2.94
N GLU D 343 -10.52 -35.42 3.77
CA GLU D 343 -11.18 -35.23 5.06
C GLU D 343 -11.92 -33.91 4.98
N GLU D 344 -13.23 -33.94 5.05
CA GLU D 344 -14.01 -32.67 5.02
C GLU D 344 -13.81 -31.99 6.36
N VAL D 345 -13.39 -30.73 6.31
CA VAL D 345 -13.36 -29.90 7.52
C VAL D 345 -14.74 -29.36 7.80
N LYS D 346 -15.32 -28.73 6.78
CA LYS D 346 -16.65 -28.19 6.74
C LYS D 346 -17.02 -28.07 5.27
N PRO D 347 -18.26 -27.69 4.92
CA PRO D 347 -18.55 -27.64 3.51
C PRO D 347 -17.57 -26.75 2.72
N GLN D 348 -17.12 -27.26 1.57
CA GLN D 348 -16.21 -26.60 0.66
C GLN D 348 -14.82 -26.39 1.25
N VAL D 349 -14.43 -27.13 2.27
CA VAL D 349 -13.08 -27.09 2.81
C VAL D 349 -12.65 -28.53 3.10
N HIS D 350 -11.62 -29.00 2.40
CA HIS D 350 -11.14 -30.36 2.56
C HIS D 350 -9.65 -30.37 2.88
N LYS D 351 -9.29 -31.19 3.83
CA LYS D 351 -7.88 -31.57 3.98
C LYS D 351 -7.62 -32.79 3.12
N ILE D 352 -6.55 -32.72 2.35
N ILE D 352 -6.55 -32.74 2.35
CA ILE D 352 -6.17 -33.75 1.42
CA ILE D 352 -6.21 -33.80 1.45
C ILE D 352 -4.86 -34.36 1.93
C ILE D 352 -4.90 -34.39 1.90
N HIS D 353 -4.95 -35.61 2.42
CA HIS D 353 -3.85 -36.24 3.13
C HIS D 353 -2.96 -36.97 2.13
N ARG D 354 -1.69 -36.55 2.06
CA ARG D 354 -0.77 -37.05 1.05
C ARG D 354 -0.10 -38.39 1.43
N THR D 355 -0.60 -39.00 2.47
CA THR D 355 -0.09 -40.22 3.01
C THR D 355 -0.67 -41.47 2.34
N GLY D 356 -1.66 -41.34 1.51
CA GLY D 356 -2.31 -42.49 0.87
C GLY D 356 -3.77 -42.29 0.65
N LYS D 357 -4.38 -43.25 -0.03
CA LYS D 357 -5.73 -43.13 -0.55
C LYS D 357 -6.78 -43.53 0.43
N ASP D 358 -6.50 -44.55 1.25
CA ASP D 358 -7.54 -45.24 2.01
C ASP D 358 -7.30 -44.92 3.47
N GLY D 359 -7.99 -43.92 3.91
CA GLY D 359 -7.87 -43.48 5.28
C GLY D 359 -6.69 -42.58 5.55
N PHE D 360 -6.72 -42.04 6.75
CA PHE D 360 -5.77 -41.04 7.22
C PHE D 360 -5.77 -41.03 8.72
N ASP D 361 -4.66 -40.52 9.27
CA ASP D 361 -4.55 -40.27 10.69
CA ASP D 361 -4.53 -40.27 10.72
C ASP D 361 -5.10 -38.86 10.97
N ALA D 362 -6.00 -38.74 11.93
CA ALA D 362 -6.63 -37.44 12.25
C ALA D 362 -5.63 -36.36 12.60
N HIS D 363 -4.48 -36.80 13.07
CA HIS D 363 -3.35 -35.90 13.46
C HIS D 363 -2.20 -35.88 12.47
N ASN D 364 -2.38 -36.43 11.27
CA ASN D 364 -1.38 -36.29 10.22
C ASN D 364 -1.03 -34.82 9.96
N ASP D 365 0.27 -34.55 9.76
CA ASP D 365 0.74 -33.22 9.42
C ASP D 365 0.90 -33.01 7.91
N ASP D 366 0.83 -34.08 7.14
CA ASP D 366 1.19 -33.99 5.72
C ASP D 366 -0.10 -33.95 4.89
N TYR D 367 -0.70 -32.78 4.86
CA TYR D 367 -1.94 -32.60 4.11
C TYR D 367 -1.89 -31.21 3.42
N LEU D 368 -2.75 -31.04 2.45
CA LEU D 368 -3.04 -29.76 1.86
C LEU D 368 -4.49 -29.38 2.21
N ILE D 369 -4.83 -28.10 2.19
CA ILE D 369 -6.21 -27.68 2.33
C ILE D 369 -6.68 -27.16 0.99
N LEU D 370 -7.70 -27.82 0.44
CA LEU D 370 -8.30 -27.45 -0.84
C LEU D 370 -9.62 -26.76 -0.57
N LEU D 371 -9.83 -25.61 -1.21
CA LEU D 371 -11.09 -24.87 -1.10
C LEU D 371 -11.99 -25.12 -2.31
N ALA D 372 -13.29 -25.33 -2.00
CA ALA D 372 -14.35 -25.48 -2.99
C ALA D 372 -14.11 -26.60 -4.01
N GLU D 373 -13.37 -27.63 -3.59
CA GLU D 373 -13.02 -28.71 -4.49
C GLU D 373 -12.41 -28.22 -5.80
N GLY D 374 -11.67 -27.10 -5.71
CA GLY D 374 -11.06 -26.53 -6.88
C GLY D 374 -11.95 -25.65 -7.76
N ARG D 375 -13.24 -25.55 -7.44
CA ARG D 375 -14.13 -24.68 -8.15
C ARG D 375 -13.90 -23.22 -7.72
N LEU D 376 -14.36 -22.27 -8.53
N LEU D 376 -14.37 -22.26 -8.53
CA LEU D 376 -14.04 -20.87 -8.28
CA LEU D 376 -14.06 -20.87 -8.30
C LEU D 376 -14.30 -20.47 -6.83
C LEU D 376 -14.30 -20.46 -6.85
N VAL D 377 -13.23 -20.04 -6.18
CA VAL D 377 -13.22 -20.05 -4.70
C VAL D 377 -14.03 -18.86 -4.13
N ASN D 378 -14.01 -17.74 -4.83
CA ASN D 378 -14.75 -16.59 -4.36
C ASN D 378 -16.23 -16.84 -4.18
N LEU D 379 -16.81 -17.53 -5.16
CA LEU D 379 -18.21 -17.90 -5.13
C LEU D 379 -18.47 -19.17 -4.30
N GLY D 380 -17.49 -20.07 -4.22
CA GLY D 380 -17.69 -21.31 -3.53
C GLY D 380 -17.61 -21.21 -2.01
N ASN D 381 -16.65 -20.41 -1.56
CA ASN D 381 -16.41 -20.22 -0.12
C ASN D 381 -16.85 -18.88 0.42
N ALA D 382 -17.26 -17.98 -0.46
CA ALA D 382 -17.83 -16.70 -0.03
C ALA D 382 -19.02 -16.37 -0.90
N THR D 383 -19.18 -15.12 -1.32
CA THR D 383 -20.38 -14.74 -2.06
C THR D 383 -20.03 -14.07 -3.40
N GLY D 384 -18.83 -14.35 -3.90
CA GLY D 384 -18.38 -13.71 -5.10
C GLY D 384 -18.20 -12.20 -4.97
N HIS D 385 -18.22 -11.53 -6.10
CA HIS D 385 -17.95 -10.10 -6.13
C HIS D 385 -19.09 -9.33 -5.49
N PRO D 386 -18.80 -8.15 -4.96
CA PRO D 386 -19.83 -7.33 -4.31
C PRO D 386 -20.77 -6.70 -5.35
N SER D 387 -21.97 -6.38 -4.86
CA SER D 387 -22.96 -5.74 -5.70
C SER D 387 -22.46 -4.51 -6.48
N ARG D 388 -21.71 -3.63 -5.81
CA ARG D 388 -21.34 -2.39 -6.50
C ARG D 388 -20.35 -2.60 -7.66
N ILE D 389 -19.60 -3.72 -7.62
CA ILE D 389 -18.77 -4.13 -8.74
C ILE D 389 -19.62 -4.81 -9.82
N MET D 390 -20.48 -5.76 -9.41
CA MET D 390 -21.32 -6.47 -10.39
C MET D 390 -22.30 -5.56 -11.13
N ASP D 391 -22.57 -4.38 -10.51
CA ASP D 391 -23.37 -3.35 -11.17
C ASP D 391 -22.84 -3.07 -12.59
N GLY D 392 -21.51 -2.93 -12.69
CA GLY D 392 -20.95 -2.64 -14.00
C GLY D 392 -21.15 -3.75 -15.00
N SER D 393 -20.78 -4.96 -14.59
CA SER D 393 -20.92 -6.11 -15.45
C SER D 393 -22.35 -6.27 -15.94
N PHE D 394 -23.28 -6.13 -15.00
CA PHE D 394 -24.66 -6.45 -15.29
C PHE D 394 -25.40 -5.34 -16.01
N ALA D 395 -24.96 -4.10 -15.82
CA ALA D 395 -25.46 -3.03 -16.69
C ALA D 395 -25.07 -3.30 -18.16
N ASN D 396 -23.82 -3.73 -18.36
CA ASN D 396 -23.41 -4.12 -19.70
C ASN D 396 -24.24 -5.29 -20.23
N GLN D 397 -24.53 -6.31 -19.39
CA GLN D 397 -25.39 -7.40 -19.84
C GLN D 397 -26.75 -6.90 -20.33
N VAL D 398 -27.38 -6.02 -19.56
CA VAL D 398 -28.69 -5.51 -19.95
C VAL D 398 -28.61 -4.75 -21.30
N LEU D 399 -27.61 -3.91 -21.43
CA LEU D 399 -27.41 -3.17 -22.69
C LEU D 399 -27.18 -4.11 -23.88
N ALA D 400 -26.40 -5.17 -23.63
CA ALA D 400 -26.10 -6.15 -24.67
C ALA D 400 -27.35 -6.92 -25.08
N GLN D 401 -28.15 -7.33 -24.08
CA GLN D 401 -29.43 -7.98 -24.38
C GLN D 401 -30.33 -7.09 -25.20
N ILE D 402 -30.46 -5.82 -24.81
CA ILE D 402 -31.27 -4.88 -25.58
C ILE D 402 -30.75 -4.80 -27.04
N HIS D 403 -29.45 -4.68 -27.19
CA HIS D 403 -28.90 -4.48 -28.53
C HIS D 403 -29.18 -5.69 -29.44
N LEU D 404 -28.86 -6.89 -28.96
CA LEU D 404 -29.09 -8.07 -29.81
C LEU D 404 -30.56 -8.35 -30.02
N PHE D 405 -31.39 -8.15 -28.99
CA PHE D 405 -32.81 -8.39 -29.17
C PHE D 405 -33.38 -7.42 -30.17
N GLU D 406 -32.98 -6.15 -30.14
CA GLU D 406 -33.47 -5.19 -31.10
C GLU D 406 -33.03 -5.49 -32.52
N GLN D 407 -31.84 -6.06 -32.66
CA GLN D 407 -31.29 -6.37 -34.00
C GLN D 407 -32.07 -7.53 -34.68
N LYS D 408 -32.65 -8.43 -33.88
CA LYS D 408 -33.56 -9.44 -34.43
C LYS D 408 -32.87 -10.34 -35.47
N TYR D 409 -31.64 -10.78 -35.19
CA TYR D 409 -30.90 -11.63 -36.12
C TYR D 409 -31.69 -12.82 -36.67
N ALA D 410 -32.47 -13.49 -35.82
CA ALA D 410 -33.17 -14.67 -36.27
C ALA D 410 -34.19 -14.41 -37.38
N ASP D 411 -34.66 -13.16 -37.44
CA ASP D 411 -35.63 -12.80 -38.43
C ASP D 411 -35.03 -12.23 -39.72
N LEU D 412 -33.71 -12.08 -39.74
CA LEU D 412 -33.08 -11.50 -40.91
C LEU D 412 -33.01 -12.52 -42.05
N PRO D 413 -33.04 -12.04 -43.29
CA PRO D 413 -32.79 -12.92 -44.42
C PRO D 413 -31.36 -13.48 -44.38
N ALA D 414 -31.13 -14.59 -45.10
CA ALA D 414 -29.82 -15.23 -45.11
C ALA D 414 -28.65 -14.31 -45.46
N ALA D 415 -28.83 -13.46 -46.47
CA ALA D 415 -27.72 -12.58 -46.87
C ALA D 415 -27.36 -11.57 -45.80
N GLU D 416 -28.38 -11.11 -45.06
CA GLU D 416 -28.15 -10.16 -43.97
C GLU D 416 -27.59 -10.83 -42.71
N LYS D 417 -28.01 -12.06 -42.42
CA LYS D 417 -27.42 -12.80 -41.33
C LYS D 417 -25.91 -12.93 -41.54
N ALA D 418 -25.48 -13.17 -42.79
CA ALA D 418 -24.06 -13.42 -43.06
C ALA D 418 -23.21 -12.20 -42.66
N LYS D 419 -23.81 -11.01 -42.80
CA LYS D 419 -23.12 -9.75 -42.45
C LYS D 419 -23.05 -9.49 -40.95
N ARG D 420 -23.94 -10.10 -40.19
CA ARG D 420 -24.13 -9.81 -38.76
C ARG D 420 -23.65 -10.94 -37.86
N LEU D 421 -23.13 -12.01 -38.41
CA LEU D 421 -22.72 -13.17 -37.58
C LEU D 421 -21.31 -12.93 -37.09
N SER D 422 -21.20 -12.43 -35.87
CA SER D 422 -19.94 -11.93 -35.33
C SER D 422 -19.96 -12.02 -33.81
N VAL D 423 -18.79 -11.79 -33.21
CA VAL D 423 -18.62 -11.62 -31.77
C VAL D 423 -18.09 -10.22 -31.58
N GLU D 424 -18.91 -9.35 -31.01
CA GLU D 424 -18.60 -7.93 -30.94
C GLU D 424 -18.63 -7.48 -29.50
N VAL D 425 -18.06 -6.33 -29.21
CA VAL D 425 -18.20 -5.65 -27.94
C VAL D 425 -19.18 -4.49 -28.08
N LEU D 426 -19.66 -4.03 -26.93
CA LEU D 426 -20.50 -2.81 -26.90
C LEU D 426 -19.69 -1.59 -27.30
N PRO D 427 -20.34 -0.57 -27.87
CA PRO D 427 -19.66 0.64 -28.21
C PRO D 427 -19.10 1.36 -26.96
N LYS D 428 -17.98 2.03 -27.14
CA LYS D 428 -17.34 2.72 -26.04
C LYS D 428 -18.26 3.72 -25.34
N LYS D 429 -19.09 4.42 -26.13
CA LYS D 429 -20.00 5.35 -25.53
C LYS D 429 -20.87 4.70 -24.42
N LEU D 430 -21.35 3.46 -24.66
CA LEU D 430 -22.13 2.79 -23.65
C LEU D 430 -21.30 2.34 -22.42
N ASP D 431 -20.10 1.87 -22.70
CA ASP D 431 -19.15 1.56 -21.61
C ASP D 431 -18.99 2.82 -20.70
N GLU D 432 -18.80 3.98 -21.32
CA GLU D 432 -18.67 5.21 -20.57
C GLU D 432 -19.92 5.56 -19.79
N GLU D 433 -21.10 5.33 -20.38
CA GLU D 433 -22.34 5.62 -19.67
C GLU D 433 -22.51 4.77 -18.41
N VAL D 434 -22.11 3.49 -18.53
CA VAL D 434 -22.10 2.62 -17.35
C VAL D 434 -21.15 3.21 -16.29
N ALA D 435 -19.93 3.52 -16.75
CA ALA D 435 -18.92 4.04 -15.84
C ALA D 435 -19.39 5.33 -15.11
N LEU D 436 -20.08 6.20 -15.85
CA LEU D 436 -20.56 7.43 -15.19
C LEU D 436 -21.49 7.15 -14.03
N GLU D 437 -22.37 6.19 -14.23
CA GLU D 437 -23.29 5.83 -13.15
C GLU D 437 -22.56 5.23 -11.98
N MET D 438 -21.54 4.43 -12.26
CA MET D 438 -20.72 3.89 -11.18
C MET D 438 -20.04 5.00 -10.38
N VAL D 439 -19.45 5.97 -11.12
CA VAL D 439 -18.75 7.07 -10.45
C VAL D 439 -19.72 7.88 -9.60
N LYS D 440 -20.89 8.18 -10.14
CA LYS D 440 -21.90 8.91 -9.37
CA LYS D 440 -21.86 8.91 -9.36
C LYS D 440 -22.27 8.13 -8.09
N GLY D 441 -22.28 6.80 -8.16
CA GLY D 441 -22.53 6.02 -6.98
C GLY D 441 -21.56 6.21 -5.84
N PHE D 442 -20.30 6.50 -6.20
CA PHE D 442 -19.29 6.85 -5.21
C PHE D 442 -19.33 8.30 -4.78
N GLY D 443 -20.23 9.10 -5.36
CA GLY D 443 -20.21 10.51 -5.13
C GLY D 443 -19.15 11.27 -5.92
N GLY D 444 -18.56 10.60 -6.91
CA GLY D 444 -17.59 11.27 -7.71
C GLY D 444 -18.20 12.29 -8.64
N VAL D 445 -17.41 13.30 -8.98
CA VAL D 445 -17.84 14.39 -9.88
C VAL D 445 -16.85 14.46 -11.03
N VAL D 446 -17.34 14.10 -12.21
CA VAL D 446 -16.58 14.23 -13.45
C VAL D 446 -16.62 15.67 -13.94
N THR D 447 -15.49 16.14 -14.43
CA THR D 447 -15.37 17.48 -15.03
C THR D 447 -15.91 17.41 -16.45
N GLN D 448 -16.56 18.47 -16.90
CA GLN D 448 -17.02 18.63 -18.27
C GLN D 448 -15.93 19.44 -19.03
N LEU D 449 -15.52 18.91 -20.18
CA LEU D 449 -14.63 19.61 -21.08
C LEU D 449 -15.28 20.94 -21.51
N THR D 450 -14.47 21.97 -21.63
CA THR D 450 -14.89 23.14 -22.34
C THR D 450 -14.94 22.83 -23.85
N PRO D 451 -15.66 23.68 -24.63
CA PRO D 451 -15.60 23.43 -26.09
C PRO D 451 -14.16 23.45 -26.66
N LYS D 452 -13.33 24.36 -26.16
CA LYS D 452 -11.94 24.46 -26.62
C LYS D 452 -11.15 23.21 -26.26
N GLN D 453 -11.34 22.70 -25.06
CA GLN D 453 -10.62 21.50 -24.67
C GLN D 453 -11.05 20.27 -25.46
N ALA D 454 -12.36 20.16 -25.73
CA ALA D 454 -12.87 19.08 -26.53
C ALA D 454 -12.28 19.13 -27.94
N GLU D 455 -12.21 20.32 -28.52
CA GLU D 455 -11.61 20.50 -29.83
C GLU D 455 -10.12 20.13 -29.80
N TYR D 456 -9.44 20.50 -28.72
CA TYR D 456 -7.99 20.31 -28.62
C TYR D 456 -7.62 18.85 -28.61
N ILE D 457 -8.45 18.02 -27.96
CA ILE D 457 -8.16 16.60 -27.92
C ILE D 457 -8.99 15.79 -28.95
N GLY D 458 -9.86 16.48 -29.66
CA GLY D 458 -10.58 15.88 -30.82
C GLY D 458 -11.74 14.97 -30.47
N VAL D 459 -12.51 15.34 -29.46
CA VAL D 459 -13.66 14.57 -29.00
C VAL D 459 -14.89 15.45 -28.85
N SER D 460 -16.03 14.81 -28.81
CA SER D 460 -17.26 15.50 -28.41
C SER D 460 -17.27 15.68 -26.89
N VAL D 461 -17.93 16.73 -26.41
CA VAL D 461 -17.96 16.99 -24.96
C VAL D 461 -18.58 15.82 -24.20
N GLU D 462 -19.57 15.18 -24.82
CA GLU D 462 -20.22 14.03 -24.19
C GLU D 462 -19.52 12.70 -24.30
N GLY D 463 -18.43 12.67 -25.04
CA GLY D 463 -17.69 11.44 -25.30
C GLY D 463 -18.20 10.80 -26.60
N PRO D 464 -17.56 9.74 -27.07
CA PRO D 464 -16.51 9.02 -26.36
C PRO D 464 -15.17 9.78 -26.28
N PHE D 465 -14.40 9.48 -25.24
CA PHE D 465 -13.23 10.26 -24.89
C PHE D 465 -11.92 9.68 -25.37
N LYS D 466 -11.92 8.41 -25.78
CA LYS D 466 -10.68 7.74 -26.13
C LYS D 466 -10.86 7.04 -27.47
N PRO D 467 -9.76 6.84 -28.21
CA PRO D 467 -9.85 5.99 -29.38
C PRO D 467 -10.06 4.52 -29.00
N ASP D 468 -10.58 3.76 -29.95
CA ASP D 468 -10.85 2.34 -29.71
C ASP D 468 -9.59 1.53 -29.33
N THR D 469 -8.41 2.02 -29.73
CA THR D 469 -7.15 1.42 -29.39
C THR D 469 -6.77 1.56 -27.92
N TYR D 470 -7.44 2.44 -27.17
CA TYR D 470 -6.96 2.77 -25.85
C TYR D 470 -7.16 1.61 -24.86
N ARG D 471 -6.10 1.41 -24.02
CA ARG D 471 -6.09 0.26 -23.13
C ARG D 471 -6.40 0.52 -21.67
N TYR D 472 -6.50 1.78 -21.25
CA TYR D 472 -6.82 2.13 -19.91
C TYR D 472 -5.82 1.54 -18.91
RB RB E . 15.51 18.54 4.24
P PO4 F . 18.08 12.77 14.00
O1 PO4 F . 18.18 11.86 15.19
O2 PO4 F . 17.40 12.16 12.75
O3 PO4 F . 17.02 13.90 14.41
O4 PO4 F . 19.43 13.43 13.48
P PO4 G . 13.19 35.13 8.53
O1 PO4 G . 13.43 35.46 10.03
O2 PO4 G . 11.66 34.93 8.22
O3 PO4 G . 13.88 33.84 8.13
O4 PO4 G . 13.69 36.25 7.61
PA NAD H . 16.54 1.24 17.42
O1A NAD H . 15.09 1.60 17.47
O2A NAD H . 17.24 0.82 18.64
O5B NAD H . 16.72 0.19 16.24
C5B NAD H . 17.92 -0.41 15.90
C4B NAD H . 17.61 -1.86 15.59
O4B NAD H . 18.77 -2.53 15.07
C3B NAD H . 17.11 -2.68 16.79
O3B NAD H . 15.78 -3.13 16.71
C2B NAD H . 18.13 -3.83 16.90
O2B NAD H . 17.59 -5.05 17.38
C1B NAD H . 18.66 -3.88 15.47
N9A NAD H . 19.94 -4.54 15.33
C8A NAD H . 21.05 -4.33 16.11
N7A NAD H . 22.10 -5.06 15.74
C5A NAD H . 21.63 -5.79 14.64
C6A NAD H . 22.23 -6.73 13.79
N6A NAD H . 23.50 -7.18 13.97
N1A NAD H . 21.48 -7.23 12.78
C2A NAD H . 20.21 -6.85 12.67
N3A NAD H . 19.55 -5.98 13.41
C4A NAD H . 20.30 -5.47 14.39
O3 NAD H . 17.36 2.52 16.88
PN NAD H . 16.81 3.62 15.81
O1N NAD H . 16.16 4.73 16.53
O2N NAD H . 16.10 2.87 14.73
O5D NAD H . 18.20 4.21 15.33
C5D NAD H . 19.10 3.44 14.51
C4D NAD H . 20.27 4.29 14.10
O4D NAD H . 19.84 5.35 13.22
C3D NAD H . 20.99 4.98 15.28
O3D NAD H . 22.37 5.05 14.93
C2D NAD H . 20.34 6.38 15.28
O2D NAD H . 21.10 7.35 15.98
C1D NAD H . 20.24 6.60 13.78
N1N NAD H . 19.27 7.62 13.28
C2N NAD H . 19.50 8.07 12.02
C3N NAD H . 18.60 8.91 11.38
C7N NAD H . 18.88 9.55 10.07
O7N NAD H . 18.38 10.67 9.82
N7N NAD H . 19.74 8.98 9.23
C4N NAD H . 17.37 9.22 12.04
C5N NAD H . 17.17 8.75 13.36
C6N NAD H . 18.13 7.93 13.94
N9 ADE I . 18.45 14.56 10.97
C8 ADE I . 17.76 13.98 9.95
N7 ADE I . 17.45 14.83 9.00
C5 ADE I . 17.85 16.04 9.49
C6 ADE I . 17.76 17.36 8.97
N6 ADE I . 17.15 17.68 7.86
N1 ADE I . 18.33 18.34 9.68
C2 ADE I . 18.95 18.05 10.83
N3 ADE I . 19.06 16.87 11.45
C4 ADE I . 18.50 15.89 10.70
RB RB J . -10.58 -16.79 14.21
RB RB K . -27.36 -29.81 32.72
P PO4 L . -5.67 -32.55 19.47
O1 PO4 L . -5.04 -32.61 20.87
O2 PO4 L . -6.47 -33.80 19.16
O3 PO4 L . -6.57 -31.29 19.28
O4 PO4 L . -4.49 -32.41 18.42
P PO4 M . -8.35 -9.43 22.92
O1 PO4 M . -9.76 -10.12 23.20
O2 PO4 M . -7.20 -10.47 22.91
O3 PO4 M . -7.99 -8.29 23.82
O4 PO4 M . -8.35 -9.05 21.37
C1 PEG N . -27.38 -36.95 16.69
O1 PEG N . -27.97 -35.68 16.90
C2 PEG N . -25.99 -36.81 16.10
O2 PEG N . -25.89 -36.39 14.72
C3 PEG N . -25.38 -35.08 14.42
C4 PEG N . -25.53 -34.62 12.97
O4 PEG N . -26.25 -33.35 12.94
PA NAD O . -5.93 2.52 23.18
O1A NAD O . -6.01 3.21 24.47
O2A NAD O . -4.63 2.14 22.55
O5B NAD O . -6.66 3.35 22.06
C5B NAD O . -7.94 4.01 22.28
C4B NAD O . -7.88 5.34 21.57
O4B NAD O . -9.17 5.96 21.63
C3B NAD O . -6.90 6.31 22.26
O3B NAD O . -5.78 6.63 21.43
C2B NAD O . -7.77 7.51 22.63
O2B NAD O . -7.12 8.75 22.58
C1B NAD O . -8.93 7.38 21.64
N9A NAD O . -10.16 8.04 22.04
C8A NAD O . -10.77 8.06 23.28
N7A NAD O . -11.90 8.77 23.31
C5A NAD O . -12.00 9.25 22.01
C6A NAD O . -12.94 10.08 21.41
N6A NAD O . -13.98 10.56 22.06
N1A NAD O . -12.81 10.35 20.10
C2A NAD O . -11.75 9.85 19.44
N3A NAD O . -10.73 9.11 19.93
C4A NAD O . -10.94 8.82 21.22
O3 NAD O . -6.83 1.19 23.33
PN NAD O . -6.81 -0.08 22.35
O1N NAD O . -5.82 -1.10 22.80
O2N NAD O . -6.76 0.43 20.94
O5D NAD O . -8.26 -0.69 22.68
C5D NAD O . -9.49 0.00 22.27
C4D NAD O . -10.62 -0.90 22.66
O4D NAD O . -10.63 -2.11 21.84
C3D NAD O . -10.67 -1.37 24.09
O3D NAD O . -12.04 -1.44 24.48
C2D NAD O . -10.03 -2.77 23.99
O2D NAD O . -10.33 -3.58 25.12
C1D NAD O . -10.67 -3.25 22.70
N1N NAD O . -10.00 -4.38 21.99
C2N NAD O . -10.78 -5.04 21.08
C3N NAD O . -10.25 -6.02 20.26
C7N NAD O . -11.13 -6.80 19.36
O7N NAD O . -10.79 -8.00 19.07
N7N NAD O . -12.33 -6.31 18.97
C4N NAD O . -8.83 -6.23 20.29
C5N NAD O . -8.06 -5.55 21.26
C6N NAD O . -8.65 -4.63 22.07
N9 ADE P . -10.05 -11.65 20.74
C8 ADE P . -10.03 -11.28 19.43
N7 ADE P . -10.12 -12.27 18.59
C5 ADE P . -10.21 -13.38 19.42
C6 ADE P . -10.29 -14.78 19.16
N6 ADE P . -10.29 -15.30 17.92
N1 ADE P . -10.44 -15.61 20.21
C2 ADE P . -10.40 -15.11 21.45
N3 ADE P . -10.29 -13.82 21.83
C4 ADE P . -10.17 -13.01 20.76
RB RB Q . 16.94 9.17 -15.12
P PO4 R . 8.27 9.65 -22.87
O1 PO4 R . 8.11 9.49 -21.33
O2 PO4 R . 9.08 8.35 -23.16
O3 PO4 R . 6.94 9.63 -23.62
O4 PO4 R . 9.18 10.95 -23.09
P PO4 S . 30.55 2.24 -23.22
O1 PO4 S . 30.41 0.93 -22.34
O2 PO4 S . 31.99 2.76 -22.96
O3 PO4 S . 29.60 3.30 -22.72
O4 PO4 S . 30.32 1.78 -24.74
PA NAD T . -3.83 9.63 -21.65
O1A NAD T . -4.62 9.97 -22.83
O2A NAD T . -3.67 8.18 -21.28
O5B NAD T . -4.38 10.35 -20.34
C5B NAD T . -4.76 11.72 -20.30
C4B NAD T . -6.00 11.81 -19.43
O4B NAD T . -6.30 13.22 -19.24
C3B NAD T . -7.25 11.17 -20.11
O3B NAD T . -7.70 10.05 -19.36
C2B NAD T . -8.26 12.33 -20.16
O2B NAD T . -9.61 11.93 -19.99
C1B NAD T . -7.71 13.29 -19.11
N9A NAD T . -8.17 14.64 -19.27
C8A NAD T . -8.19 15.41 -20.41
N7A NAD T . -8.66 16.64 -20.19
C5A NAD T . -8.94 16.66 -18.83
C6A NAD T . -9.43 17.69 -17.99
N6A NAD T . -9.80 18.89 -18.48
N1A NAD T . -9.58 17.42 -16.68
C2A NAD T . -9.25 16.19 -16.22
N3A NAD T . -8.78 15.14 -16.93
C4A NAD T . -8.66 15.44 -18.25
O3 NAD T . -2.37 10.27 -21.86
PN NAD T . -1.02 9.89 -21.08
O1N NAD T . -0.32 8.77 -21.82
O2N NAD T . -1.35 9.69 -19.63
O5D NAD T . -0.17 11.20 -21.37
C5D NAD T . -0.52 12.45 -20.69
C4D NAD T . 0.53 13.48 -21.08
O4D NAD T . 1.79 13.12 -20.46
C3D NAD T . 0.79 13.60 -22.57
O3D NAD T . 1.11 14.94 -22.83
C2D NAD T . 2.05 12.75 -22.77
O2D NAD T . 2.81 12.99 -23.97
C1D NAD T . 2.80 13.08 -21.44
N1N NAD T . 3.84 12.10 -21.01
C2N NAD T . 4.76 12.60 -20.15
C3N NAD T . 5.68 11.79 -19.52
C7N NAD T . 6.77 12.35 -18.66
O7N NAD T . 7.86 11.74 -18.59
N7N NAD T . 6.61 13.50 -18.05
C4N NAD T . 5.63 10.38 -19.73
C5N NAD T . 4.72 9.87 -20.67
C6N NAD T . 3.81 10.75 -21.29
N9 ADE U . 11.04 10.57 -20.84
C8 ADE U . 10.84 10.46 -19.50
N7 ADE U . 11.94 10.21 -18.82
C5 ADE U . 12.92 10.22 -19.79
C6 ADE U . 14.33 10.03 -19.72
N6 ADE U . 14.98 9.71 -18.59
N1 ADE U . 15.04 10.17 -20.86
C2 ADE U . 14.39 10.37 -22.03
N3 ADE U . 13.06 10.52 -22.21
C4 ADE U . 12.37 10.42 -21.05
RB RB V . -21.66 -10.81 -3.22
C1 GOL W . -41.40 -26.65 -6.86
O1 GOL W . -40.05 -27.22 -7.00
C2 GOL W . -41.96 -27.17 -5.60
O2 GOL W . -40.92 -27.23 -4.53
C3 GOL W . -43.18 -26.21 -5.43
O3 GOL W . -44.02 -26.69 -4.47
P PO4 X . -37.76 -4.76 -4.63
O1 PO4 X . -38.90 -5.15 -3.65
O2 PO4 X . -36.64 -5.75 -4.58
O3 PO4 X . -37.21 -3.40 -4.16
O4 PO4 X . -38.36 -4.72 -6.03
P PO4 Y . -17.83 -12.94 -14.00
O1 PO4 Y . -16.92 -12.57 -12.77
O2 PO4 Y . -18.64 -14.20 -13.56
O3 PO4 Y . -18.70 -11.64 -14.13
O4 PO4 Y . -17.05 -13.05 -15.32
PA NAD Z . -6.68 -13.21 -18.81
O1A NAD Z . -6.52 -13.80 -20.13
O2A NAD Z . -6.71 -11.73 -18.63
O5B NAD Z . -5.54 -13.73 -17.83
C5B NAD Z . -5.16 -15.12 -17.75
C4B NAD Z . -3.67 -15.13 -17.58
O4B NAD Z . -3.18 -16.48 -17.31
C3B NAD Z . -2.91 -14.60 -18.83
O3B NAD Z . -2.19 -13.39 -18.64
C2B NAD Z . -2.03 -15.80 -19.21
O2B NAD Z . -0.76 -15.47 -19.79
C1B NAD Z . -1.90 -16.54 -17.87
N9A NAD Z . -1.51 -17.92 -18.00
C8A NAD Z . -2.03 -18.87 -18.85
N7A NAD Z . -1.47 -20.06 -18.71
C5A NAD Z . -0.57 -19.87 -17.67
C6A NAD Z . 0.33 -20.76 -17.04
N6A NAD Z . 0.47 -22.05 -17.43
N1A NAD Z . 1.08 -20.28 -16.02
C2A NAD Z . 0.98 -18.99 -15.68
N3A NAD Z . 0.19 -18.04 -16.24
C4A NAD Z . -0.59 -18.57 -17.23
O3 NAD Z . -8.04 -13.81 -18.19
PN NAD Z . -8.84 -13.24 -16.94
O1N NAD Z . -9.85 -12.25 -17.39
O2N NAD Z . -7.87 -12.84 -15.91
O5D NAD Z . -9.66 -14.52 -16.55
C5D NAD Z . -8.99 -15.68 -15.96
C4D NAD Z . -10.03 -16.74 -15.58
O4D NAD Z . -10.85 -16.22 -14.49
C3D NAD Z . -11.00 -17.11 -16.70
O3D NAD Z . -11.35 -18.49 -16.57
C2D NAD Z . -12.18 -16.16 -16.42
O2D NAD Z . -13.39 -16.64 -17.04
C1D NAD Z . -12.21 -16.29 -14.90
N1N NAD Z . -12.95 -15.22 -14.17
C2N NAD Z . -13.32 -15.53 -12.92
C3N NAD Z . -13.82 -14.58 -12.04
C7N NAD Z . -14.33 -14.98 -10.68
O7N NAD Z . -15.29 -14.34 -10.18
N7N NAD Z . -13.86 -16.01 -10.06
C4N NAD Z . -13.92 -13.24 -12.47
C5N NAD Z . -13.63 -12.95 -13.83
C6N NAD Z . -13.12 -13.94 -14.67
N9 ADE AA . -19.21 -13.39 -10.76
C8 ADE AA . -18.39 -13.06 -9.75
N7 ADE AA . -19.04 -12.68 -8.65
C5 ADE AA . -20.36 -12.81 -9.00
C6 ADE AA . -21.57 -12.51 -8.32
N6 ADE AA . -21.59 -11.99 -7.09
N1 ADE AA . -22.74 -12.79 -8.94
C2 ADE AA . -22.70 -13.22 -10.21
N3 ADE AA . -21.64 -13.51 -10.96
C4 ADE AA . -20.49 -13.25 -10.31
#